data_5MRG
#
_entry.id   5MRG
#
_entity_poly.entity_id   1
_entity_poly.type   'polypeptide(L)'
_entity_poly.pdbx_seq_one_letter_code
;MAGSHHHHHHGSMSEYIRVTEDENDEPIEIPSEDDGTVLLSTVTAQFPGACGLRYRNPVSQCMRGVRLVEGILHAPDAGW
GNLVYVVNYPKDNKRKMDETDASSAVKVKRAVQK
;
_entity_poly.pdbx_strand_id   A
#
# COMPACT_ATOMS: atom_id res chain seq x y z
N MET A 1 -13.13 -2.33 -9.88
CA MET A 1 -13.79 -2.61 -11.15
C MET A 1 -12.89 -2.18 -12.31
N ALA A 2 -12.23 -1.04 -12.15
CA ALA A 2 -11.34 -0.52 -13.19
C ALA A 2 -9.96 -0.20 -12.62
N GLY A 3 -8.92 -0.45 -13.42
CA GLY A 3 -7.56 -0.19 -12.97
C GLY A 3 -6.83 -1.46 -12.58
N SER A 4 -5.66 -1.67 -13.19
CA SER A 4 -4.87 -2.86 -12.90
C SER A 4 -3.38 -2.57 -13.14
N HIS A 5 -3.07 -1.97 -14.28
CA HIS A 5 -1.68 -1.65 -14.62
C HIS A 5 -0.84 -2.91 -14.70
N HIS A 6 0.46 -2.73 -14.90
CA HIS A 6 1.39 -3.86 -15.00
C HIS A 6 2.83 -3.37 -15.04
N HIS A 7 3.20 -2.56 -14.06
CA HIS A 7 4.56 -2.03 -13.98
C HIS A 7 4.91 -1.61 -12.55
N HIS A 8 5.56 -2.53 -11.83
CA HIS A 8 5.95 -2.26 -10.45
C HIS A 8 6.92 -3.33 -9.95
N HIS A 9 8.09 -3.40 -10.57
CA HIS A 9 9.11 -4.37 -10.18
C HIS A 9 10.28 -3.68 -9.51
N HIS A 10 11.01 -2.86 -10.26
CA HIS A 10 12.16 -2.15 -9.73
C HIS A 10 13.21 -3.13 -9.18
N GLY A 11 14.33 -2.59 -8.72
CA GLY A 11 15.39 -3.42 -8.18
C GLY A 11 15.12 -3.83 -6.75
N SER A 12 15.81 -4.86 -6.29
CA SER A 12 15.65 -5.35 -4.92
C SER A 12 14.20 -5.75 -4.66
N MET A 13 13.90 -6.13 -3.42
CA MET A 13 12.56 -6.53 -3.04
C MET A 13 12.50 -6.88 -1.56
N SER A 14 13.57 -7.49 -1.06
CA SER A 14 13.63 -7.89 0.35
C SER A 14 12.66 -9.03 0.64
N GLU A 15 11.37 -8.70 0.73
CA GLU A 15 10.35 -9.70 0.99
C GLU A 15 9.06 -9.38 0.22
N TYR A 16 8.00 -10.12 0.53
CA TYR A 16 6.72 -9.93 -0.14
C TYR A 16 5.59 -9.79 0.89
N ILE A 17 4.40 -9.47 0.41
CA ILE A 17 3.24 -9.32 1.27
C ILE A 17 2.18 -10.37 0.97
N ARG A 18 1.82 -11.14 1.99
CA ARG A 18 0.82 -12.20 1.84
C ARG A 18 -0.39 -11.91 2.71
N VAL A 19 -1.48 -11.48 2.08
CA VAL A 19 -2.72 -11.17 2.80
C VAL A 19 -3.94 -11.44 1.93
N THR A 20 -5.06 -11.75 2.58
CA THR A 20 -6.29 -12.05 1.86
C THR A 20 -7.40 -11.07 2.26
N GLU A 21 -8.28 -10.76 1.33
CA GLU A 21 -9.39 -9.84 1.59
C GLU A 21 -10.48 -10.53 2.40
N ASP A 22 -10.90 -11.71 1.94
CA ASP A 22 -11.93 -12.46 2.63
C ASP A 22 -11.33 -13.53 3.54
N GLU A 23 -11.98 -13.79 4.67
CA GLU A 23 -11.50 -14.78 5.62
C GLU A 23 -11.53 -16.18 4.99
N ASN A 24 -12.53 -16.43 4.15
CA ASN A 24 -12.66 -17.72 3.50
C ASN A 24 -11.69 -17.85 2.32
N ASP A 25 -11.35 -16.71 1.73
CA ASP A 25 -10.42 -16.69 0.60
C ASP A 25 -9.01 -17.04 1.04
N GLU A 26 -8.19 -17.48 0.09
CA GLU A 26 -6.81 -17.86 0.39
C GLU A 26 -5.90 -16.63 0.39
N PRO A 27 -4.81 -16.70 1.16
CA PRO A 27 -3.84 -15.61 1.26
C PRO A 27 -3.05 -15.40 -0.02
N ILE A 28 -3.39 -14.37 -0.77
CA ILE A 28 -2.71 -14.07 -2.02
C ILE A 28 -1.34 -13.44 -1.76
N GLU A 29 -0.34 -13.91 -2.48
CA GLU A 29 1.02 -13.40 -2.33
C GLU A 29 1.35 -12.43 -3.45
N ILE A 30 1.76 -11.22 -3.09
CA ILE A 30 2.11 -10.19 -4.06
C ILE A 30 3.50 -9.62 -3.79
N PRO A 31 4.18 -9.18 -4.85
CA PRO A 31 5.52 -8.59 -4.74
C PRO A 31 5.51 -7.23 -4.07
N SER A 32 6.44 -7.02 -3.14
CA SER A 32 6.53 -5.76 -2.42
C SER A 32 7.79 -5.00 -2.81
N GLU A 33 8.02 -3.86 -2.15
CA GLU A 33 9.19 -3.04 -2.43
C GLU A 33 10.39 -3.51 -1.60
N ASP A 34 11.56 -2.99 -1.95
CA ASP A 34 12.79 -3.35 -1.24
C ASP A 34 12.75 -2.85 0.20
N ASP A 35 12.24 -1.64 0.38
CA ASP A 35 12.15 -1.05 1.72
C ASP A 35 11.21 -1.85 2.61
N GLY A 36 10.36 -2.66 1.99
CA GLY A 36 9.43 -3.47 2.75
C GLY A 36 7.98 -3.13 2.44
N THR A 37 7.73 -1.86 2.11
CA THR A 37 6.39 -1.41 1.79
C THR A 37 5.86 -2.07 0.52
N VAL A 38 4.70 -1.60 0.05
CA VAL A 38 4.10 -2.15 -1.15
C VAL A 38 3.52 -1.04 -2.02
N LEU A 39 3.78 -1.11 -3.33
CA LEU A 39 3.28 -0.12 -4.27
C LEU A 39 1.77 -0.22 -4.42
N LEU A 40 1.09 0.91 -4.33
CA LEU A 40 -0.37 0.95 -4.47
C LEU A 40 -0.82 0.20 -5.72
N SER A 41 -0.02 0.30 -6.78
CA SER A 41 -0.34 -0.37 -8.03
C SER A 41 -0.57 -1.86 -7.81
N THR A 42 0.18 -2.45 -6.90
CA THR A 42 0.05 -3.86 -6.59
C THR A 42 -1.24 -4.15 -5.83
N VAL A 43 -1.54 -3.32 -4.83
CA VAL A 43 -2.75 -3.48 -4.03
C VAL A 43 -3.98 -3.57 -4.92
N THR A 44 -3.97 -2.82 -6.02
CA THR A 44 -5.09 -2.82 -6.95
C THR A 44 -5.11 -4.09 -7.79
N ALA A 45 -3.95 -4.70 -7.97
CA ALA A 45 -3.84 -5.92 -8.75
C ALA A 45 -4.91 -6.94 -8.32
N GLN A 46 -5.02 -7.15 -7.02
CA GLN A 46 -5.99 -8.10 -6.47
C GLN A 46 -7.13 -7.36 -5.78
N PHE A 47 -6.82 -6.23 -5.17
CA PHE A 47 -7.81 -5.44 -4.46
C PHE A 47 -8.05 -4.10 -5.18
N PRO A 48 -8.79 -4.16 -6.30
CA PRO A 48 -9.11 -2.98 -7.10
C PRO A 48 -10.08 -2.05 -6.38
N GLY A 49 -9.72 -0.77 -6.28
CA GLY A 49 -10.56 0.20 -5.63
C GLY A 49 -10.23 0.37 -4.15
N ALA A 50 -9.70 -0.70 -3.55
CA ALA A 50 -9.35 -0.66 -2.14
C ALA A 50 -8.50 0.56 -1.81
N CYS A 51 -8.92 1.31 -0.82
CA CYS A 51 -8.20 2.52 -0.41
C CYS A 51 -7.27 2.22 0.76
N GLY A 52 -7.74 1.40 1.69
CA GLY A 52 -6.94 1.04 2.85
C GLY A 52 -7.14 -0.40 3.28
N LEU A 53 -6.08 -0.99 3.85
CA LEU A 53 -6.15 -2.37 4.30
C LEU A 53 -6.01 -2.45 5.83
N ARG A 54 -6.75 -3.38 6.43
CA ARG A 54 -6.71 -3.56 7.88
C ARG A 54 -5.93 -4.82 8.24
N TYR A 55 -5.60 -4.96 9.53
CA TYR A 55 -4.87 -6.12 10.00
C TYR A 55 -5.77 -7.07 10.77
N ARG A 56 -5.75 -8.34 10.39
CA ARG A 56 -6.58 -9.35 11.05
C ARG A 56 -5.74 -10.56 11.46
N ASN A 57 -5.32 -10.58 12.72
CA ASN A 57 -4.52 -11.68 13.24
C ASN A 57 -5.30 -12.51 14.23
N PRO A 58 -5.59 -13.77 13.87
CA PRO A 58 -6.33 -14.69 14.72
C PRO A 58 -5.54 -15.13 15.95
N VAL A 59 -4.22 -15.23 15.79
CA VAL A 59 -3.35 -15.63 16.89
C VAL A 59 -2.93 -14.43 17.72
N SER A 60 -2.85 -13.27 17.09
CA SER A 60 -2.46 -12.04 17.78
C SER A 60 -3.66 -11.40 18.46
N GLN A 61 -4.85 -11.58 17.88
CA GLN A 61 -6.07 -11.02 18.44
C GLN A 61 -5.88 -9.55 18.78
N CYS A 62 -5.09 -8.86 17.97
CA CYS A 62 -4.82 -7.44 18.20
C CYS A 62 -5.68 -6.57 17.27
N MET A 63 -5.38 -5.28 17.23
CA MET A 63 -6.12 -4.35 16.39
C MET A 63 -5.17 -3.55 15.50
N ARG A 64 -4.13 -4.21 15.02
CA ARG A 64 -3.15 -3.56 14.15
C ARG A 64 -3.81 -3.01 12.90
N GLY A 65 -3.00 -2.50 11.97
CA GLY A 65 -3.53 -1.95 10.74
C GLY A 65 -2.43 -1.52 9.79
N VAL A 66 -2.56 -1.94 8.53
CA VAL A 66 -1.57 -1.59 7.51
C VAL A 66 -1.54 -0.09 7.26
N ARG A 67 -0.35 0.50 7.39
CA ARG A 67 -0.19 1.93 7.18
C ARG A 67 -0.15 2.26 5.69
N LEU A 68 -0.76 3.38 5.32
CA LEU A 68 -0.79 3.80 3.92
C LEU A 68 -0.33 5.26 3.78
N VAL A 69 0.72 5.46 3.01
CA VAL A 69 1.27 6.80 2.80
C VAL A 69 1.67 7.00 1.34
N GLU A 70 1.07 7.99 0.69
CA GLU A 70 1.36 8.28 -0.71
C GLU A 70 1.01 7.10 -1.60
N GLY A 71 0.03 6.31 -1.16
CA GLY A 71 -0.40 5.15 -1.93
C GLY A 71 0.39 3.91 -1.59
N ILE A 72 1.61 4.09 -1.12
CA ILE A 72 2.47 2.97 -0.75
C ILE A 72 2.10 2.42 0.62
N LEU A 73 1.65 1.16 0.64
CA LEU A 73 1.26 0.51 1.89
C LEU A 73 2.48 0.11 2.70
N HIS A 74 2.71 0.81 3.80
CA HIS A 74 3.85 0.53 4.68
C HIS A 74 3.55 -0.66 5.57
N ALA A 75 4.61 -1.41 5.92
CA ALA A 75 4.46 -2.58 6.78
C ALA A 75 4.81 -2.24 8.22
N PRO A 76 4.26 -3.03 9.16
CA PRO A 76 4.50 -2.83 10.60
C PRO A 76 5.92 -3.18 10.99
N ASP A 77 6.20 -3.15 12.30
CA ASP A 77 7.52 -3.46 12.82
C ASP A 77 7.75 -4.98 12.85
N ALA A 78 6.71 -5.73 12.48
CA ALA A 78 6.80 -7.18 12.47
C ALA A 78 6.82 -7.72 11.04
N GLY A 79 6.26 -6.95 10.12
CA GLY A 79 6.22 -7.38 8.73
C GLY A 79 4.82 -7.69 8.26
N TRP A 80 4.69 -8.00 6.96
CA TRP A 80 3.39 -8.32 6.38
C TRP A 80 2.81 -9.58 7.02
N GLY A 81 3.54 -10.68 6.92
CA GLY A 81 3.08 -11.93 7.50
C GLY A 81 2.15 -12.69 6.57
N ASN A 82 1.41 -13.64 7.12
CA ASN A 82 0.48 -14.44 6.33
C ASN A 82 -0.92 -14.42 6.95
N LEU A 83 -1.27 -13.30 7.56
CA LEU A 83 -2.58 -13.15 8.20
C LEU A 83 -3.60 -12.59 7.21
N VAL A 84 -4.82 -12.34 7.70
CA VAL A 84 -5.88 -11.80 6.87
C VAL A 84 -5.94 -10.28 6.97
N TYR A 85 -6.58 -9.65 5.99
CA TYR A 85 -6.70 -8.20 5.97
C TYR A 85 -8.13 -7.78 5.62
N VAL A 86 -8.57 -6.66 6.19
CA VAL A 86 -9.91 -6.15 5.93
C VAL A 86 -9.86 -4.85 5.14
N VAL A 87 -10.46 -4.88 3.95
CA VAL A 87 -10.49 -3.70 3.08
C VAL A 87 -11.15 -2.52 3.79
N ASN A 88 -10.90 -1.33 3.27
CA ASN A 88 -11.47 -0.10 3.85
C ASN A 88 -11.79 0.92 2.76
N TYR A 89 -12.99 0.82 2.20
CA TYR A 89 -13.42 1.73 1.15
C TYR A 89 -14.87 1.49 0.78
N PRO A 90 -15.54 2.54 0.27
CA PRO A 90 -16.95 2.46 -0.15
C PRO A 90 -17.13 1.61 -1.40
N LYS A 91 -16.29 1.84 -2.40
CA LYS A 91 -16.36 1.11 -3.65
C LYS A 91 -15.25 1.53 -4.61
N ASP A 92 -14.95 2.82 -4.61
CA ASP A 92 -13.91 3.36 -5.48
C ASP A 92 -13.62 4.83 -5.14
N ASN A 93 -12.59 5.39 -5.77
CA ASN A 93 -12.21 6.77 -5.53
C ASN A 93 -11.47 7.34 -6.73
N LYS A 94 -10.38 6.69 -7.11
CA LYS A 94 -9.59 7.13 -8.25
C LYS A 94 -8.86 8.45 -7.94
N ARG A 95 -9.61 9.55 -7.94
CA ARG A 95 -9.04 10.85 -7.65
C ARG A 95 -7.67 11.00 -8.28
N LYS A 96 -7.54 10.53 -9.52
CA LYS A 96 -6.28 10.61 -10.24
C LYS A 96 -6.50 10.62 -11.74
N MET A 97 -6.10 11.71 -12.39
CA MET A 97 -6.25 11.85 -13.83
C MET A 97 -5.21 12.80 -14.40
N ASP A 98 -3.94 12.46 -14.22
CA ASP A 98 -2.85 13.29 -14.72
C ASP A 98 -1.53 12.52 -14.70
N GLU A 99 -0.98 12.28 -15.89
CA GLU A 99 0.28 11.55 -16.00
C GLU A 99 1.20 12.22 -17.03
N THR A 100 2.14 13.02 -16.55
CA THR A 100 3.07 13.71 -17.42
C THR A 100 4.45 13.81 -16.78
N ASP A 101 5.47 13.99 -17.61
CA ASP A 101 6.84 14.09 -17.12
C ASP A 101 7.36 15.52 -17.25
N ALA A 102 7.94 16.04 -16.18
CA ALA A 102 8.47 17.40 -16.18
C ALA A 102 9.22 17.69 -14.88
N SER A 103 10.17 18.61 -14.95
CA SER A 103 10.96 18.99 -13.77
C SER A 103 10.98 20.50 -13.59
N SER A 104 10.62 20.95 -12.40
CA SER A 104 10.58 22.37 -12.09
C SER A 104 11.29 22.66 -10.77
N ALA A 105 12.40 21.98 -10.53
CA ALA A 105 13.17 22.16 -9.30
C ALA A 105 13.89 23.50 -9.30
N VAL A 106 13.96 24.13 -8.13
CA VAL A 106 14.63 25.41 -8.00
C VAL A 106 14.96 25.71 -6.54
N LYS A 107 16.07 26.42 -6.32
CA LYS A 107 16.49 26.77 -4.98
C LYS A 107 15.61 27.88 -4.39
N VAL A 108 15.70 28.07 -3.08
CA VAL A 108 14.92 29.10 -2.40
C VAL A 108 15.77 29.87 -1.41
N LYS A 109 15.46 31.15 -1.25
CA LYS A 109 16.20 32.01 -0.33
C LYS A 109 15.90 31.64 1.12
N ARG A 110 16.70 32.17 2.04
CA ARG A 110 16.51 31.90 3.46
C ARG A 110 15.30 32.64 4.00
N ALA A 111 14.30 31.90 4.47
CA ALA A 111 13.09 32.49 5.02
C ALA A 111 13.13 32.50 6.54
N VAL A 112 13.45 33.66 7.11
CA VAL A 112 13.52 33.80 8.57
C VAL A 112 12.60 34.91 9.04
N GLN A 113 11.97 34.69 10.19
CA GLN A 113 11.05 35.67 10.77
C GLN A 113 10.84 35.42 12.26
N LYS A 114 9.89 36.14 12.84
CA LYS A 114 9.59 35.98 14.26
C LYS A 114 8.37 35.09 14.47
N MET A 1 8.79 4.50 -37.15
CA MET A 1 10.04 5.02 -36.59
C MET A 1 10.01 4.94 -35.07
N ALA A 2 11.15 4.59 -34.48
CA ALA A 2 11.27 4.48 -33.04
C ALA A 2 12.73 4.45 -32.60
N GLY A 3 13.10 5.37 -31.72
CA GLY A 3 14.47 5.43 -31.23
C GLY A 3 14.63 4.82 -29.86
N SER A 4 15.75 4.14 -29.64
CA SER A 4 16.02 3.50 -28.36
C SER A 4 16.09 4.53 -27.23
N HIS A 5 15.03 4.62 -26.44
CA HIS A 5 14.98 5.57 -25.33
C HIS A 5 14.08 5.05 -24.22
N HIS A 6 14.63 4.17 -23.38
CA HIS A 6 13.88 3.59 -22.27
C HIS A 6 14.57 3.87 -20.94
N HIS A 7 13.88 4.56 -20.05
CA HIS A 7 14.44 4.89 -18.74
C HIS A 7 14.30 3.71 -17.78
N HIS A 8 15.38 3.41 -17.06
CA HIS A 8 15.38 2.30 -16.11
C HIS A 8 16.22 2.65 -14.88
N HIS A 9 15.98 1.93 -13.79
CA HIS A 9 16.72 2.15 -12.55
C HIS A 9 17.46 0.90 -12.12
N HIS A 10 18.27 1.02 -11.07
CA HIS A 10 19.04 -0.11 -10.56
C HIS A 10 18.48 -0.58 -9.22
N GLY A 11 18.17 -1.88 -9.14
CA GLY A 11 17.63 -2.43 -7.91
C GLY A 11 16.13 -2.26 -7.81
N SER A 12 15.59 -2.50 -6.61
CA SER A 12 14.16 -2.37 -6.38
C SER A 12 13.88 -1.78 -5.01
N MET A 13 13.42 -0.53 -5.00
CA MET A 13 13.11 0.16 -3.75
C MET A 13 11.69 -0.15 -3.29
N SER A 14 10.75 -0.05 -4.22
CA SER A 14 9.34 -0.31 -3.92
C SER A 14 9.15 -1.75 -3.43
N GLU A 15 8.19 -1.93 -2.52
CA GLU A 15 7.91 -3.25 -1.97
C GLU A 15 6.54 -3.75 -2.41
N TYR A 16 6.08 -4.83 -1.80
CA TYR A 16 4.78 -5.41 -2.13
C TYR A 16 3.97 -5.69 -0.87
N ILE A 17 2.77 -6.23 -1.04
CA ILE A 17 1.90 -6.54 0.07
C ILE A 17 1.56 -8.03 0.11
N ARG A 18 1.82 -8.67 1.24
CA ARG A 18 1.53 -10.08 1.41
C ARG A 18 0.46 -10.30 2.47
N VAL A 19 -0.75 -10.64 2.02
CA VAL A 19 -1.86 -10.88 2.94
C VAL A 19 -2.83 -11.91 2.36
N THR A 20 -3.51 -12.63 3.24
CA THR A 20 -4.47 -13.65 2.82
C THR A 20 -5.86 -13.37 3.39
N GLU A 21 -6.89 -13.69 2.61
CA GLU A 21 -8.26 -13.47 3.04
C GLU A 21 -8.66 -14.46 4.13
N ASP A 22 -8.36 -15.74 3.89
CA ASP A 22 -8.69 -16.78 4.85
C ASP A 22 -7.45 -17.24 5.61
N GLU A 23 -7.62 -17.58 6.87
CA GLU A 23 -6.51 -18.03 7.72
C GLU A 23 -5.93 -19.33 7.19
N ASN A 24 -6.78 -20.18 6.62
CA ASN A 24 -6.35 -21.46 6.07
C ASN A 24 -5.60 -21.26 4.76
N ASP A 25 -5.94 -20.19 4.05
CA ASP A 25 -5.30 -19.89 2.78
C ASP A 25 -3.92 -19.26 2.99
N GLU A 26 -3.00 -19.58 2.10
CA GLU A 26 -1.64 -19.05 2.19
C GLU A 26 -1.62 -17.54 1.90
N PRO A 27 -0.62 -16.85 2.45
CA PRO A 27 -0.45 -15.40 2.26
C PRO A 27 -0.05 -15.05 0.83
N ILE A 28 -1.02 -14.57 0.06
CA ILE A 28 -0.76 -14.19 -1.32
C ILE A 28 -0.06 -12.83 -1.41
N GLU A 29 0.87 -12.71 -2.35
CA GLU A 29 1.61 -11.46 -2.53
C GLU A 29 1.12 -10.71 -3.76
N ILE A 30 0.93 -9.40 -3.61
CA ILE A 30 0.46 -8.57 -4.72
C ILE A 30 1.38 -7.37 -4.92
N PRO A 31 1.50 -6.92 -6.18
CA PRO A 31 2.33 -5.77 -6.55
C PRO A 31 1.77 -4.45 -6.02
N SER A 32 2.50 -3.84 -5.10
CA SER A 32 2.07 -2.57 -4.52
C SER A 32 2.68 -1.39 -5.27
N GLU A 33 2.43 -0.18 -4.78
CA GLU A 33 2.95 1.03 -5.42
C GLU A 33 4.33 1.39 -4.85
N ASP A 34 4.95 2.40 -5.43
CA ASP A 34 6.27 2.84 -4.98
C ASP A 34 6.17 3.60 -3.66
N ASP A 35 5.10 4.36 -3.51
CA ASP A 35 4.88 5.14 -2.29
C ASP A 35 4.73 4.22 -1.08
N GLY A 36 4.39 2.97 -1.34
CA GLY A 36 4.22 2.01 -0.26
C GLY A 36 2.80 1.48 -0.18
N THR A 37 1.83 2.31 -0.57
CA THR A 37 0.43 1.92 -0.54
C THR A 37 0.12 0.88 -1.61
N VAL A 38 -1.16 0.59 -1.79
CA VAL A 38 -1.58 -0.39 -2.79
C VAL A 38 -2.81 0.11 -3.56
N LEU A 39 -2.76 -0.02 -4.88
CA LEU A 39 -3.87 0.42 -5.73
C LEU A 39 -5.09 -0.47 -5.53
N LEU A 40 -6.25 0.15 -5.38
CA LEU A 40 -7.50 -0.58 -5.19
C LEU A 40 -7.67 -1.67 -6.24
N SER A 41 -7.27 -1.36 -7.48
CA SER A 41 -7.37 -2.30 -8.57
C SER A 41 -6.66 -3.61 -8.23
N THR A 42 -5.54 -3.49 -7.51
CA THR A 42 -4.77 -4.66 -7.12
C THR A 42 -5.50 -5.48 -6.05
N VAL A 43 -6.17 -4.77 -5.14
CA VAL A 43 -6.90 -5.43 -4.08
C VAL A 43 -8.05 -6.27 -4.63
N THR A 44 -8.68 -5.77 -5.68
CA THR A 44 -9.80 -6.48 -6.31
C THR A 44 -9.31 -7.68 -7.11
N ALA A 45 -8.09 -7.57 -7.63
CA ALA A 45 -7.50 -8.65 -8.41
C ALA A 45 -7.64 -10.00 -7.70
N GLN A 46 -7.29 -10.02 -6.42
CA GLN A 46 -7.37 -11.24 -5.63
C GLN A 46 -8.58 -11.20 -4.69
N PHE A 47 -8.89 -10.00 -4.21
CA PHE A 47 -10.02 -9.83 -3.29
C PHE A 47 -11.09 -8.93 -3.92
N PRO A 48 -11.86 -9.49 -4.86
CA PRO A 48 -12.92 -8.77 -5.54
C PRO A 48 -14.10 -8.45 -4.63
N GLY A 49 -14.52 -7.18 -4.62
CA GLY A 49 -15.63 -6.78 -3.78
C GLY A 49 -15.18 -6.27 -2.42
N ALA A 50 -14.04 -6.76 -1.96
CA ALA A 50 -13.49 -6.35 -0.67
C ALA A 50 -13.41 -4.84 -0.56
N CYS A 51 -14.30 -4.26 0.24
CA CYS A 51 -14.33 -2.81 0.43
C CYS A 51 -13.17 -2.35 1.32
N GLY A 52 -12.79 -3.20 2.27
CA GLY A 52 -11.71 -2.87 3.17
C GLY A 52 -11.03 -4.10 3.75
N LEU A 53 -9.76 -3.95 4.10
CA LEU A 53 -9.00 -5.06 4.66
C LEU A 53 -8.60 -4.78 6.11
N ARG A 54 -8.60 -5.82 6.93
CA ARG A 54 -8.24 -5.68 8.33
C ARG A 54 -6.84 -6.26 8.60
N TYR A 55 -6.29 -5.92 9.76
CA TYR A 55 -4.96 -6.40 10.13
C TYR A 55 -5.06 -7.54 11.15
N ARG A 56 -4.41 -8.65 10.85
CA ARG A 56 -4.42 -9.80 11.74
C ARG A 56 -3.00 -10.31 12.00
N ASN A 57 -2.42 -9.88 13.12
CA ASN A 57 -1.07 -10.28 13.48
C ASN A 57 -1.08 -11.12 14.76
N PRO A 58 -0.22 -12.14 14.81
CA PRO A 58 -0.11 -13.02 15.97
C PRO A 58 0.52 -12.33 17.17
N VAL A 59 1.63 -11.65 16.94
CA VAL A 59 2.33 -10.93 18.01
C VAL A 59 1.52 -9.72 18.48
N SER A 60 0.79 -9.12 17.56
CA SER A 60 -0.03 -7.95 17.88
C SER A 60 -1.36 -8.38 18.49
N GLN A 61 -1.83 -9.56 18.11
CA GLN A 61 -3.10 -10.08 18.61
C GLN A 61 -4.27 -9.21 18.15
N CYS A 62 -4.20 -8.75 16.91
CA CYS A 62 -5.26 -7.91 16.35
C CYS A 62 -5.31 -6.56 17.07
N MET A 63 -5.21 -5.49 16.28
CA MET A 63 -5.25 -4.13 16.85
C MET A 63 -5.14 -3.09 15.74
N ARG A 64 -4.36 -3.40 14.72
CA ARG A 64 -4.17 -2.47 13.60
C ARG A 64 -5.23 -2.71 12.53
N GLY A 65 -5.09 -2.00 11.41
CA GLY A 65 -6.04 -2.13 10.32
C GLY A 65 -5.60 -1.39 9.07
N VAL A 66 -5.46 -2.11 7.97
CA VAL A 66 -5.05 -1.52 6.71
C VAL A 66 -5.89 -0.30 6.37
N ARG A 67 -5.26 0.87 6.36
CA ARG A 67 -5.98 2.11 6.06
C ARG A 67 -6.35 2.17 4.58
N LEU A 68 -7.54 2.69 4.31
CA LEU A 68 -8.03 2.80 2.93
C LEU A 68 -8.49 4.22 2.64
N VAL A 69 -7.85 4.85 1.65
CA VAL A 69 -8.20 6.21 1.26
C VAL A 69 -8.21 6.37 -0.26
N GLU A 70 -9.37 6.75 -0.81
CA GLU A 70 -9.50 6.93 -2.25
C GLU A 70 -9.27 5.61 -2.99
N GLY A 71 -9.56 4.50 -2.31
CA GLY A 71 -9.38 3.20 -2.91
C GLY A 71 -7.98 2.64 -2.70
N ILE A 72 -7.01 3.53 -2.51
CA ILE A 72 -5.64 3.12 -2.28
C ILE A 72 -5.43 2.66 -0.84
N LEU A 73 -5.07 1.39 -0.68
CA LEU A 73 -4.84 0.83 0.64
C LEU A 73 -3.48 1.27 1.20
N HIS A 74 -3.52 2.19 2.15
CA HIS A 74 -2.30 2.70 2.76
C HIS A 74 -1.74 1.71 3.77
N ALA A 75 -0.42 1.72 3.94
CA ALA A 75 0.24 0.81 4.88
C ALA A 75 0.63 1.55 6.15
N PRO A 76 0.80 0.79 7.25
CA PRO A 76 1.18 1.35 8.55
C PRO A 76 2.62 1.84 8.56
N ASP A 77 3.09 2.23 9.74
CA ASP A 77 4.47 2.71 9.89
C ASP A 77 5.45 1.55 9.93
N ALA A 78 4.93 0.34 9.84
CA ALA A 78 5.78 -0.85 9.87
C ALA A 78 5.86 -1.49 8.48
N GLY A 79 4.78 -1.36 7.71
CA GLY A 79 4.76 -1.94 6.37
C GLY A 79 3.58 -2.87 6.17
N TRP A 80 3.64 -3.67 5.11
CA TRP A 80 2.58 -4.61 4.80
C TRP A 80 2.74 -5.91 5.59
N GLY A 81 3.88 -6.57 5.40
CA GLY A 81 4.14 -7.82 6.10
C GLY A 81 3.59 -9.02 5.37
N ASN A 82 3.62 -10.18 6.02
CA ASN A 82 3.12 -11.41 5.43
C ASN A 82 2.12 -12.09 6.35
N LEU A 83 1.38 -11.30 7.11
CA LEU A 83 0.39 -11.83 8.04
C LEU A 83 -0.95 -12.03 7.34
N VAL A 84 -2.00 -12.29 8.13
CA VAL A 84 -3.33 -12.50 7.58
C VAL A 84 -4.16 -11.23 7.65
N TYR A 85 -5.18 -11.15 6.80
CA TYR A 85 -6.06 -9.98 6.76
C TYR A 85 -7.52 -10.41 6.74
N VAL A 86 -8.37 -9.60 7.36
CA VAL A 86 -9.81 -9.88 7.40
C VAL A 86 -10.59 -8.91 6.52
N VAL A 87 -11.25 -9.47 5.51
CA VAL A 87 -12.05 -8.65 4.58
C VAL A 87 -13.11 -7.85 5.34
N ASN A 88 -13.64 -6.83 4.67
CA ASN A 88 -14.67 -5.98 5.27
C ASN A 88 -15.67 -5.51 4.22
N TYR A 89 -16.92 -5.90 4.38
CA TYR A 89 -17.97 -5.52 3.45
C TYR A 89 -19.03 -4.67 4.14
N PRO A 90 -18.65 -3.43 4.49
CA PRO A 90 -19.55 -2.48 5.16
C PRO A 90 -20.65 -1.99 4.24
N LYS A 91 -20.27 -1.56 3.04
CA LYS A 91 -21.23 -1.07 2.06
C LYS A 91 -20.58 -0.90 0.69
N ASP A 92 -21.14 -1.55 -0.32
CA ASP A 92 -20.62 -1.48 -1.68
C ASP A 92 -20.51 -0.02 -2.13
N ASN A 93 -19.43 0.28 -2.84
CA ASN A 93 -19.20 1.64 -3.34
C ASN A 93 -18.76 1.62 -4.80
N LYS A 94 -18.33 2.77 -5.30
CA LYS A 94 -17.86 2.89 -6.68
C LYS A 94 -16.39 3.25 -6.73
N ARG A 95 -15.87 3.44 -7.95
CA ARG A 95 -14.48 3.79 -8.13
C ARG A 95 -14.34 5.21 -8.68
N LYS A 96 -13.28 5.91 -8.26
CA LYS A 96 -13.03 7.27 -8.71
C LYS A 96 -11.59 7.44 -9.18
N MET A 97 -11.21 8.68 -9.48
CA MET A 97 -9.86 8.97 -9.94
C MET A 97 -9.22 10.05 -9.07
N ASP A 98 -8.04 10.50 -9.48
CA ASP A 98 -7.32 11.54 -8.75
C ASP A 98 -6.17 12.10 -9.58
N GLU A 99 -5.43 13.04 -8.99
CA GLU A 99 -4.31 13.66 -9.69
C GLU A 99 -3.55 14.61 -8.76
N THR A 100 -2.30 14.90 -9.10
CA THR A 100 -1.47 15.78 -8.31
C THR A 100 -0.45 16.51 -9.16
N ASP A 101 0.20 17.51 -8.59
CA ASP A 101 1.20 18.30 -9.30
C ASP A 101 2.25 18.86 -8.35
N ALA A 102 3.21 19.59 -8.90
CA ALA A 102 4.27 20.18 -8.08
C ALA A 102 5.12 19.09 -7.42
N SER A 103 6.20 19.52 -6.77
CA SER A 103 7.09 18.58 -6.09
C SER A 103 7.45 19.09 -4.70
N SER A 104 8.29 20.12 -4.64
CA SER A 104 8.71 20.69 -3.37
C SER A 104 9.66 21.87 -3.60
N ALA A 105 10.12 22.47 -2.51
CA ALA A 105 11.03 23.60 -2.58
C ALA A 105 11.71 23.86 -1.24
N VAL A 106 12.99 24.20 -1.29
CA VAL A 106 13.76 24.46 -0.09
C VAL A 106 14.65 25.70 -0.25
N LYS A 107 14.55 26.62 0.70
CA LYS A 107 15.34 27.84 0.66
C LYS A 107 16.10 28.04 1.96
N VAL A 108 15.46 27.73 3.07
CA VAL A 108 16.08 27.87 4.38
C VAL A 108 17.43 27.15 4.43
N LYS A 109 18.40 27.79 5.07
CA LYS A 109 19.74 27.22 5.19
C LYS A 109 20.19 27.21 6.65
N ARG A 110 21.43 26.77 6.87
CA ARG A 110 21.98 26.72 8.21
C ARG A 110 23.00 27.83 8.44
N ALA A 111 23.13 28.28 9.68
CA ALA A 111 24.06 29.34 10.02
C ALA A 111 24.63 29.16 11.42
N VAL A 112 25.49 30.07 11.84
CA VAL A 112 26.10 30.01 13.16
C VAL A 112 26.94 28.75 13.32
N GLN A 113 28.25 28.88 13.10
CA GLN A 113 29.16 27.75 13.22
C GLN A 113 29.95 27.82 14.51
N LYS A 114 30.80 28.84 14.64
CA LYS A 114 31.61 29.02 15.83
C LYS A 114 31.84 30.50 16.12
N MET A 1 20.00 14.88 -22.66
CA MET A 1 21.18 14.50 -21.90
C MET A 1 20.79 13.83 -20.58
N ALA A 2 21.79 13.53 -19.76
CA ALA A 2 21.55 12.89 -18.47
C ALA A 2 21.31 13.93 -17.37
N GLY A 3 20.40 13.61 -16.46
CA GLY A 3 20.09 14.53 -15.37
C GLY A 3 19.38 13.85 -14.22
N SER A 4 20.15 13.22 -13.35
CA SER A 4 19.59 12.51 -12.20
C SER A 4 18.63 11.42 -12.65
N HIS A 5 19.15 10.20 -12.78
CA HIS A 5 18.34 9.06 -13.20
C HIS A 5 18.82 7.77 -12.53
N HIS A 6 18.19 7.41 -11.42
CA HIS A 6 18.56 6.21 -10.69
C HIS A 6 17.44 5.17 -10.77
N HIS A 7 17.82 3.90 -10.66
CA HIS A 7 16.85 2.80 -10.72
C HIS A 7 17.26 1.67 -9.78
N HIS A 8 18.47 1.16 -9.97
CA HIS A 8 18.98 0.07 -9.15
C HIS A 8 19.07 0.49 -7.69
N HIS A 9 19.07 -0.49 -6.79
CA HIS A 9 19.16 -0.23 -5.36
C HIS A 9 17.95 0.58 -4.89
N HIS A 10 17.79 0.68 -3.57
CA HIS A 10 16.67 1.40 -2.99
C HIS A 10 17.15 2.40 -1.94
N GLY A 11 16.21 3.06 -1.28
CA GLY A 11 16.57 4.03 -0.25
C GLY A 11 15.45 4.25 0.75
N SER A 12 15.65 5.20 1.67
CA SER A 12 14.66 5.50 2.69
C SER A 12 14.31 4.25 3.49
N MET A 13 13.33 4.37 4.37
CA MET A 13 12.90 3.25 5.20
C MET A 13 11.41 2.97 5.01
N SER A 14 11.10 1.85 4.37
CA SER A 14 9.71 1.47 4.11
C SER A 14 9.59 -0.05 3.96
N GLU A 15 8.40 -0.56 4.28
CA GLU A 15 8.16 -2.00 4.19
C GLU A 15 7.10 -2.30 3.12
N TYR A 16 6.63 -3.54 3.09
CA TYR A 16 5.62 -3.96 2.12
C TYR A 16 4.50 -4.72 2.80
N ILE A 17 3.51 -5.14 2.01
CA ILE A 17 2.37 -5.88 2.53
C ILE A 17 2.32 -7.28 1.95
N ARG A 18 2.35 -8.28 2.82
CA ARG A 18 2.29 -9.67 2.39
C ARG A 18 1.01 -10.35 2.85
N VAL A 19 0.08 -10.54 1.91
CA VAL A 19 -1.20 -11.17 2.22
C VAL A 19 -1.74 -11.94 1.02
N THR A 20 -2.55 -12.95 1.29
CA THR A 20 -3.13 -13.76 0.23
C THR A 20 -4.66 -13.75 0.30
N GLU A 21 -5.31 -13.83 -0.85
CA GLU A 21 -6.76 -13.84 -0.92
C GLU A 21 -7.32 -15.18 -0.47
N ASP A 22 -6.79 -16.26 -1.04
CA ASP A 22 -7.23 -17.60 -0.71
C ASP A 22 -6.24 -18.28 0.24
N GLU A 23 -6.77 -19.04 1.19
CA GLU A 23 -5.93 -19.74 2.15
C GLU A 23 -5.03 -20.76 1.47
N ASN A 24 -5.55 -21.36 0.40
CA ASN A 24 -4.79 -22.36 -0.36
C ASN A 24 -3.68 -21.70 -1.18
N ASP A 25 -3.90 -20.44 -1.54
CA ASP A 25 -2.91 -19.69 -2.32
C ASP A 25 -1.78 -19.18 -1.42
N GLU A 26 -0.63 -18.89 -2.03
CA GLU A 26 0.53 -18.40 -1.28
C GLU A 26 0.39 -16.91 -1.01
N PRO A 27 1.06 -16.44 0.06
CA PRO A 27 1.04 -15.03 0.45
C PRO A 27 1.81 -14.15 -0.54
N ILE A 28 1.07 -13.39 -1.34
CA ILE A 28 1.68 -12.50 -2.31
C ILE A 28 2.18 -11.21 -1.66
N GLU A 29 3.32 -10.73 -2.11
CA GLU A 29 3.90 -9.50 -1.57
C GLU A 29 3.71 -8.33 -2.54
N ILE A 30 3.25 -7.21 -2.01
CA ILE A 30 3.04 -6.02 -2.81
C ILE A 30 3.74 -4.80 -2.23
N PRO A 31 4.20 -3.90 -3.11
CA PRO A 31 4.90 -2.68 -2.70
C PRO A 31 3.98 -1.68 -2.01
N SER A 32 4.28 -1.39 -0.75
CA SER A 32 3.46 -0.45 0.02
C SER A 32 4.09 0.95 0.02
N GLU A 33 3.49 1.86 0.77
CA GLU A 33 3.99 3.23 0.85
C GLU A 33 5.02 3.37 1.97
N ASP A 34 5.59 4.56 2.10
CA ASP A 34 6.59 4.82 3.13
C ASP A 34 5.93 4.96 4.50
N ASP A 35 4.74 5.56 4.52
CA ASP A 35 4.00 5.75 5.76
C ASP A 35 3.62 4.42 6.38
N GLY A 36 3.60 3.37 5.55
CA GLY A 36 3.25 2.05 6.03
C GLY A 36 2.00 1.51 5.38
N THR A 37 1.09 2.41 5.00
CA THR A 37 -0.15 2.01 4.36
C THR A 37 0.09 1.47 2.96
N VAL A 38 -0.99 1.26 2.21
CA VAL A 38 -0.88 0.75 0.85
C VAL A 38 -1.86 1.45 -0.08
N LEU A 39 -1.37 1.90 -1.23
CA LEU A 39 -2.21 2.59 -2.21
C LEU A 39 -3.27 1.65 -2.78
N LEU A 40 -4.49 2.14 -2.88
CA LEU A 40 -5.59 1.35 -3.41
C LEU A 40 -5.21 0.70 -4.73
N SER A 41 -4.46 1.43 -5.55
CA SER A 41 -4.02 0.93 -6.85
C SER A 41 -3.28 -0.38 -6.70
N THR A 42 -2.51 -0.51 -5.62
CA THR A 42 -1.74 -1.72 -5.36
C THR A 42 -2.65 -2.88 -4.97
N VAL A 43 -3.72 -2.57 -4.25
CA VAL A 43 -4.67 -3.58 -3.82
C VAL A 43 -5.42 -4.17 -5.01
N THR A 44 -5.73 -3.32 -5.98
CA THR A 44 -6.45 -3.75 -7.17
C THR A 44 -5.53 -4.54 -8.12
N ALA A 45 -4.25 -4.21 -8.09
CA ALA A 45 -3.27 -4.89 -8.93
C ALA A 45 -3.41 -6.41 -8.83
N GLN A 46 -3.47 -6.90 -7.59
CA GLN A 46 -3.61 -8.33 -7.36
C GLN A 46 -5.04 -8.69 -6.97
N PHE A 47 -5.69 -7.78 -6.24
CA PHE A 47 -7.06 -8.01 -5.80
C PHE A 47 -8.00 -6.97 -6.42
N PRO A 48 -8.33 -7.17 -7.70
CA PRO A 48 -9.23 -6.27 -8.43
C PRO A 48 -10.67 -6.36 -7.95
N GLY A 49 -11.27 -5.22 -7.65
CA GLY A 49 -12.64 -5.20 -7.19
C GLY A 49 -12.74 -5.25 -5.68
N ALA A 50 -11.74 -5.84 -5.04
CA ALA A 50 -11.72 -5.96 -3.58
C ALA A 50 -11.92 -4.60 -2.93
N CYS A 51 -13.10 -4.38 -2.38
CA CYS A 51 -13.42 -3.12 -1.72
C CYS A 51 -12.72 -3.01 -0.37
N GLY A 52 -12.55 -4.16 0.29
CA GLY A 52 -11.90 -4.18 1.59
C GLY A 52 -11.25 -5.51 1.88
N LEU A 53 -10.20 -5.49 2.70
CA LEU A 53 -9.48 -6.70 3.06
C LEU A 53 -9.62 -7.00 4.55
N ARG A 54 -9.73 -8.28 4.89
CA ARG A 54 -9.87 -8.70 6.27
C ARG A 54 -8.58 -9.32 6.79
N TYR A 55 -8.48 -9.47 8.10
CA TYR A 55 -7.30 -10.06 8.72
C TYR A 55 -7.56 -11.49 9.15
N ARG A 56 -6.66 -12.39 8.77
CA ARG A 56 -6.78 -13.80 9.11
C ARG A 56 -5.51 -14.33 9.75
N ASN A 57 -5.52 -14.40 11.08
CA ASN A 57 -4.36 -14.88 11.82
C ASN A 57 -4.71 -16.11 12.66
N PRO A 58 -3.70 -16.94 12.95
CA PRO A 58 -3.89 -18.16 13.73
C PRO A 58 -4.19 -17.88 15.19
N VAL A 59 -3.39 -17.00 15.80
CA VAL A 59 -3.57 -16.64 17.20
C VAL A 59 -4.72 -15.64 17.36
N SER A 60 -4.95 -14.84 16.33
CA SER A 60 -6.01 -13.84 16.36
C SER A 60 -7.38 -14.51 16.26
N GLN A 61 -7.43 -15.66 15.60
CA GLN A 61 -8.68 -16.39 15.43
C GLN A 61 -9.78 -15.49 14.88
N CYS A 62 -9.46 -14.75 13.83
CA CYS A 62 -10.42 -13.84 13.22
C CYS A 62 -10.83 -12.74 14.19
N MET A 63 -10.23 -11.56 14.03
CA MET A 63 -10.54 -10.43 14.89
C MET A 63 -10.13 -9.11 14.22
N ARG A 64 -8.83 -8.95 14.00
CA ARG A 64 -8.31 -7.73 13.37
C ARG A 64 -8.94 -7.53 11.99
N GLY A 65 -8.49 -6.50 11.29
CA GLY A 65 -9.00 -6.22 9.97
C GLY A 65 -8.36 -5.00 9.33
N VAL A 66 -7.75 -5.19 8.16
CA VAL A 66 -7.09 -4.10 7.45
C VAL A 66 -8.02 -2.90 7.32
N ARG A 67 -7.58 -1.76 7.85
CA ARG A 67 -8.37 -0.53 7.78
C ARG A 67 -8.23 0.13 6.41
N LEU A 68 -9.34 0.67 5.90
CA LEU A 68 -9.34 1.32 4.60
C LEU A 68 -9.86 2.76 4.71
N VAL A 69 -9.05 3.71 4.26
CA VAL A 69 -9.43 5.12 4.31
C VAL A 69 -8.96 5.86 3.07
N GLU A 70 -9.90 6.42 2.33
CA GLU A 70 -9.58 7.16 1.10
C GLU A 70 -8.95 6.24 0.06
N GLY A 71 -9.28 4.95 0.14
CA GLY A 71 -8.74 3.99 -0.81
C GLY A 71 -7.42 3.39 -0.32
N ILE A 72 -6.71 4.13 0.51
CA ILE A 72 -5.44 3.65 1.04
C ILE A 72 -5.65 2.67 2.19
N LEU A 73 -5.13 1.46 2.02
CA LEU A 73 -5.27 0.43 3.05
C LEU A 73 -4.25 0.65 4.17
N HIS A 74 -4.75 1.10 5.31
CA HIS A 74 -3.89 1.34 6.47
C HIS A 74 -3.55 0.04 7.18
N ALA A 75 -2.37 0.00 7.80
CA ALA A 75 -1.93 -1.19 8.52
C ALA A 75 -2.15 -1.04 10.02
N PRO A 76 -2.22 -2.18 10.73
CA PRO A 76 -2.43 -2.20 12.18
C PRO A 76 -1.22 -1.67 12.94
N ASP A 77 -1.28 -1.77 14.27
CA ASP A 77 -0.19 -1.30 15.11
C ASP A 77 0.95 -2.32 15.15
N ALA A 78 0.74 -3.44 14.46
CA ALA A 78 1.76 -4.49 14.41
C ALA A 78 2.38 -4.57 13.03
N GLY A 79 1.64 -4.14 12.02
CA GLY A 79 2.14 -4.18 10.66
C GLY A 79 1.34 -5.10 9.76
N TRP A 80 1.72 -5.17 8.49
CA TRP A 80 1.03 -6.03 7.53
C TRP A 80 1.21 -7.50 7.90
N GLY A 81 2.46 -7.94 7.95
CA GLY A 81 2.74 -9.33 8.29
C GLY A 81 2.68 -10.24 7.08
N ASN A 82 2.68 -11.54 7.33
CA ASN A 82 2.63 -12.52 6.25
C ASN A 82 1.47 -13.49 6.45
N LEU A 83 0.37 -12.99 7.00
CA LEU A 83 -0.80 -13.81 7.25
C LEU A 83 -1.75 -13.78 6.05
N VAL A 84 -2.91 -14.42 6.20
CA VAL A 84 -3.90 -14.44 5.13
C VAL A 84 -4.93 -13.33 5.30
N TYR A 85 -5.59 -12.97 4.21
CA TYR A 85 -6.60 -11.91 4.24
C TYR A 85 -7.87 -12.35 3.52
N VAL A 86 -9.01 -11.88 4.02
CA VAL A 86 -10.30 -12.23 3.43
C VAL A 86 -10.91 -11.04 2.70
N VAL A 87 -11.11 -11.18 1.38
CA VAL A 87 -11.68 -10.12 0.58
C VAL A 87 -13.06 -9.73 1.10
N ASN A 88 -13.47 -8.51 0.76
CA ASN A 88 -14.77 -8.00 1.20
C ASN A 88 -15.39 -7.09 0.14
N TYR A 89 -16.66 -7.34 -0.19
CA TYR A 89 -17.36 -6.55 -1.19
C TYR A 89 -18.66 -5.98 -0.62
N PRO A 90 -18.52 -5.03 0.32
CA PRO A 90 -19.68 -4.39 0.96
C PRO A 90 -20.43 -3.47 0.01
N LYS A 91 -21.37 -2.70 0.55
CA LYS A 91 -22.16 -1.78 -0.25
C LYS A 91 -21.30 -0.64 -0.77
N ASP A 92 -21.79 0.06 -1.79
CA ASP A 92 -21.07 1.18 -2.38
C ASP A 92 -20.85 2.29 -1.34
N ASN A 93 -21.91 3.02 -1.04
CA ASN A 93 -21.83 4.12 -0.07
C ASN A 93 -20.83 5.18 -0.53
N LYS A 94 -20.80 5.42 -1.83
CA LYS A 94 -19.89 6.41 -2.40
C LYS A 94 -20.62 7.70 -2.75
N ARG A 95 -19.88 8.76 -3.01
CA ARG A 95 -20.47 10.05 -3.36
C ARG A 95 -19.39 11.08 -3.65
N LYS A 96 -18.44 11.22 -2.73
CA LYS A 96 -17.35 12.18 -2.89
C LYS A 96 -16.33 11.66 -3.91
N MET A 97 -15.43 12.55 -4.34
CA MET A 97 -14.40 12.18 -5.29
C MET A 97 -13.03 12.67 -4.83
N ASP A 98 -12.89 13.98 -4.68
CA ASP A 98 -11.64 14.56 -4.24
C ASP A 98 -10.52 14.27 -5.24
N GLU A 99 -10.29 15.20 -6.16
CA GLU A 99 -9.25 15.03 -7.16
C GLU A 99 -8.05 15.92 -6.86
N THR A 100 -7.03 15.84 -7.71
CA THR A 100 -5.82 16.63 -7.53
C THR A 100 -5.07 16.81 -8.84
N ASP A 101 -4.16 17.77 -8.88
CA ASP A 101 -3.37 18.04 -10.08
C ASP A 101 -2.24 19.00 -9.78
N ALA A 102 -1.57 19.47 -10.83
CA ALA A 102 -0.45 20.41 -10.67
C ALA A 102 0.70 19.75 -9.93
N SER A 103 1.76 19.42 -10.66
CA SER A 103 2.93 18.78 -10.07
C SER A 103 4.08 18.73 -11.07
N SER A 104 4.87 19.79 -11.13
CA SER A 104 6.00 19.87 -12.04
C SER A 104 6.76 21.18 -11.86
N ALA A 105 8.09 21.07 -11.79
CA ALA A 105 8.92 22.25 -11.63
C ALA A 105 10.41 21.87 -11.67
N VAL A 106 11.26 22.85 -12.00
CA VAL A 106 12.69 22.61 -12.07
C VAL A 106 13.47 23.87 -11.68
N LYS A 107 14.54 23.67 -10.91
CA LYS A 107 15.37 24.79 -10.47
C LYS A 107 16.62 24.28 -9.76
N VAL A 108 17.78 24.76 -10.20
CA VAL A 108 19.04 24.36 -9.61
C VAL A 108 20.09 25.46 -9.73
N LYS A 109 20.98 25.54 -8.75
CA LYS A 109 22.03 26.55 -8.75
C LYS A 109 23.15 26.18 -7.79
N ARG A 110 24.39 26.32 -8.24
CA ARG A 110 25.54 26.01 -7.41
C ARG A 110 26.24 27.27 -6.93
N ALA A 111 27.25 27.10 -6.08
CA ALA A 111 27.99 28.24 -5.54
C ALA A 111 29.45 27.86 -5.30
N VAL A 112 30.36 28.64 -5.89
CA VAL A 112 31.79 28.39 -5.73
C VAL A 112 32.39 29.32 -4.69
N GLN A 113 33.28 28.77 -3.87
CA GLN A 113 33.94 29.55 -2.82
C GLN A 113 35.21 28.85 -2.33
N LYS A 114 36.21 29.63 -1.97
CA LYS A 114 37.48 29.09 -1.48
C LYS A 114 37.48 29.00 0.05
N MET A 1 -9.00 0.22 -14.56
CA MET A 1 -10.07 0.34 -13.57
C MET A 1 -9.56 1.02 -12.30
N ALA A 2 -8.74 2.04 -12.47
CA ALA A 2 -8.19 2.78 -11.34
C ALA A 2 -7.63 4.12 -11.78
N GLY A 3 -7.61 5.08 -10.85
CA GLY A 3 -7.09 6.40 -11.17
C GLY A 3 -7.88 7.50 -10.48
N SER A 4 -7.30 8.07 -9.43
CA SER A 4 -7.95 9.14 -8.68
C SER A 4 -6.93 10.01 -7.96
N HIS A 5 -7.31 11.24 -7.66
CA HIS A 5 -6.42 12.17 -6.97
C HIS A 5 -5.18 12.47 -7.81
N HIS A 6 -4.41 13.47 -7.39
CA HIS A 6 -3.21 13.86 -8.11
C HIS A 6 -1.96 13.57 -7.27
N HIS A 7 -1.98 12.46 -6.55
CA HIS A 7 -0.86 12.08 -5.70
C HIS A 7 -0.54 13.18 -4.68
N HIS A 8 -1.10 13.02 -3.48
CA HIS A 8 -0.87 14.01 -2.41
C HIS A 8 0.22 13.53 -1.46
N HIS A 9 1.28 14.33 -1.35
CA HIS A 9 2.39 13.99 -0.47
C HIS A 9 3.11 15.25 0.00
N HIS A 10 3.97 15.10 1.00
CA HIS A 10 4.73 16.22 1.55
C HIS A 10 6.16 15.82 1.85
N GLY A 11 6.33 14.92 2.82
CA GLY A 11 7.65 14.47 3.20
C GLY A 11 8.12 15.05 4.52
N SER A 12 7.67 14.44 5.61
CA SER A 12 8.03 14.90 6.95
C SER A 12 7.50 13.96 8.02
N MET A 13 8.37 13.12 8.55
CA MET A 13 7.99 12.17 9.59
C MET A 13 6.81 11.32 9.13
N SER A 14 7.11 10.19 8.51
CA SER A 14 6.06 9.29 8.02
C SER A 14 6.68 8.00 7.47
N GLU A 15 5.91 6.92 7.52
CA GLU A 15 6.38 5.63 7.02
C GLU A 15 5.61 5.22 5.77
N TYR A 16 5.80 3.98 5.34
CA TYR A 16 5.14 3.46 4.15
C TYR A 16 4.57 2.07 4.40
N ILE A 17 3.95 1.50 3.38
CA ILE A 17 3.36 0.17 3.49
C ILE A 17 3.96 -0.79 2.47
N ARG A 18 4.43 -1.94 2.96
CA ARG A 18 5.04 -2.94 2.09
C ARG A 18 4.25 -4.25 2.15
N VAL A 19 3.50 -4.52 1.09
CA VAL A 19 2.70 -5.74 1.02
C VAL A 19 2.55 -6.22 -0.42
N THR A 20 2.46 -7.53 -0.60
CA THR A 20 2.31 -8.12 -1.93
C THR A 20 0.97 -8.82 -2.08
N GLU A 21 0.45 -8.85 -3.30
CA GLU A 21 -0.83 -9.48 -3.57
C GLU A 21 -0.70 -11.00 -3.49
N ASP A 22 0.31 -11.54 -4.17
CA ASP A 22 0.54 -12.98 -4.18
C ASP A 22 1.83 -13.32 -3.44
N GLU A 23 1.90 -14.54 -2.91
CA GLU A 23 3.07 -15.00 -2.18
C GLU A 23 4.28 -15.08 -3.10
N ASN A 24 4.04 -15.46 -4.35
CA ASN A 24 5.11 -15.58 -5.33
C ASN A 24 5.62 -14.21 -5.76
N ASP A 25 4.74 -13.21 -5.69
CA ASP A 25 5.10 -11.86 -6.07
C ASP A 25 5.91 -11.17 -4.97
N GLU A 26 6.74 -10.21 -5.36
CA GLU A 26 7.57 -9.49 -4.41
C GLU A 26 6.75 -8.43 -3.66
N PRO A 27 7.20 -8.08 -2.45
CA PRO A 27 6.53 -7.08 -1.62
C PRO A 27 6.66 -5.67 -2.17
N ILE A 28 5.60 -5.19 -2.81
CA ILE A 28 5.61 -3.85 -3.40
C ILE A 28 5.48 -2.77 -2.32
N GLU A 29 6.37 -1.79 -2.37
CA GLU A 29 6.36 -0.71 -1.40
C GLU A 29 5.63 0.52 -1.96
N ILE A 30 4.65 1.01 -1.20
CA ILE A 30 3.88 2.18 -1.62
C ILE A 30 3.86 3.24 -0.53
N PRO A 31 3.63 4.50 -0.93
CA PRO A 31 3.58 5.63 0.00
C PRO A 31 2.34 5.58 0.89
N SER A 32 2.52 5.92 2.17
CA SER A 32 1.41 5.93 3.12
C SER A 32 1.28 7.28 3.80
N GLU A 33 0.07 7.60 4.25
CA GLU A 33 -0.19 8.87 4.91
C GLU A 33 0.73 9.04 6.13
N ASP A 34 0.89 10.28 6.56
CA ASP A 34 1.74 10.59 7.71
C ASP A 34 1.17 9.96 8.99
N ASP A 35 -0.15 9.92 9.08
CA ASP A 35 -0.82 9.34 10.25
C ASP A 35 -0.49 7.86 10.38
N GLY A 36 -0.05 7.25 9.28
CA GLY A 36 0.28 5.85 9.29
C GLY A 36 -0.57 5.04 8.35
N THR A 37 -1.81 5.48 8.14
CA THR A 37 -2.73 4.79 7.25
C THR A 37 -2.29 4.92 5.79
N VAL A 38 -3.15 4.48 4.88
CA VAL A 38 -2.85 4.54 3.46
C VAL A 38 -4.07 5.00 2.65
N LEU A 39 -3.85 5.96 1.77
CA LEU A 39 -4.94 6.49 0.94
C LEU A 39 -5.40 5.44 -0.07
N LEU A 40 -6.71 5.29 -0.18
CA LEU A 40 -7.30 4.32 -1.12
C LEU A 40 -6.69 4.48 -2.50
N SER A 41 -6.49 5.72 -2.92
CA SER A 41 -5.91 6.01 -4.23
C SER A 41 -4.63 5.22 -4.45
N THR A 42 -3.87 5.04 -3.38
CA THR A 42 -2.61 4.29 -3.44
C THR A 42 -2.86 2.80 -3.60
N VAL A 43 -3.75 2.27 -2.77
CA VAL A 43 -4.07 0.84 -2.83
C VAL A 43 -4.49 0.43 -4.24
N THR A 44 -5.21 1.30 -4.92
CA THR A 44 -5.67 1.03 -6.28
C THR A 44 -4.51 1.10 -7.26
N ALA A 45 -3.48 1.86 -6.92
CA ALA A 45 -2.32 2.02 -7.77
C ALA A 45 -1.80 0.66 -8.25
N GLN A 46 -1.65 -0.26 -7.32
CA GLN A 46 -1.17 -1.60 -7.64
C GLN A 46 -2.30 -2.63 -7.55
N PHE A 47 -3.21 -2.41 -6.61
CA PHE A 47 -4.34 -3.32 -6.41
C PHE A 47 -5.65 -2.63 -6.77
N PRO A 48 -5.91 -2.51 -8.09
CA PRO A 48 -7.13 -1.88 -8.61
C PRO A 48 -8.37 -2.72 -8.34
N GLY A 49 -9.39 -2.10 -7.75
CA GLY A 49 -10.62 -2.81 -7.46
C GLY A 49 -10.63 -3.41 -6.06
N ALA A 50 -9.44 -3.72 -5.55
CA ALA A 50 -9.32 -4.29 -4.21
C ALA A 50 -10.10 -3.47 -3.19
N CYS A 51 -11.16 -4.06 -2.64
CA CYS A 51 -11.98 -3.38 -1.65
C CYS A 51 -11.38 -3.51 -0.26
N GLY A 52 -10.76 -4.65 0.01
CA GLY A 52 -10.14 -4.87 1.31
C GLY A 52 -8.92 -5.76 1.23
N LEU A 53 -7.96 -5.54 2.13
CA LEU A 53 -6.73 -6.32 2.15
C LEU A 53 -6.63 -7.14 3.43
N ARG A 54 -6.07 -8.34 3.31
CA ARG A 54 -5.91 -9.22 4.47
C ARG A 54 -4.46 -9.28 4.92
N TYR A 55 -4.24 -9.78 6.13
CA TYR A 55 -2.89 -9.88 6.67
C TYR A 55 -2.39 -11.32 6.62
N ARG A 56 -1.18 -11.50 6.09
CA ARG A 56 -0.59 -12.82 5.98
C ARG A 56 0.81 -12.85 6.60
N ASN A 57 0.90 -13.33 7.83
CA ASN A 57 2.17 -13.41 8.54
C ASN A 57 2.51 -14.86 8.91
N PRO A 58 3.80 -15.15 9.05
CA PRO A 58 4.28 -16.49 9.40
C PRO A 58 3.94 -16.86 10.84
N VAL A 59 4.23 -15.96 11.77
CA VAL A 59 3.96 -16.20 13.18
C VAL A 59 2.46 -16.04 13.48
N SER A 60 1.80 -15.17 12.72
CA SER A 60 0.38 -14.93 12.90
C SER A 60 -0.45 -16.10 12.40
N GLN A 61 0.09 -16.81 11.39
CA GLN A 61 -0.61 -17.95 10.83
C GLN A 61 -1.96 -17.55 10.27
N CYS A 62 -2.02 -16.37 9.66
CA CYS A 62 -3.27 -15.86 9.08
C CYS A 62 -4.32 -15.65 10.17
N MET A 63 -4.56 -14.38 10.51
CA MET A 63 -5.54 -14.04 11.53
C MET A 63 -5.85 -12.55 11.51
N ARG A 64 -4.81 -11.73 11.51
CA ARG A 64 -4.97 -10.28 11.49
C ARG A 64 -5.55 -9.82 10.15
N GLY A 65 -5.66 -8.51 9.98
CA GLY A 65 -6.19 -7.96 8.74
C GLY A 65 -6.09 -6.45 8.69
N VAL A 66 -5.86 -5.92 7.49
CA VAL A 66 -5.75 -4.48 7.30
C VAL A 66 -7.10 -3.79 7.44
N ARG A 67 -7.22 -2.96 8.47
CA ARG A 67 -8.46 -2.24 8.72
C ARG A 67 -8.73 -1.22 7.61
N LEU A 68 -9.99 -1.08 7.23
CA LEU A 68 -10.38 -0.14 6.19
C LEU A 68 -11.50 0.77 6.66
N VAL A 69 -11.26 2.08 6.58
CA VAL A 69 -12.24 3.07 7.01
C VAL A 69 -12.26 4.27 6.06
N GLU A 70 -13.39 4.47 5.40
CA GLU A 70 -13.55 5.58 4.47
C GLU A 70 -12.58 5.44 3.29
N GLY A 71 -12.22 4.20 2.98
CA GLY A 71 -11.31 3.94 1.87
C GLY A 71 -9.86 3.94 2.32
N ILE A 72 -9.56 4.67 3.38
CA ILE A 72 -8.21 4.74 3.90
C ILE A 72 -7.86 3.50 4.71
N LEU A 73 -6.89 2.73 4.21
CA LEU A 73 -6.46 1.51 4.87
C LEU A 73 -5.64 1.84 6.13
N HIS A 74 -6.18 1.49 7.28
CA HIS A 74 -5.51 1.74 8.55
C HIS A 74 -4.54 0.61 8.89
N ALA A 75 -3.44 0.95 9.55
CA ALA A 75 -2.43 -0.04 9.92
C ALA A 75 -2.67 -0.53 11.35
N PRO A 76 -2.17 -1.75 11.64
CA PRO A 76 -2.31 -2.37 12.96
C PRO A 76 -1.47 -1.65 14.02
N ASP A 77 -1.44 -2.22 15.22
CA ASP A 77 -0.68 -1.64 16.33
C ASP A 77 0.80 -1.96 16.18
N ALA A 78 1.14 -2.73 15.15
CA ALA A 78 2.53 -3.11 14.91
C ALA A 78 3.08 -2.40 13.67
N GLY A 79 2.19 -2.04 12.76
CA GLY A 79 2.61 -1.35 11.55
C GLY A 79 2.33 -2.16 10.29
N TRP A 80 2.69 -1.61 9.15
CA TRP A 80 2.47 -2.29 7.87
C TRP A 80 3.36 -3.51 7.75
N GLY A 81 4.68 -3.29 7.83
CA GLY A 81 5.62 -4.39 7.72
C GLY A 81 5.92 -4.76 6.28
N ASN A 82 6.52 -5.93 6.09
CA ASN A 82 6.86 -6.40 4.75
C ASN A 82 6.32 -7.80 4.50
N LEU A 83 5.15 -8.08 5.09
CA LEU A 83 4.53 -9.39 4.94
C LEU A 83 3.63 -9.42 3.70
N VAL A 84 2.94 -10.54 3.51
CA VAL A 84 2.05 -10.69 2.37
C VAL A 84 0.61 -10.33 2.73
N TYR A 85 -0.18 -9.97 1.73
CA TYR A 85 -1.57 -9.60 1.94
C TYR A 85 -2.49 -10.31 0.95
N VAL A 86 -3.70 -10.60 1.39
CA VAL A 86 -4.68 -11.28 0.54
C VAL A 86 -5.80 -10.34 0.13
N VAL A 87 -6.04 -10.24 -1.18
CA VAL A 87 -7.08 -9.37 -1.70
C VAL A 87 -8.45 -9.84 -1.26
N ASN A 88 -9.37 -8.89 -1.09
CA ASN A 88 -10.73 -9.21 -0.67
C ASN A 88 -11.74 -8.25 -1.31
N TYR A 89 -12.78 -8.81 -1.90
CA TYR A 89 -13.81 -8.01 -2.55
C TYR A 89 -15.17 -8.21 -1.86
N PRO A 90 -15.29 -7.73 -0.62
CA PRO A 90 -16.51 -7.84 0.17
C PRO A 90 -17.63 -6.96 -0.38
N LYS A 91 -17.31 -5.70 -0.65
CA LYS A 91 -18.28 -4.75 -1.18
C LYS A 91 -18.04 -4.49 -2.66
N ASP A 92 -18.85 -3.61 -3.24
CA ASP A 92 -18.72 -3.27 -4.65
C ASP A 92 -19.06 -1.81 -4.89
N ASN A 93 -18.11 -0.92 -4.59
CA ASN A 93 -18.31 0.51 -4.77
C ASN A 93 -18.36 0.86 -6.26
N LYS A 94 -17.27 0.63 -6.96
CA LYS A 94 -17.19 0.93 -8.38
C LYS A 94 -17.35 2.42 -8.64
N ARG A 95 -16.23 3.10 -8.83
CA ARG A 95 -16.25 4.54 -9.09
C ARG A 95 -15.66 4.86 -10.45
N LYS A 96 -15.70 6.13 -10.83
CA LYS A 96 -15.17 6.57 -12.12
C LYS A 96 -13.74 7.06 -11.97
N MET A 97 -13.02 7.13 -13.09
CA MET A 97 -11.64 7.58 -13.08
C MET A 97 -11.56 9.10 -13.30
N ASP A 98 -10.42 9.68 -12.95
CA ASP A 98 -10.22 11.11 -13.11
C ASP A 98 -8.79 11.52 -12.73
N GLU A 99 -7.84 11.12 -13.56
CA GLU A 99 -6.44 11.43 -13.31
C GLU A 99 -5.81 12.13 -14.52
N THR A 100 -5.21 13.30 -14.28
CA THR A 100 -4.58 14.06 -15.34
C THR A 100 -3.43 14.91 -14.79
N ASP A 101 -2.35 14.26 -14.42
CA ASP A 101 -1.18 14.96 -13.89
C ASP A 101 0.07 14.09 -13.96
N ALA A 102 1.17 14.68 -14.43
CA ALA A 102 2.43 13.96 -14.55
C ALA A 102 3.61 14.85 -14.17
N SER A 103 4.18 14.61 -13.00
CA SER A 103 5.31 15.39 -12.53
C SER A 103 5.94 14.73 -11.30
N SER A 104 7.18 14.26 -11.47
CA SER A 104 7.90 13.61 -10.38
C SER A 104 9.40 13.62 -10.64
N ALA A 105 10.16 13.07 -9.70
CA ALA A 105 11.62 13.01 -9.83
C ALA A 105 12.19 11.83 -9.04
N VAL A 106 13.25 11.24 -9.59
CA VAL A 106 13.89 10.10 -8.94
C VAL A 106 15.34 9.96 -9.39
N LYS A 107 16.21 9.55 -8.47
CA LYS A 107 17.62 9.38 -8.78
C LYS A 107 18.33 8.63 -7.64
N VAL A 108 19.51 8.09 -7.95
CA VAL A 108 20.29 7.36 -6.95
C VAL A 108 21.78 7.41 -7.29
N LYS A 109 22.61 7.47 -6.26
CA LYS A 109 24.05 7.51 -6.43
C LYS A 109 24.78 7.03 -5.17
N ARG A 110 25.98 6.50 -5.35
CA ARG A 110 26.77 6.00 -4.23
C ARG A 110 28.24 6.34 -4.41
N ALA A 111 28.77 7.13 -3.48
CA ALA A 111 30.18 7.53 -3.54
C ALA A 111 31.01 6.75 -2.53
N VAL A 112 31.95 5.97 -3.03
CA VAL A 112 32.82 5.17 -2.18
C VAL A 112 34.22 5.04 -2.77
N GLN A 113 35.22 4.88 -1.91
CA GLN A 113 36.60 4.74 -2.35
C GLN A 113 37.43 4.01 -1.30
N LYS A 114 38.44 3.27 -1.77
CA LYS A 114 39.32 2.53 -0.87
C LYS A 114 40.78 2.76 -1.23
N MET A 1 6.63 -2.55 -17.66
CA MET A 1 6.22 -3.41 -18.75
C MET A 1 6.46 -4.88 -18.42
N ALA A 2 5.70 -5.76 -19.05
CA ALA A 2 5.83 -7.19 -18.82
C ALA A 2 5.55 -7.54 -17.36
N GLY A 3 5.63 -8.83 -17.04
CA GLY A 3 5.37 -9.27 -15.69
C GLY A 3 6.25 -10.46 -15.29
N SER A 4 6.15 -10.86 -14.03
CA SER A 4 6.93 -11.99 -13.52
C SER A 4 6.55 -13.28 -14.23
N HIS A 5 7.42 -13.74 -15.11
CA HIS A 5 7.18 -14.98 -15.86
C HIS A 5 8.20 -16.05 -15.49
N HIS A 6 9.46 -15.79 -15.81
CA HIS A 6 10.53 -16.74 -15.51
C HIS A 6 11.89 -16.16 -15.90
N HIS A 7 12.68 -15.80 -14.89
CA HIS A 7 14.00 -15.23 -15.13
C HIS A 7 15.09 -16.15 -14.60
N HIS A 8 14.89 -16.68 -13.38
CA HIS A 8 15.86 -17.57 -12.76
C HIS A 8 15.64 -19.01 -13.23
N HIS A 9 16.70 -19.63 -13.73
CA HIS A 9 16.63 -21.00 -14.21
C HIS A 9 16.38 -21.97 -13.07
N HIS A 10 15.12 -22.41 -12.94
CA HIS A 10 14.75 -23.34 -11.89
C HIS A 10 15.04 -22.75 -10.51
N GLY A 11 14.12 -21.93 -10.01
CA GLY A 11 14.29 -21.31 -8.71
C GLY A 11 13.42 -20.09 -8.53
N SER A 12 12.30 -20.26 -7.82
CA SER A 12 11.38 -19.15 -7.57
C SER A 12 11.34 -18.80 -6.10
N MET A 13 10.84 -19.73 -5.28
CA MET A 13 10.74 -19.51 -3.84
C MET A 13 9.94 -18.24 -3.53
N SER A 14 8.63 -18.39 -3.42
CA SER A 14 7.76 -17.27 -3.13
C SER A 14 6.63 -17.68 -2.19
N GLU A 15 6.07 -16.71 -1.48
CA GLU A 15 4.98 -16.97 -0.54
C GLU A 15 3.67 -16.39 -1.06
N TYR A 16 2.62 -16.51 -0.25
CA TYR A 16 1.31 -16.00 -0.62
C TYR A 16 0.71 -15.16 0.51
N ILE A 17 -0.50 -14.66 0.28
CA ILE A 17 -1.19 -13.84 1.27
C ILE A 17 -2.53 -14.47 1.66
N ARG A 18 -2.71 -14.69 2.96
CA ARG A 18 -3.94 -15.28 3.47
C ARG A 18 -4.69 -14.29 4.37
N VAL A 19 -5.77 -13.73 3.85
CA VAL A 19 -6.56 -12.77 4.60
C VAL A 19 -8.03 -12.83 4.19
N THR A 20 -8.92 -12.44 5.11
CA THR A 20 -10.35 -12.46 4.84
C THR A 20 -10.96 -11.07 5.06
N GLU A 21 -11.96 -10.73 4.24
CA GLU A 21 -12.62 -9.45 4.36
C GLU A 21 -13.50 -9.39 5.60
N ASP A 22 -14.30 -10.43 5.80
CA ASP A 22 -15.19 -10.49 6.96
C ASP A 22 -14.54 -11.29 8.09
N GLU A 23 -15.08 -11.13 9.30
CA GLU A 23 -14.55 -11.83 10.47
C GLU A 23 -15.08 -13.26 10.53
N ASN A 24 -16.33 -13.44 10.11
CA ASN A 24 -16.95 -14.76 10.13
C ASN A 24 -16.49 -15.59 8.93
N ASP A 25 -16.13 -14.91 7.85
CA ASP A 25 -15.67 -15.59 6.64
C ASP A 25 -14.29 -16.21 6.86
N GLU A 26 -14.01 -17.27 6.11
CA GLU A 26 -12.73 -17.95 6.22
C GLU A 26 -11.63 -17.16 5.51
N PRO A 27 -10.39 -17.33 5.99
CA PRO A 27 -9.22 -16.65 5.41
C PRO A 27 -8.86 -17.17 4.02
N ILE A 28 -9.17 -16.38 3.00
CA ILE A 28 -8.87 -16.77 1.61
C ILE A 28 -7.41 -16.54 1.29
N GLU A 29 -6.83 -17.47 0.53
CA GLU A 29 -5.43 -17.36 0.13
C GLU A 29 -5.31 -16.91 -1.33
N ILE A 30 -4.42 -15.96 -1.57
CA ILE A 30 -4.20 -15.44 -2.92
C ILE A 30 -2.72 -15.50 -3.30
N PRO A 31 -2.45 -15.71 -4.59
CA PRO A 31 -1.09 -15.78 -5.11
C PRO A 31 -0.38 -14.43 -5.09
N SER A 32 0.67 -14.32 -4.27
CA SER A 32 1.42 -13.09 -4.15
C SER A 32 2.62 -13.09 -5.09
N GLU A 33 3.43 -12.03 -5.01
CA GLU A 33 4.62 -11.92 -5.85
C GLU A 33 5.83 -12.56 -5.19
N ASP A 34 6.94 -12.63 -5.92
CA ASP A 34 8.16 -13.22 -5.41
C ASP A 34 8.81 -12.31 -4.37
N ASP A 35 8.73 -11.01 -4.59
CA ASP A 35 9.31 -10.03 -3.68
C ASP A 35 8.64 -10.10 -2.32
N GLY A 36 7.42 -10.65 -2.28
CA GLY A 36 6.69 -10.76 -1.03
C GLY A 36 5.40 -9.97 -1.05
N THR A 37 5.39 -8.88 -1.80
CA THR A 37 4.20 -8.04 -1.90
C THR A 37 3.08 -8.73 -2.67
N VAL A 38 2.03 -8.00 -2.97
CA VAL A 38 0.89 -8.54 -3.71
C VAL A 38 0.41 -7.58 -4.78
N LEU A 39 0.27 -8.07 -6.00
CA LEU A 39 -0.18 -7.25 -7.12
C LEU A 39 -1.63 -6.81 -6.90
N LEU A 40 -1.91 -5.53 -7.19
CA LEU A 40 -3.25 -4.98 -7.03
C LEU A 40 -4.28 -5.88 -7.71
N SER A 41 -3.94 -6.36 -8.90
CA SER A 41 -4.83 -7.23 -9.66
C SER A 41 -5.32 -8.40 -8.80
N THR A 42 -4.44 -8.88 -7.93
CA THR A 42 -4.78 -9.99 -7.04
C THR A 42 -5.75 -9.56 -5.96
N VAL A 43 -5.53 -8.36 -5.42
CA VAL A 43 -6.38 -7.82 -4.37
C VAL A 43 -7.81 -7.62 -4.87
N THR A 44 -7.94 -7.18 -6.12
CA THR A 44 -9.25 -6.95 -6.72
C THR A 44 -9.94 -8.26 -7.07
N ALA A 45 -9.14 -9.28 -7.37
CA ALA A 45 -9.66 -10.59 -7.72
C ALA A 45 -10.72 -11.05 -6.71
N GLN A 46 -10.38 -10.95 -5.44
CA GLN A 46 -11.29 -11.35 -4.37
C GLN A 46 -11.91 -10.13 -3.70
N PHE A 47 -11.15 -9.05 -3.60
CA PHE A 47 -11.62 -7.83 -2.98
C PHE A 47 -11.67 -6.68 -3.99
N PRO A 48 -12.70 -6.71 -4.86
CA PRO A 48 -12.89 -5.68 -5.89
C PRO A 48 -13.29 -4.33 -5.30
N GLY A 49 -12.58 -3.28 -5.70
CA GLY A 49 -12.88 -1.95 -5.20
C GLY A 49 -12.06 -1.60 -3.98
N ALA A 50 -11.68 -2.62 -3.21
CA ALA A 50 -10.89 -2.40 -2.00
C ALA A 50 -9.65 -1.55 -2.29
N CYS A 51 -9.68 -0.30 -1.85
CA CYS A 51 -8.57 0.61 -2.07
C CYS A 51 -7.42 0.30 -1.12
N GLY A 52 -7.75 -0.15 0.08
CA GLY A 52 -6.75 -0.48 1.07
C GLY A 52 -7.19 -1.56 2.04
N LEU A 53 -6.25 -2.33 2.54
CA LEU A 53 -6.56 -3.40 3.48
C LEU A 53 -5.94 -3.13 4.85
N ARG A 54 -6.66 -3.50 5.90
CA ARG A 54 -6.18 -3.29 7.26
C ARG A 54 -5.73 -4.61 7.89
N TYR A 55 -5.03 -4.52 9.01
CA TYR A 55 -4.53 -5.70 9.70
C TYR A 55 -5.36 -5.98 10.96
N ARG A 56 -5.81 -7.22 11.09
CA ARG A 56 -6.61 -7.62 12.24
C ARG A 56 -6.05 -8.89 12.88
N ASN A 57 -5.27 -8.71 13.94
CA ASN A 57 -4.67 -9.84 14.65
C ASN A 57 -5.30 -10.02 16.02
N PRO A 58 -6.02 -11.13 16.20
CA PRO A 58 -6.69 -11.45 17.48
C PRO A 58 -5.70 -11.80 18.58
N VAL A 59 -4.59 -12.43 18.19
CA VAL A 59 -3.56 -12.81 19.15
C VAL A 59 -2.57 -11.68 19.38
N SER A 60 -2.39 -10.84 18.37
CA SER A 60 -1.47 -9.71 18.47
C SER A 60 -2.15 -8.51 19.13
N GLN A 61 -3.46 -8.40 18.93
CA GLN A 61 -4.23 -7.30 19.50
C GLN A 61 -3.55 -5.96 19.22
N CYS A 62 -2.94 -5.85 18.05
CA CYS A 62 -2.25 -4.63 17.65
C CYS A 62 -3.10 -3.82 16.68
N MET A 63 -2.50 -2.80 16.08
CA MET A 63 -3.20 -1.94 15.13
C MET A 63 -2.41 -1.81 13.83
N ARG A 64 -1.74 -2.89 13.45
CA ARG A 64 -0.94 -2.88 12.22
C ARG A 64 -1.81 -2.57 11.01
N GLY A 65 -1.21 -2.65 9.82
CA GLY A 65 -1.94 -2.37 8.60
C GLY A 65 -1.15 -2.71 7.35
N VAL A 66 -1.82 -3.26 6.35
CA VAL A 66 -1.18 -3.64 5.11
C VAL A 66 -0.77 -2.41 4.31
N ARG A 67 0.53 -2.30 4.02
CA ARG A 67 1.06 -1.17 3.27
C ARG A 67 0.68 -1.27 1.80
N LEU A 68 0.34 -0.14 1.20
CA LEU A 68 -0.04 -0.10 -0.20
C LEU A 68 0.74 0.97 -0.96
N VAL A 69 1.48 0.54 -1.98
CA VAL A 69 2.28 1.45 -2.79
C VAL A 69 2.19 1.10 -4.27
N GLU A 70 1.74 2.06 -5.06
CA GLU A 70 1.61 1.85 -6.51
C GLU A 70 0.63 0.71 -6.81
N GLY A 71 -0.32 0.51 -5.90
CA GLY A 71 -1.31 -0.54 -6.08
C GLY A 71 -0.86 -1.87 -5.49
N ILE A 72 0.46 -2.06 -5.41
CA ILE A 72 1.01 -3.30 -4.85
C ILE A 72 0.97 -3.28 -3.33
N LEU A 73 0.25 -4.24 -2.76
CA LEU A 73 0.13 -4.34 -1.30
C LEU A 73 1.38 -4.95 -0.69
N HIS A 74 2.18 -4.12 -0.02
CA HIS A 74 3.41 -4.58 0.61
C HIS A 74 3.10 -5.29 1.93
N ALA A 75 3.94 -6.27 2.28
CA ALA A 75 3.76 -7.01 3.52
C ALA A 75 4.66 -6.46 4.62
N PRO A 76 4.26 -6.70 5.88
CA PRO A 76 5.00 -6.23 7.06
C PRO A 76 6.32 -6.96 7.23
N ASP A 77 7.00 -6.69 8.35
CA ASP A 77 8.28 -7.33 8.63
C ASP A 77 8.08 -8.75 9.15
N ALA A 78 6.82 -9.14 9.31
CA ALA A 78 6.49 -10.48 9.80
C ALA A 78 5.91 -11.34 8.68
N GLY A 79 5.29 -10.69 7.69
CA GLY A 79 4.70 -11.41 6.59
C GLY A 79 3.19 -11.24 6.52
N TRP A 80 2.56 -11.89 5.55
CA TRP A 80 1.12 -11.81 5.39
C TRP A 80 0.39 -12.51 6.52
N GLY A 81 0.67 -13.81 6.68
CA GLY A 81 0.04 -14.58 7.73
C GLY A 81 -1.34 -15.08 7.33
N ASN A 82 -2.12 -15.52 8.32
CA ASN A 82 -3.46 -16.04 8.06
C ASN A 82 -4.48 -15.34 8.95
N LEU A 83 -4.25 -14.07 9.23
CA LEU A 83 -5.15 -13.29 10.07
C LEU A 83 -6.25 -12.64 9.23
N VAL A 84 -7.09 -11.84 9.87
CA VAL A 84 -8.18 -11.15 9.19
C VAL A 84 -7.76 -9.76 8.74
N TYR A 85 -8.48 -9.22 7.76
CA TYR A 85 -8.17 -7.89 7.24
C TYR A 85 -9.45 -7.06 7.08
N VAL A 86 -9.32 -5.76 7.30
CA VAL A 86 -10.47 -4.86 7.17
C VAL A 86 -10.34 -3.97 5.94
N VAL A 87 -11.31 -4.08 5.03
CA VAL A 87 -11.31 -3.29 3.81
C VAL A 87 -11.33 -1.80 4.12
N ASN A 88 -10.89 -0.99 3.16
CA ASN A 88 -10.85 0.46 3.34
C ASN A 88 -11.13 1.17 2.02
N TYR A 89 -12.10 2.08 2.04
CA TYR A 89 -12.47 2.83 0.84
C TYR A 89 -12.34 4.33 1.08
N PRO A 90 -11.10 4.80 1.23
CA PRO A 90 -10.81 6.22 1.47
C PRO A 90 -11.08 7.08 0.24
N LYS A 91 -10.60 6.62 -0.91
CA LYS A 91 -10.80 7.34 -2.16
C LYS A 91 -10.11 8.70 -2.12
N ASP A 92 -8.79 8.69 -1.94
CA ASP A 92 -8.01 9.91 -1.89
C ASP A 92 -6.63 9.72 -2.53
N ASN A 93 -6.19 10.72 -3.28
CA ASN A 93 -4.90 10.65 -3.95
C ASN A 93 -4.33 12.05 -4.17
N LYS A 94 -4.90 12.78 -5.12
CA LYS A 94 -4.46 14.13 -5.43
C LYS A 94 -2.97 14.16 -5.76
N ARG A 95 -2.63 13.74 -6.98
CA ARG A 95 -1.25 13.71 -7.42
C ARG A 95 -0.59 15.08 -7.26
N LYS A 96 -1.00 16.04 -8.09
CA LYS A 96 -0.45 17.39 -8.04
C LYS A 96 1.06 17.37 -8.28
N MET A 97 1.45 17.58 -9.54
CA MET A 97 2.86 17.59 -9.90
C MET A 97 3.55 18.81 -9.31
N ASP A 98 4.87 18.70 -9.10
CA ASP A 98 5.66 19.79 -8.55
C ASP A 98 7.02 19.89 -9.23
N GLU A 99 7.56 21.10 -9.27
CA GLU A 99 8.86 21.33 -9.90
C GLU A 99 9.84 21.93 -8.91
N THR A 100 11.00 21.28 -8.77
CA THR A 100 12.03 21.75 -7.85
C THR A 100 12.55 23.13 -8.26
N ASP A 101 12.32 24.12 -7.41
CA ASP A 101 12.77 25.48 -7.68
C ASP A 101 13.39 26.11 -6.44
N ALA A 102 14.13 27.19 -6.64
CA ALA A 102 14.78 27.89 -5.53
C ALA A 102 14.59 29.40 -5.65
N SER A 103 13.70 29.95 -4.83
CA SER A 103 13.42 31.37 -4.85
C SER A 103 13.46 31.95 -3.44
N SER A 104 14.64 32.40 -3.02
CA SER A 104 14.80 32.97 -1.68
C SER A 104 15.75 34.15 -1.71
N ALA A 105 15.23 35.33 -1.35
CA ALA A 105 16.04 36.55 -1.34
C ALA A 105 15.31 37.68 -0.64
N VAL A 106 15.99 38.34 0.30
CA VAL A 106 15.40 39.45 1.03
C VAL A 106 15.45 40.74 0.23
N LYS A 107 14.81 41.78 0.74
CA LYS A 107 14.77 43.07 0.07
C LYS A 107 14.40 44.18 1.05
N VAL A 108 15.39 44.99 1.43
CA VAL A 108 15.16 46.08 2.36
C VAL A 108 15.09 47.42 1.62
N LYS A 109 14.17 48.28 2.03
CA LYS A 109 14.01 49.59 1.41
C LYS A 109 13.03 50.44 2.21
N ARG A 110 13.30 51.75 2.27
CA ARG A 110 12.44 52.67 3.00
C ARG A 110 11.97 53.81 2.09
N ALA A 111 10.79 54.33 2.38
CA ALA A 111 10.23 55.42 1.58
C ALA A 111 9.40 56.37 2.45
N VAL A 112 9.96 57.53 2.76
CA VAL A 112 9.27 58.52 3.58
C VAL A 112 8.36 59.39 2.74
N GLN A 113 7.65 60.30 3.40
CA GLN A 113 6.73 61.21 2.70
C GLN A 113 6.69 62.57 3.39
N LYS A 114 6.28 62.57 4.65
CA LYS A 114 6.18 63.81 5.43
C LYS A 114 6.57 63.57 6.88
N MET A 1 25.10 -2.25 8.14
CA MET A 1 26.55 -2.22 8.28
C MET A 1 27.14 -3.62 8.09
N ALA A 2 28.37 -3.67 7.59
CA ALA A 2 29.05 -4.94 7.37
C ALA A 2 28.20 -5.88 6.52
N GLY A 3 28.31 -5.75 5.21
CA GLY A 3 27.54 -6.59 4.31
C GLY A 3 28.41 -7.56 3.53
N SER A 4 27.93 -8.79 3.37
CA SER A 4 28.67 -9.80 2.64
C SER A 4 28.85 -9.41 1.18
N HIS A 5 30.10 -9.42 0.72
CA HIS A 5 30.40 -9.07 -0.67
C HIS A 5 31.19 -10.19 -1.36
N HIS A 6 30.51 -10.92 -2.23
CA HIS A 6 31.15 -12.02 -2.96
C HIS A 6 30.34 -12.39 -4.19
N HIS A 7 29.10 -12.80 -3.98
CA HIS A 7 28.22 -13.18 -5.09
C HIS A 7 26.80 -13.41 -4.59
N HIS A 8 25.83 -12.76 -5.23
CA HIS A 8 24.43 -12.89 -4.86
C HIS A 8 23.59 -13.32 -6.06
N HIS A 9 22.94 -14.46 -5.94
CA HIS A 9 22.10 -14.98 -7.01
C HIS A 9 20.62 -14.91 -6.63
N HIS A 10 19.80 -14.50 -7.58
CA HIS A 10 18.36 -14.38 -7.35
C HIS A 10 17.73 -15.75 -7.15
N GLY A 11 16.68 -15.80 -6.33
CA GLY A 11 16.00 -17.06 -6.06
C GLY A 11 14.58 -16.86 -5.59
N SER A 12 14.41 -16.05 -4.54
CA SER A 12 13.09 -15.78 -3.98
C SER A 12 12.83 -14.29 -3.92
N MET A 13 12.23 -13.75 -4.99
CA MET A 13 11.92 -12.33 -5.05
C MET A 13 10.53 -12.10 -5.63
N SER A 14 9.91 -10.98 -5.28
CA SER A 14 8.58 -10.65 -5.75
C SER A 14 7.55 -11.69 -5.28
N GLU A 15 6.81 -11.32 -4.24
CA GLU A 15 5.80 -12.22 -3.68
C GLU A 15 4.39 -11.69 -3.97
N TYR A 16 3.40 -12.31 -3.33
CA TYR A 16 2.01 -11.91 -3.53
C TYR A 16 1.28 -11.84 -2.18
N ILE A 17 0.00 -11.50 -2.23
CA ILE A 17 -0.81 -11.39 -1.03
C ILE A 17 -2.00 -12.37 -1.08
N ARG A 18 -2.09 -13.23 -0.08
CA ARG A 18 -3.18 -14.20 -0.01
C ARG A 18 -4.10 -13.91 1.18
N VAL A 19 -5.27 -13.35 0.88
CA VAL A 19 -6.24 -13.03 1.93
C VAL A 19 -7.67 -13.15 1.41
N THR A 20 -8.60 -13.39 2.31
CA THR A 20 -10.01 -13.52 1.94
C THR A 20 -10.88 -12.53 2.71
N GLU A 21 -12.00 -12.14 2.10
CA GLU A 21 -12.91 -11.20 2.73
C GLU A 21 -13.74 -11.87 3.81
N ASP A 22 -14.34 -13.00 3.47
CA ASP A 22 -15.16 -13.74 4.42
C ASP A 22 -14.45 -15.02 4.89
N GLU A 23 -14.61 -15.35 6.17
CA GLU A 23 -13.98 -16.53 6.73
C GLU A 23 -14.46 -17.80 6.03
N ASN A 24 -15.72 -17.79 5.61
CA ASN A 24 -16.30 -18.94 4.93
C ASN A 24 -15.73 -19.08 3.52
N ASP A 25 -15.31 -17.95 2.94
CA ASP A 25 -14.75 -17.96 1.60
C ASP A 25 -13.28 -18.37 1.63
N GLU A 26 -12.78 -18.87 0.49
CA GLU A 26 -11.40 -19.30 0.39
C GLU A 26 -10.46 -18.10 0.22
N PRO A 27 -9.20 -18.27 0.65
CA PRO A 27 -8.19 -17.22 0.56
C PRO A 27 -7.77 -16.95 -0.88
N ILE A 28 -8.16 -15.79 -1.40
CA ILE A 28 -7.83 -15.42 -2.77
C ILE A 28 -6.43 -14.79 -2.83
N GLU A 29 -5.69 -15.12 -3.88
CA GLU A 29 -4.33 -14.59 -4.07
C GLU A 29 -4.33 -13.49 -5.11
N ILE A 30 -3.63 -12.40 -4.80
CA ILE A 30 -3.53 -11.27 -5.72
C ILE A 30 -2.08 -10.89 -5.97
N PRO A 31 -1.80 -10.38 -7.19
CA PRO A 31 -0.45 -9.97 -7.58
C PRO A 31 0.00 -8.71 -6.85
N SER A 32 1.02 -8.85 -6.00
CA SER A 32 1.55 -7.72 -5.24
C SER A 32 2.74 -7.10 -5.95
N GLU A 33 3.36 -6.11 -5.31
CA GLU A 33 4.51 -5.43 -5.88
C GLU A 33 5.81 -6.11 -5.47
N ASP A 34 6.90 -5.69 -6.09
CA ASP A 34 8.22 -6.26 -5.79
C ASP A 34 8.69 -5.84 -4.40
N ASP A 35 8.36 -4.61 -4.02
CA ASP A 35 8.76 -4.08 -2.71
C ASP A 35 8.11 -4.88 -1.59
N GLY A 36 7.02 -5.57 -1.91
CA GLY A 36 6.32 -6.37 -0.92
C GLY A 36 4.91 -5.89 -0.69
N THR A 37 4.69 -4.58 -0.86
CA THR A 37 3.38 -3.99 -0.67
C THR A 37 2.41 -4.41 -1.77
N VAL A 38 1.23 -3.79 -1.79
CA VAL A 38 0.23 -4.09 -2.80
C VAL A 38 -0.43 -2.82 -3.33
N LEU A 39 -0.54 -2.72 -4.65
CA LEU A 39 -1.14 -1.56 -5.28
C LEU A 39 -2.64 -1.49 -4.99
N LEU A 40 -3.12 -0.30 -4.66
CA LEU A 40 -4.54 -0.11 -4.36
C LEU A 40 -5.41 -0.71 -5.45
N SER A 41 -5.01 -0.51 -6.70
CA SER A 41 -5.76 -1.02 -7.84
C SER A 41 -5.98 -2.53 -7.70
N THR A 42 -4.99 -3.22 -7.16
CA THR A 42 -5.08 -4.66 -6.97
C THR A 42 -6.08 -5.02 -5.88
N VAL A 43 -6.14 -4.17 -4.85
CA VAL A 43 -7.05 -4.40 -3.74
C VAL A 43 -8.50 -4.27 -4.18
N THR A 44 -8.76 -3.29 -5.04
CA THR A 44 -10.11 -3.05 -5.54
C THR A 44 -10.53 -4.13 -6.52
N ALA A 45 -9.55 -4.73 -7.18
CA ALA A 45 -9.81 -5.79 -8.16
C ALA A 45 -10.75 -6.84 -7.57
N GLN A 46 -10.44 -7.29 -6.36
CA GLN A 46 -11.25 -8.30 -5.70
C GLN A 46 -12.09 -7.68 -4.58
N PHE A 47 -11.53 -6.66 -3.93
CA PHE A 47 -12.23 -5.98 -2.85
C PHE A 47 -12.50 -4.52 -3.20
N PRO A 48 -13.52 -4.30 -4.06
CA PRO A 48 -13.90 -2.96 -4.49
C PRO A 48 -14.53 -2.14 -3.37
N GLY A 49 -14.04 -0.91 -3.18
CA GLY A 49 -14.57 -0.06 -2.14
C GLY A 49 -13.80 -0.19 -0.84
N ALA A 50 -13.23 -1.36 -0.61
CA ALA A 50 -12.47 -1.62 0.61
C ALA A 50 -11.41 -0.54 0.83
N CYS A 51 -11.66 0.34 1.80
CA CYS A 51 -10.73 1.42 2.11
C CYS A 51 -9.55 0.90 2.92
N GLY A 52 -9.81 -0.08 3.78
CA GLY A 52 -8.75 -0.65 4.59
C GLY A 52 -8.98 -2.11 4.90
N LEU A 53 -7.89 -2.85 5.05
CA LEU A 53 -7.97 -4.29 5.34
C LEU A 53 -7.40 -4.60 6.72
N ARG A 54 -8.03 -5.53 7.42
CA ARG A 54 -7.58 -5.92 8.75
C ARG A 54 -6.91 -7.28 8.72
N TYR A 55 -6.20 -7.62 9.79
CA TYR A 55 -5.51 -8.89 9.89
C TYR A 55 -6.26 -9.86 10.80
N ARG A 56 -6.52 -11.06 10.29
CA ARG A 56 -7.23 -12.07 11.05
C ARG A 56 -6.46 -13.39 11.06
N ASN A 57 -5.75 -13.65 12.15
CA ASN A 57 -4.97 -14.87 12.28
C ASN A 57 -5.50 -15.75 13.40
N PRO A 58 -5.60 -17.05 13.13
CA PRO A 58 -6.11 -18.03 14.11
C PRO A 58 -5.14 -18.24 15.26
N VAL A 59 -3.87 -18.40 14.94
CA VAL A 59 -2.84 -18.62 15.95
C VAL A 59 -2.43 -17.30 16.61
N SER A 60 -2.55 -16.22 15.86
CA SER A 60 -2.19 -14.89 16.36
C SER A 60 -3.34 -14.29 17.17
N GLN A 61 -4.56 -14.67 16.83
CA GLN A 61 -5.75 -14.17 17.52
C GLN A 61 -5.89 -12.67 17.32
N CYS A 62 -5.51 -12.19 16.15
CA CYS A 62 -5.60 -10.77 15.83
C CYS A 62 -4.65 -9.95 16.71
N MET A 63 -4.15 -8.85 16.17
CA MET A 63 -3.23 -7.98 16.91
C MET A 63 -2.81 -6.78 16.06
N ARG A 64 -2.49 -7.04 14.80
CA ARG A 64 -2.09 -5.98 13.89
C ARG A 64 -3.06 -5.84 12.73
N GLY A 65 -2.74 -4.97 11.79
CA GLY A 65 -3.60 -4.76 10.64
C GLY A 65 -2.83 -4.27 9.42
N VAL A 66 -3.26 -4.74 8.24
CA VAL A 66 -2.61 -4.34 7.00
C VAL A 66 -2.47 -2.83 6.89
N ARG A 67 -1.23 -2.35 6.95
CA ARG A 67 -0.97 -0.91 6.86
C ARG A 67 -1.31 -0.38 5.47
N LEU A 68 -1.88 0.82 5.43
CA LEU A 68 -2.26 1.44 4.16
C LEU A 68 -1.67 2.85 4.05
N VAL A 69 -0.85 3.06 3.02
CA VAL A 69 -0.23 4.36 2.81
C VAL A 69 -0.27 4.74 1.33
N GLU A 70 -0.91 5.86 1.02
CA GLU A 70 -1.02 6.35 -0.35
C GLU A 70 -1.76 5.33 -1.22
N GLY A 71 -2.64 4.55 -0.59
CA GLY A 71 -3.39 3.55 -1.32
C GLY A 71 -2.69 2.22 -1.39
N ILE A 72 -1.36 2.25 -1.32
CA ILE A 72 -0.57 1.03 -1.37
C ILE A 72 -0.58 0.30 -0.03
N LEU A 73 -1.19 -0.88 0.00
CA LEU A 73 -1.27 -1.68 1.21
C LEU A 73 0.10 -2.28 1.56
N HIS A 74 0.67 -1.82 2.66
CA HIS A 74 1.97 -2.32 3.11
C HIS A 74 1.82 -3.60 3.92
N ALA A 75 2.80 -4.48 3.83
CA ALA A 75 2.78 -5.74 4.55
C ALA A 75 3.57 -5.65 5.86
N PRO A 76 3.25 -6.53 6.81
CA PRO A 76 3.91 -6.56 8.12
C PRO A 76 5.36 -7.04 8.02
N ASP A 77 5.99 -7.23 9.17
CA ASP A 77 7.37 -7.68 9.22
C ASP A 77 7.45 -9.19 8.99
N ALA A 78 6.30 -9.82 8.84
CA ALA A 78 6.22 -11.26 8.62
C ALA A 78 5.79 -11.57 7.19
N GLY A 79 5.04 -10.66 6.59
CA GLY A 79 4.58 -10.85 5.23
C GLY A 79 3.07 -10.94 5.15
N TRP A 80 2.55 -11.13 3.94
CA TRP A 80 1.11 -11.22 3.72
C TRP A 80 0.55 -12.49 4.34
N GLY A 81 1.05 -13.63 3.91
CA GLY A 81 0.58 -14.91 4.44
C GLY A 81 -0.66 -15.40 3.73
N ASN A 82 -1.33 -16.38 4.34
CA ASN A 82 -2.55 -16.94 3.76
C ASN A 82 -3.69 -16.92 4.77
N LEU A 83 -3.71 -15.89 5.60
CA LEU A 83 -4.75 -15.75 6.62
C LEU A 83 -5.94 -14.97 6.07
N VAL A 84 -6.92 -14.71 6.94
CA VAL A 84 -8.12 -13.97 6.53
C VAL A 84 -7.97 -12.49 6.84
N TYR A 85 -8.77 -11.67 6.18
CA TYR A 85 -8.73 -10.22 6.38
C TYR A 85 -10.13 -9.65 6.52
N VAL A 86 -10.26 -8.60 7.32
CA VAL A 86 -11.55 -7.95 7.54
C VAL A 86 -11.61 -6.59 6.85
N VAL A 87 -12.65 -6.39 6.05
CA VAL A 87 -12.83 -5.13 5.34
C VAL A 87 -13.10 -3.98 6.30
N ASN A 88 -12.69 -2.77 5.92
CA ASN A 88 -12.89 -1.60 6.75
C ASN A 88 -13.13 -0.36 5.89
N TYR A 89 -14.20 0.37 6.21
CA TYR A 89 -14.55 1.57 5.46
C TYR A 89 -14.50 2.80 6.37
N PRO A 90 -13.30 3.17 6.80
CA PRO A 90 -13.08 4.33 7.68
C PRO A 90 -13.33 5.65 6.95
N LYS A 91 -12.74 5.80 5.78
CA LYS A 91 -12.89 7.00 4.98
C LYS A 91 -13.95 6.81 3.90
N ASP A 92 -14.17 7.85 3.10
CA ASP A 92 -15.15 7.80 2.03
C ASP A 92 -14.47 7.89 0.67
N ASN A 93 -15.20 7.52 -0.38
CA ASN A 93 -14.67 7.54 -1.74
C ASN A 93 -15.03 8.85 -2.43
N LYS A 94 -14.14 9.32 -3.30
CA LYS A 94 -14.36 10.56 -4.04
C LYS A 94 -13.77 10.47 -5.44
N ARG A 95 -12.48 10.18 -5.52
CA ARG A 95 -11.79 10.06 -6.80
C ARG A 95 -12.03 11.32 -7.65
N LYS A 96 -11.20 12.33 -7.44
CA LYS A 96 -11.31 13.58 -8.18
C LYS A 96 -9.93 14.10 -8.58
N MET A 97 -9.70 14.22 -9.89
CA MET A 97 -8.42 14.70 -10.40
C MET A 97 -8.21 16.17 -10.03
N ASP A 98 -6.98 16.53 -9.69
CA ASP A 98 -6.65 17.90 -9.32
C ASP A 98 -5.15 18.06 -9.09
N GLU A 99 -4.48 18.66 -10.07
CA GLU A 99 -3.04 18.88 -9.98
C GLU A 99 -2.59 19.96 -10.97
N THR A 100 -2.28 21.14 -10.43
CA THR A 100 -1.85 22.26 -11.26
C THR A 100 -0.97 23.21 -10.46
N ASP A 101 -0.22 24.05 -11.17
CA ASP A 101 0.66 25.02 -10.54
C ASP A 101 0.83 26.26 -11.40
N ALA A 102 1.42 27.31 -10.83
CA ALA A 102 1.65 28.55 -11.56
C ALA A 102 2.98 29.17 -11.17
N SER A 103 3.60 29.86 -12.12
CA SER A 103 4.90 30.51 -11.88
C SER A 103 5.26 31.42 -13.05
N SER A 104 5.58 32.67 -12.73
CA SER A 104 5.96 33.65 -13.74
C SER A 104 6.49 34.92 -13.10
N ALA A 105 7.74 35.25 -13.41
CA ALA A 105 8.38 36.45 -12.86
C ALA A 105 9.77 36.65 -13.45
N VAL A 106 9.84 37.36 -14.57
CA VAL A 106 11.12 37.62 -15.22
C VAL A 106 11.21 39.06 -15.68
N LYS A 107 11.32 39.98 -14.73
CA LYS A 107 11.42 41.40 -15.03
C LYS A 107 12.42 42.09 -14.12
N VAL A 108 12.76 43.33 -14.44
CA VAL A 108 13.71 44.10 -13.65
C VAL A 108 13.21 44.30 -12.23
N LYS A 109 14.14 44.27 -11.27
CA LYS A 109 13.78 44.45 -9.86
C LYS A 109 14.20 45.83 -9.38
N ARG A 110 15.36 46.29 -9.84
CA ARG A 110 15.87 47.60 -9.45
C ARG A 110 14.83 48.69 -9.69
N ALA A 111 14.55 49.47 -8.65
CA ALA A 111 13.57 50.55 -8.75
C ALA A 111 13.63 51.45 -7.53
N VAL A 112 13.36 50.89 -6.36
CA VAL A 112 13.40 51.65 -5.12
C VAL A 112 14.82 51.85 -4.63
N GLN A 113 15.08 53.00 -4.01
CA GLN A 113 16.41 53.31 -3.49
C GLN A 113 16.38 53.44 -1.98
N LYS A 114 17.56 53.45 -1.37
CA LYS A 114 17.68 53.58 0.08
C LYS A 114 18.95 54.34 0.47
N MET A 1 36.21 -10.76 -2.31
CA MET A 1 35.43 -9.98 -1.36
C MET A 1 34.23 -9.34 -2.03
N ALA A 2 33.47 -8.56 -1.26
CA ALA A 2 32.29 -7.89 -1.77
C ALA A 2 32.60 -6.44 -2.15
N GLY A 3 31.57 -5.70 -2.56
CA GLY A 3 31.76 -4.32 -2.95
C GLY A 3 30.71 -3.40 -2.35
N SER A 4 29.47 -3.87 -2.31
CA SER A 4 28.37 -3.08 -1.75
C SER A 4 28.24 -3.32 -0.25
N HIS A 5 27.63 -2.37 0.45
CA HIS A 5 27.44 -2.48 1.88
C HIS A 5 26.72 -3.78 2.24
N HIS A 6 27.00 -4.29 3.45
CA HIS A 6 26.39 -5.53 3.90
C HIS A 6 25.01 -5.26 4.51
N HIS A 7 24.18 -6.29 4.55
CA HIS A 7 22.84 -6.17 5.12
C HIS A 7 22.02 -5.12 4.34
N HIS A 8 21.88 -5.34 3.04
CA HIS A 8 21.12 -4.42 2.20
C HIS A 8 19.78 -5.03 1.79
N HIS A 9 19.79 -6.32 1.47
CA HIS A 9 18.58 -7.02 1.07
C HIS A 9 18.24 -8.14 2.05
N HIS A 10 17.74 -7.75 3.22
CA HIS A 10 17.36 -8.72 4.25
C HIS A 10 15.93 -9.20 4.05
N GLY A 11 15.63 -10.37 4.60
CA GLY A 11 14.29 -10.93 4.48
C GLY A 11 14.28 -12.44 4.52
N SER A 12 14.79 -13.00 5.62
CA SER A 12 14.84 -14.45 5.79
C SER A 12 13.54 -14.98 6.37
N MET A 13 13.04 -16.07 5.81
CA MET A 13 11.80 -16.68 6.27
C MET A 13 10.64 -15.71 6.13
N SER A 14 10.01 -15.70 4.96
CA SER A 14 8.89 -14.82 4.70
C SER A 14 7.74 -15.57 4.05
N GLU A 15 6.51 -15.20 4.41
CA GLU A 15 5.32 -15.85 3.87
C GLU A 15 4.50 -14.87 3.03
N TYR A 16 3.29 -15.28 2.67
CA TYR A 16 2.40 -14.45 1.86
C TYR A 16 1.00 -14.41 2.45
N ILE A 17 0.10 -13.70 1.79
CA ILE A 17 -1.27 -13.58 2.25
C ILE A 17 -2.24 -14.15 1.21
N ARG A 18 -3.03 -15.14 1.63
CA ARG A 18 -4.00 -15.76 0.74
C ARG A 18 -5.43 -15.42 1.16
N VAL A 19 -6.06 -14.53 0.40
CA VAL A 19 -7.42 -14.11 0.69
C VAL A 19 -8.18 -13.75 -0.59
N THR A 20 -9.49 -13.59 -0.47
CA THR A 20 -10.32 -13.26 -1.63
C THR A 20 -11.40 -12.24 -1.25
N GLU A 21 -11.79 -11.42 -2.21
CA GLU A 21 -12.81 -10.40 -1.97
C GLU A 21 -14.21 -11.00 -2.04
N ASP A 22 -14.41 -11.90 -3.00
CA ASP A 22 -15.70 -12.55 -3.18
C ASP A 22 -15.65 -14.00 -2.70
N GLU A 23 -16.70 -14.43 -1.99
CA GLU A 23 -16.77 -15.79 -1.48
C GLU A 23 -16.77 -16.80 -2.62
N ASN A 24 -17.38 -16.43 -3.74
CA ASN A 24 -17.46 -17.31 -4.90
C ASN A 24 -16.10 -17.40 -5.59
N ASP A 25 -15.30 -16.34 -5.47
CA ASP A 25 -13.98 -16.30 -6.08
C ASP A 25 -12.95 -17.03 -5.22
N GLU A 26 -11.90 -17.53 -5.85
CA GLU A 26 -10.86 -18.25 -5.15
C GLU A 26 -9.94 -17.28 -4.40
N PRO A 27 -9.29 -17.79 -3.34
CA PRO A 27 -8.37 -16.98 -2.53
C PRO A 27 -7.08 -16.65 -3.27
N ILE A 28 -6.96 -15.38 -3.67
CA ILE A 28 -5.78 -14.93 -4.39
C ILE A 28 -4.59 -14.76 -3.45
N GLU A 29 -3.40 -15.13 -3.93
CA GLU A 29 -2.19 -15.02 -3.13
C GLU A 29 -1.40 -13.77 -3.50
N ILE A 30 -0.96 -13.02 -2.50
CA ILE A 30 -0.20 -11.81 -2.74
C ILE A 30 1.10 -11.82 -1.93
N PRO A 31 2.16 -11.22 -2.51
CA PRO A 31 3.48 -11.14 -1.86
C PRO A 31 3.48 -10.21 -0.67
N SER A 32 3.62 -10.79 0.53
CA SER A 32 3.64 -10.01 1.76
C SER A 32 5.06 -9.62 2.14
N GLU A 33 5.21 -8.97 3.29
CA GLU A 33 6.52 -8.55 3.77
C GLU A 33 7.17 -9.62 4.63
N ASP A 34 8.46 -9.48 4.87
CA ASP A 34 9.20 -10.44 5.68
C ASP A 34 8.70 -10.43 7.12
N ASP A 35 8.35 -9.24 7.61
CA ASP A 35 7.86 -9.09 8.98
C ASP A 35 6.55 -9.86 9.17
N GLY A 36 5.86 -10.14 8.06
CA GLY A 36 4.61 -10.87 8.13
C GLY A 36 3.44 -10.05 7.62
N THR A 37 3.53 -8.73 7.77
CA THR A 37 2.47 -7.83 7.33
C THR A 37 2.42 -7.76 5.80
N VAL A 38 1.62 -6.84 5.29
CA VAL A 38 1.47 -6.66 3.84
C VAL A 38 1.46 -5.19 3.47
N LEU A 39 2.36 -4.81 2.57
CA LEU A 39 2.44 -3.42 2.12
C LEU A 39 1.16 -2.99 1.42
N LEU A 40 0.71 -1.77 1.72
CA LEU A 40 -0.51 -1.23 1.12
C LEU A 40 -0.48 -1.41 -0.39
N SER A 41 0.66 -1.08 -1.01
CA SER A 41 0.81 -1.20 -2.45
C SER A 41 0.39 -2.58 -2.93
N THR A 42 0.68 -3.59 -2.11
CA THR A 42 0.33 -4.97 -2.46
C THR A 42 -1.17 -5.19 -2.38
N VAL A 43 -1.82 -4.54 -1.43
CA VAL A 43 -3.27 -4.66 -1.25
C VAL A 43 -4.02 -4.02 -2.42
N THR A 44 -3.55 -2.86 -2.85
CA THR A 44 -4.19 -2.14 -3.95
C THR A 44 -3.97 -2.87 -5.27
N ALA A 45 -2.88 -3.62 -5.35
CA ALA A 45 -2.56 -4.37 -6.56
C ALA A 45 -3.77 -5.18 -7.04
N GLN A 46 -4.39 -5.90 -6.12
CA GLN A 46 -5.56 -6.72 -6.44
C GLN A 46 -6.83 -6.06 -5.94
N PHE A 47 -6.75 -5.40 -4.80
CA PHE A 47 -7.91 -4.73 -4.21
C PHE A 47 -7.70 -3.21 -4.19
N PRO A 48 -7.87 -2.58 -5.37
CA PRO A 48 -7.71 -1.13 -5.50
C PRO A 48 -8.82 -0.35 -4.81
N GLY A 49 -8.44 0.62 -3.98
CA GLY A 49 -9.41 1.42 -3.27
C GLY A 49 -9.72 0.86 -1.90
N ALA A 50 -9.61 -0.44 -1.75
CA ALA A 50 -9.88 -1.10 -0.48
C ALA A 50 -9.12 -0.44 0.66
N CYS A 51 -9.84 0.31 1.48
CA CYS A 51 -9.23 1.01 2.61
C CYS A 51 -8.90 0.04 3.74
N GLY A 52 -9.74 -0.98 3.90
CA GLY A 52 -9.53 -1.97 4.93
C GLY A 52 -10.09 -3.32 4.58
N LEU A 53 -9.47 -4.38 5.10
CA LEU A 53 -9.92 -5.74 4.83
C LEU A 53 -10.43 -6.41 6.10
N ARG A 54 -11.47 -7.23 5.96
CA ARG A 54 -12.05 -7.93 7.10
C ARG A 54 -11.70 -9.40 7.07
N TYR A 55 -11.97 -10.10 8.17
CA TYR A 55 -11.67 -11.52 8.26
C TYR A 55 -12.94 -12.36 8.16
N ARG A 56 -12.93 -13.33 7.25
CA ARG A 56 -14.07 -14.21 7.04
C ARG A 56 -13.67 -15.67 7.08
N ASN A 57 -13.84 -16.30 8.24
CA ASN A 57 -13.48 -17.70 8.42
C ASN A 57 -14.74 -18.56 8.59
N PRO A 58 -14.99 -19.43 7.61
CA PRO A 58 -16.15 -20.33 7.62
C PRO A 58 -16.03 -21.41 8.69
N VAL A 59 -14.80 -21.85 8.94
CA VAL A 59 -14.54 -22.89 9.94
C VAL A 59 -14.39 -22.28 11.33
N SER A 60 -13.89 -21.05 11.38
CA SER A 60 -13.68 -20.36 12.64
C SER A 60 -14.96 -19.68 13.11
N GLN A 61 -15.78 -19.26 12.16
CA GLN A 61 -17.04 -18.60 12.48
C GLN A 61 -16.83 -17.50 13.51
N CYS A 62 -15.68 -16.83 13.44
CA CYS A 62 -15.36 -15.76 14.37
C CYS A 62 -15.61 -14.40 13.74
N MET A 63 -15.15 -13.34 14.42
CA MET A 63 -15.33 -11.99 13.91
C MET A 63 -14.00 -11.25 13.88
N ARG A 64 -12.94 -11.97 13.52
CA ARG A 64 -11.60 -11.38 13.44
C ARG A 64 -11.58 -10.23 12.44
N GLY A 65 -10.39 -9.69 12.20
CA GLY A 65 -10.25 -8.59 11.26
C GLY A 65 -8.80 -8.23 11.00
N VAL A 66 -8.45 -8.07 9.72
CA VAL A 66 -7.09 -7.73 9.34
C VAL A 66 -6.72 -6.33 9.81
N ARG A 67 -5.76 -6.25 10.73
CA ARG A 67 -5.32 -4.96 11.26
C ARG A 67 -4.61 -4.14 10.19
N LEU A 68 -4.87 -2.83 10.20
CA LEU A 68 -4.26 -1.93 9.22
C LEU A 68 -3.62 -0.73 9.92
N VAL A 69 -2.31 -0.58 9.71
CA VAL A 69 -1.58 0.54 10.31
C VAL A 69 -0.58 1.13 9.33
N GLU A 70 -0.69 2.43 9.08
CA GLU A 70 0.20 3.13 8.16
C GLU A 70 0.09 2.54 6.75
N GLY A 71 -1.07 1.98 6.44
CA GLY A 71 -1.28 1.39 5.13
C GLY A 71 -0.89 -0.08 5.08
N ILE A 72 0.03 -0.47 5.96
CA ILE A 72 0.49 -1.85 6.02
C ILE A 72 -0.51 -2.73 6.76
N LEU A 73 -1.02 -3.75 6.06
CA LEU A 73 -1.99 -4.67 6.65
C LEU A 73 -1.29 -5.69 7.55
N HIS A 74 -1.43 -5.52 8.86
CA HIS A 74 -0.81 -6.43 9.82
C HIS A 74 -1.62 -7.71 9.94
N ALA A 75 -0.93 -8.82 10.21
CA ALA A 75 -1.58 -10.11 10.36
C ALA A 75 -1.82 -10.45 11.83
N PRO A 76 -2.81 -11.33 12.08
CA PRO A 76 -3.16 -11.76 13.43
C PRO A 76 -2.08 -12.62 14.08
N ASP A 77 -2.38 -13.16 15.25
CA ASP A 77 -1.44 -14.00 15.97
C ASP A 77 -1.42 -15.42 15.38
N ALA A 78 -2.26 -15.64 14.37
CA ALA A 78 -2.34 -16.94 13.73
C ALA A 78 -1.77 -16.90 12.32
N GLY A 79 -1.82 -15.73 11.70
CA GLY A 79 -1.29 -15.57 10.35
C GLY A 79 -2.37 -15.17 9.36
N TRP A 80 -1.99 -15.09 8.09
CA TRP A 80 -2.93 -14.72 7.04
C TRP A 80 -3.92 -15.84 6.78
N GLY A 81 -3.40 -17.01 6.41
CA GLY A 81 -4.25 -18.15 6.13
C GLY A 81 -4.77 -18.15 4.71
N ASN A 82 -5.79 -18.97 4.45
CA ASN A 82 -6.38 -19.06 3.12
C ASN A 82 -7.89 -18.87 3.18
N LEU A 83 -8.34 -18.01 4.10
CA LEU A 83 -9.76 -17.74 4.26
C LEU A 83 -10.19 -16.57 3.38
N VAL A 84 -11.45 -16.17 3.51
CA VAL A 84 -11.99 -15.07 2.73
C VAL A 84 -11.89 -13.75 3.50
N TYR A 85 -11.96 -12.64 2.78
CA TYR A 85 -11.88 -11.33 3.39
C TYR A 85 -12.95 -10.39 2.83
N VAL A 86 -13.45 -9.49 3.69
CA VAL A 86 -14.48 -8.55 3.28
C VAL A 86 -13.92 -7.13 3.18
N VAL A 87 -13.99 -6.56 1.99
CA VAL A 87 -13.48 -5.21 1.75
C VAL A 87 -14.18 -4.20 2.64
N ASN A 88 -13.56 -3.04 2.82
CA ASN A 88 -14.14 -1.99 3.65
C ASN A 88 -13.81 -0.61 3.09
N TYR A 89 -14.84 0.13 2.71
CA TYR A 89 -14.66 1.47 2.15
C TYR A 89 -15.32 2.52 3.05
N PRO A 90 -14.74 2.73 4.24
CA PRO A 90 -15.26 3.70 5.21
C PRO A 90 -15.04 5.14 4.74
N LYS A 91 -13.83 5.44 4.31
CA LYS A 91 -13.48 6.78 3.84
C LYS A 91 -12.64 6.72 2.56
N ASP A 92 -12.35 7.88 2.00
CA ASP A 92 -11.55 7.96 0.78
C ASP A 92 -10.12 8.39 1.09
N ASN A 93 -9.31 8.53 0.05
CA ASN A 93 -7.92 8.95 0.22
C ASN A 93 -7.26 9.20 -1.13
N LYS A 94 -6.22 10.03 -1.14
CA LYS A 94 -5.51 10.35 -2.36
C LYS A 94 -4.10 10.87 -2.06
N ARG A 95 -3.33 11.13 -3.11
CA ARG A 95 -1.97 11.65 -2.95
C ARG A 95 -1.55 12.46 -4.17
N LYS A 96 -0.31 12.94 -4.14
CA LYS A 96 0.21 13.74 -5.25
C LYS A 96 1.68 14.07 -5.02
N MET A 97 2.36 14.52 -6.07
CA MET A 97 3.77 14.88 -5.99
C MET A 97 4.26 15.45 -7.32
N ASP A 98 5.16 16.43 -7.22
CA ASP A 98 5.72 17.07 -8.42
C ASP A 98 6.86 18.01 -8.05
N GLU A 99 7.55 18.52 -9.06
CA GLU A 99 8.67 19.43 -8.84
C GLU A 99 9.24 19.93 -10.17
N THR A 100 9.74 21.15 -10.18
CA THR A 100 10.31 21.74 -11.38
C THR A 100 11.09 23.00 -11.05
N ASP A 101 11.63 23.65 -12.09
CA ASP A 101 12.40 24.87 -11.91
C ASP A 101 12.46 25.66 -13.21
N ALA A 102 12.96 26.89 -13.13
CA ALA A 102 13.08 27.75 -14.30
C ALA A 102 13.75 29.08 -13.95
N SER A 103 13.90 29.94 -14.95
CA SER A 103 14.53 31.24 -14.74
C SER A 103 14.52 32.06 -16.02
N SER A 104 14.89 33.33 -15.91
CA SER A 104 14.92 34.23 -17.06
C SER A 104 15.41 35.61 -16.66
N ALA A 105 15.45 36.52 -17.63
CA ALA A 105 15.90 37.89 -17.39
C ALA A 105 15.32 38.85 -18.40
N VAL A 106 15.05 40.07 -17.96
CA VAL A 106 14.48 41.10 -18.83
C VAL A 106 15.33 42.36 -18.82
N LYS A 107 14.98 43.32 -19.67
CA LYS A 107 15.71 44.58 -19.75
C LYS A 107 14.76 45.75 -20.00
N VAL A 108 15.15 46.93 -19.56
CA VAL A 108 14.33 48.13 -19.74
C VAL A 108 15.06 49.17 -20.58
N LYS A 109 14.40 50.30 -20.82
CA LYS A 109 14.98 51.38 -21.61
C LYS A 109 14.53 52.74 -21.09
N ARG A 110 14.94 53.80 -21.78
CA ARG A 110 14.57 55.15 -21.38
C ARG A 110 13.91 55.90 -22.54
N ALA A 111 13.48 57.13 -22.28
CA ALA A 111 12.83 57.94 -23.30
C ALA A 111 12.96 59.44 -22.97
N VAL A 112 13.16 60.24 -24.00
CA VAL A 112 13.30 61.68 -23.82
C VAL A 112 12.09 62.42 -24.39
N GLN A 113 11.78 63.58 -23.81
CA GLN A 113 10.64 64.37 -24.25
C GLN A 113 10.83 65.84 -23.86
N LYS A 114 11.05 66.69 -24.85
CA LYS A 114 11.22 68.12 -24.60
C LYS A 114 9.99 68.73 -23.96
N MET A 1 -21.32 1.21 0.15
CA MET A 1 -20.21 0.30 -0.04
C MET A 1 -18.89 1.06 -0.13
N ALA A 2 -18.93 2.22 -0.77
CA ALA A 2 -17.74 3.05 -0.94
C ALA A 2 -17.43 3.82 0.35
N GLY A 3 -16.26 4.44 0.40
CA GLY A 3 -15.86 5.20 1.57
C GLY A 3 -16.26 6.65 1.47
N SER A 4 -15.32 7.55 1.79
CA SER A 4 -15.58 8.98 1.75
C SER A 4 -14.33 9.74 1.33
N HIS A 5 -14.39 11.07 1.44
CA HIS A 5 -13.26 11.91 1.08
C HIS A 5 -12.76 12.70 2.29
N HIS A 6 -12.64 12.01 3.42
CA HIS A 6 -12.17 12.66 4.65
C HIS A 6 -10.74 13.15 4.49
N HIS A 7 -10.27 13.92 5.48
CA HIS A 7 -8.92 14.44 5.45
C HIS A 7 -8.61 15.19 6.75
N HIS A 8 -7.41 14.95 7.29
CA HIS A 8 -6.99 15.59 8.52
C HIS A 8 -5.47 15.68 8.60
N HIS A 9 -4.96 16.67 9.33
CA HIS A 9 -3.52 16.85 9.47
C HIS A 9 -3.15 16.98 10.95
N HIS A 10 -2.51 15.95 11.49
CA HIS A 10 -2.09 15.96 12.89
C HIS A 10 -0.61 15.65 13.01
N GLY A 11 0.04 16.25 14.02
CA GLY A 11 1.45 16.03 14.24
C GLY A 11 1.73 14.93 15.23
N SER A 12 2.45 15.27 16.30
CA SER A 12 2.79 14.29 17.33
C SER A 12 3.53 13.11 16.75
N MET A 13 3.76 12.09 17.56
CA MET A 13 4.47 10.89 17.12
C MET A 13 3.58 10.06 16.19
N SER A 14 3.90 10.09 14.91
CA SER A 14 3.13 9.34 13.92
C SER A 14 4.05 8.78 12.82
N GLU A 15 3.69 7.62 12.31
CA GLU A 15 4.48 6.97 11.27
C GLU A 15 3.73 6.97 9.94
N TYR A 16 4.26 6.24 8.96
CA TYR A 16 3.64 6.17 7.65
C TYR A 16 3.58 4.72 7.15
N ILE A 17 3.05 4.54 5.95
CA ILE A 17 2.94 3.21 5.36
C ILE A 17 3.66 3.13 4.02
N ARG A 18 4.56 2.17 3.90
CA ARG A 18 5.33 1.99 2.67
C ARG A 18 5.03 0.64 2.03
N VAL A 19 4.25 0.66 0.95
CA VAL A 19 3.89 -0.57 0.25
C VAL A 19 3.69 -0.31 -1.24
N THR A 20 3.99 -1.32 -2.05
CA THR A 20 3.85 -1.21 -3.50
C THR A 20 2.82 -2.21 -4.03
N GLU A 21 2.15 -1.84 -5.12
CA GLU A 21 1.14 -2.69 -5.72
C GLU A 21 1.79 -3.86 -6.46
N ASP A 22 2.77 -3.56 -7.30
CA ASP A 22 3.47 -4.58 -8.07
C ASP A 22 4.88 -4.79 -7.51
N GLU A 23 5.37 -6.02 -7.63
CA GLU A 23 6.70 -6.36 -7.15
C GLU A 23 7.78 -5.58 -7.90
N ASN A 24 7.53 -5.34 -9.19
CA ASN A 24 8.47 -4.61 -10.03
C ASN A 24 8.45 -3.13 -9.71
N ASP A 25 7.30 -2.65 -9.23
CA ASP A 25 7.15 -1.24 -8.87
C ASP A 25 7.83 -0.94 -7.55
N GLU A 26 8.22 0.32 -7.36
CA GLU A 26 8.89 0.75 -6.14
C GLU A 26 7.88 0.96 -5.01
N PRO A 27 8.35 0.80 -3.76
CA PRO A 27 7.51 0.97 -2.58
C PRO A 27 7.10 2.42 -2.35
N ILE A 28 5.86 2.74 -2.68
CA ILE A 28 5.35 4.11 -2.51
C ILE A 28 5.06 4.40 -1.05
N GLU A 29 5.55 5.53 -0.57
CA GLU A 29 5.34 5.94 0.81
C GLU A 29 4.18 6.92 0.92
N ILE A 30 3.21 6.61 1.78
CA ILE A 30 2.05 7.46 1.97
C ILE A 30 1.85 7.78 3.46
N PRO A 31 1.16 8.89 3.73
CA PRO A 31 0.87 9.32 5.10
C PRO A 31 -0.13 8.41 5.81
N SER A 32 0.09 8.18 7.09
CA SER A 32 -0.80 7.32 7.89
C SER A 32 -1.25 8.03 9.16
N GLU A 33 -2.42 7.64 9.65
CA GLU A 33 -2.97 8.25 10.87
C GLU A 33 -1.98 8.11 12.02
N ASP A 34 -2.17 8.94 13.05
CA ASP A 34 -1.30 8.92 14.22
C ASP A 34 -1.44 7.59 14.98
N ASP A 35 -2.65 7.05 14.99
CA ASP A 35 -2.92 5.79 15.66
C ASP A 35 -2.12 4.66 15.04
N GLY A 36 -1.67 4.87 13.80
CA GLY A 36 -0.90 3.84 13.11
C GLY A 36 -1.58 3.36 11.85
N THR A 37 -2.92 3.39 11.85
CA THR A 37 -3.69 2.95 10.70
C THR A 37 -3.53 3.91 9.52
N VAL A 38 -4.33 3.70 8.48
CA VAL A 38 -4.27 4.55 7.30
C VAL A 38 -5.67 4.87 6.78
N LEU A 39 -5.91 6.14 6.48
CA LEU A 39 -7.21 6.58 5.98
C LEU A 39 -7.45 6.05 4.57
N LEU A 40 -8.63 5.48 4.36
CA LEU A 40 -9.00 4.92 3.06
C LEU A 40 -8.73 5.94 1.95
N SER A 41 -8.97 7.22 2.25
CA SER A 41 -8.75 8.28 1.28
C SER A 41 -7.34 8.23 0.72
N THR A 42 -6.38 7.86 1.56
CA THR A 42 -4.99 7.78 1.15
C THR A 42 -4.75 6.57 0.24
N VAL A 43 -5.30 5.42 0.65
CA VAL A 43 -5.15 4.20 -0.12
C VAL A 43 -5.59 4.40 -1.57
N THR A 44 -6.61 5.22 -1.75
CA THR A 44 -7.12 5.50 -3.09
C THR A 44 -6.19 6.44 -3.86
N ALA A 45 -5.43 7.24 -3.12
CA ALA A 45 -4.49 8.17 -3.73
C ALA A 45 -3.64 7.48 -4.79
N GLN A 46 -3.08 6.32 -4.44
CA GLN A 46 -2.25 5.56 -5.36
C GLN A 46 -2.97 4.31 -5.85
N PHE A 47 -3.78 3.73 -4.97
CA PHE A 47 -4.53 2.52 -5.31
C PHE A 47 -6.02 2.81 -5.36
N PRO A 48 -6.48 3.47 -6.43
CA PRO A 48 -7.88 3.82 -6.62
C PRO A 48 -8.75 2.59 -6.90
N GLY A 49 -9.83 2.46 -6.14
CA GLY A 49 -10.72 1.33 -6.33
C GLY A 49 -10.38 0.16 -5.42
N ALA A 50 -9.11 0.06 -5.04
CA ALA A 50 -8.66 -1.01 -4.17
C ALA A 50 -9.54 -1.12 -2.94
N CYS A 51 -10.13 -2.30 -2.74
CA CYS A 51 -11.00 -2.54 -1.60
C CYS A 51 -10.21 -3.05 -0.41
N GLY A 52 -9.19 -3.86 -0.69
CA GLY A 52 -8.36 -4.41 0.38
C GLY A 52 -6.94 -4.66 -0.06
N LEU A 53 -6.00 -4.57 0.87
CA LEU A 53 -4.59 -4.79 0.58
C LEU A 53 -4.07 -6.03 1.30
N ARG A 54 -3.18 -6.77 0.64
CA ARG A 54 -2.60 -7.97 1.22
C ARG A 54 -1.16 -7.74 1.63
N TYR A 55 -0.60 -8.66 2.41
CA TYR A 55 0.77 -8.56 2.88
C TYR A 55 1.69 -9.51 2.12
N ARG A 56 2.79 -8.98 1.58
CA ARG A 56 3.74 -9.79 0.84
C ARG A 56 5.15 -9.60 1.37
N ASN A 57 5.60 -10.54 2.19
CA ASN A 57 6.94 -10.47 2.77
C ASN A 57 7.80 -11.64 2.29
N PRO A 58 9.06 -11.34 1.95
CA PRO A 58 10.01 -12.35 1.47
C PRO A 58 10.44 -13.31 2.57
N VAL A 59 10.56 -12.79 3.78
CA VAL A 59 10.96 -13.60 4.93
C VAL A 59 9.76 -14.28 5.57
N SER A 60 8.59 -13.64 5.46
CA SER A 60 7.36 -14.18 6.02
C SER A 60 6.80 -15.28 5.14
N GLN A 61 7.05 -15.20 3.84
CA GLN A 61 6.57 -16.19 2.89
C GLN A 61 5.05 -16.18 2.83
N CYS A 62 4.46 -14.98 2.89
CA CYS A 62 3.01 -14.84 2.85
C CYS A 62 2.36 -15.44 4.09
N MET A 63 1.61 -14.62 4.81
CA MET A 63 0.94 -15.08 6.03
C MET A 63 0.14 -13.94 6.66
N ARG A 64 0.66 -12.73 6.56
CA ARG A 64 -0.01 -11.56 7.13
C ARG A 64 -1.00 -10.97 6.14
N GLY A 65 -1.62 -9.86 6.51
CA GLY A 65 -2.59 -9.21 5.64
C GLY A 65 -3.16 -7.95 6.24
N VAL A 66 -2.95 -6.82 5.56
CA VAL A 66 -3.45 -5.54 6.04
C VAL A 66 -4.93 -5.60 6.38
N ARG A 67 -5.25 -5.36 7.65
CA ARG A 67 -6.63 -5.39 8.10
C ARG A 67 -7.37 -4.11 7.72
N LEU A 68 -8.63 -4.26 7.32
CA LEU A 68 -9.45 -3.11 6.92
C LEU A 68 -10.70 -3.03 7.77
N VAL A 69 -10.93 -1.85 8.35
CA VAL A 69 -12.10 -1.62 9.20
C VAL A 69 -12.64 -0.21 9.01
N GLU A 70 -13.86 -0.11 8.49
CA GLU A 70 -14.49 1.19 8.27
C GLU A 70 -13.71 2.00 7.24
N GLY A 71 -13.03 1.30 6.34
CA GLY A 71 -12.26 1.98 5.31
C GLY A 71 -10.83 2.26 5.74
N ILE A 72 -10.63 2.38 7.05
CA ILE A 72 -9.30 2.64 7.60
C ILE A 72 -8.46 1.38 7.64
N LEU A 73 -7.35 1.38 6.90
CA LEU A 73 -6.46 0.22 6.86
C LEU A 73 -5.62 0.14 8.12
N HIS A 74 -5.89 -0.87 8.95
CA HIS A 74 -5.15 -1.06 10.19
C HIS A 74 -3.83 -1.78 9.94
N ALA A 75 -2.83 -1.49 10.75
CA ALA A 75 -1.52 -2.10 10.61
C ALA A 75 -1.35 -3.26 11.60
N PRO A 76 -0.44 -4.19 11.28
CA PRO A 76 -0.17 -5.35 12.11
C PRO A 76 0.53 -4.97 13.42
N ASP A 77 0.92 -5.98 14.20
CA ASP A 77 1.60 -5.76 15.46
C ASP A 77 3.07 -5.41 15.24
N ALA A 78 3.49 -5.44 13.98
CA ALA A 78 4.88 -5.14 13.64
C ALA A 78 4.98 -3.80 12.93
N GLY A 79 3.90 -3.39 12.28
CA GLY A 79 3.89 -2.12 11.56
C GLY A 79 3.72 -2.31 10.06
N TRP A 80 3.68 -1.19 9.34
CA TRP A 80 3.53 -1.24 7.88
C TRP A 80 4.76 -1.85 7.22
N GLY A 81 5.91 -1.23 7.45
CA GLY A 81 7.15 -1.73 6.87
C GLY A 81 7.37 -1.22 5.46
N ASN A 82 8.28 -1.87 4.73
CA ASN A 82 8.58 -1.48 3.37
C ASN A 82 8.48 -2.67 2.42
N LEU A 83 7.55 -3.57 2.71
CA LEU A 83 7.34 -4.76 1.89
C LEU A 83 6.34 -4.48 0.79
N VAL A 84 5.99 -5.52 0.02
CA VAL A 84 5.04 -5.39 -1.07
C VAL A 84 3.63 -5.77 -0.61
N TYR A 85 2.63 -5.31 -1.35
CA TYR A 85 1.24 -5.60 -1.02
C TYR A 85 0.47 -6.04 -2.26
N VAL A 86 -0.51 -6.92 -2.05
CA VAL A 86 -1.32 -7.41 -3.15
C VAL A 86 -2.75 -6.86 -3.08
N VAL A 87 -3.19 -6.24 -4.16
CA VAL A 87 -4.53 -5.66 -4.22
C VAL A 87 -5.60 -6.74 -4.04
N ASN A 88 -6.78 -6.33 -3.61
CA ASN A 88 -7.89 -7.24 -3.39
C ASN A 88 -9.22 -6.59 -3.74
N TYR A 89 -9.60 -6.70 -5.01
CA TYR A 89 -10.86 -6.12 -5.47
C TYR A 89 -12.03 -7.04 -5.18
N PRO A 90 -13.24 -6.46 -5.07
CA PRO A 90 -14.46 -7.21 -4.80
C PRO A 90 -14.89 -8.09 -5.97
N LYS A 91 -16.04 -8.73 -5.84
CA LYS A 91 -16.56 -9.60 -6.88
C LYS A 91 -17.91 -9.09 -7.39
N ASP A 92 -17.87 -8.19 -8.36
CA ASP A 92 -19.09 -7.62 -8.93
C ASP A 92 -18.76 -6.67 -10.07
N ASN A 93 -19.68 -6.54 -11.02
CA ASN A 93 -19.49 -5.66 -12.17
C ASN A 93 -19.20 -4.24 -11.71
N LYS A 94 -18.23 -3.60 -12.37
CA LYS A 94 -17.85 -2.24 -12.03
C LYS A 94 -16.97 -1.63 -13.12
N ARG A 95 -17.17 -0.35 -13.39
CA ARG A 95 -16.39 0.34 -14.41
C ARG A 95 -16.08 1.78 -13.98
N LYS A 96 -14.80 2.12 -13.95
CA LYS A 96 -14.37 3.46 -13.56
C LYS A 96 -12.88 3.64 -13.81
N MET A 97 -12.51 4.79 -14.37
CA MET A 97 -11.12 5.10 -14.66
C MET A 97 -10.81 6.56 -14.35
N ASP A 98 -9.52 6.88 -14.30
CA ASP A 98 -9.09 8.25 -14.02
C ASP A 98 -7.72 8.52 -14.64
N GLU A 99 -7.32 9.78 -14.64
CA GLU A 99 -6.04 10.18 -15.21
C GLU A 99 -4.99 10.36 -14.11
N THR A 100 -3.73 10.08 -14.45
CA THR A 100 -2.64 10.20 -13.49
C THR A 100 -1.31 10.35 -14.20
N ASP A 101 -0.51 11.32 -13.77
CA ASP A 101 0.80 11.56 -14.37
C ASP A 101 1.86 11.78 -13.30
N ALA A 102 3.05 11.25 -13.53
CA ALA A 102 4.15 11.38 -12.57
C ALA A 102 5.46 10.90 -13.18
N SER A 103 6.58 11.26 -12.54
CA SER A 103 7.89 10.86 -13.01
C SER A 103 8.79 10.47 -11.85
N SER A 104 9.48 9.33 -11.99
CA SER A 104 10.38 8.85 -10.95
C SER A 104 11.33 7.79 -11.51
N ALA A 105 12.44 8.25 -12.09
CA ALA A 105 13.42 7.35 -12.66
C ALA A 105 14.62 7.20 -11.73
N VAL A 106 15.12 5.97 -11.61
CA VAL A 106 16.27 5.69 -10.75
C VAL A 106 17.06 4.50 -11.27
N LYS A 107 18.39 4.61 -11.18
CA LYS A 107 19.27 3.55 -11.65
C LYS A 107 20.13 3.02 -10.51
N VAL A 108 20.98 2.03 -10.82
CA VAL A 108 21.86 1.44 -9.82
C VAL A 108 23.24 1.17 -10.40
N LYS A 109 24.10 0.54 -9.61
CA LYS A 109 25.45 0.21 -10.04
C LYS A 109 25.70 -1.29 -9.99
N ARG A 110 25.73 -1.92 -11.16
CA ARG A 110 25.96 -3.36 -11.24
C ARG A 110 27.44 -3.68 -11.16
N ALA A 111 27.80 -4.57 -10.24
CA ALA A 111 29.19 -4.98 -10.06
C ALA A 111 29.51 -6.23 -10.86
N VAL A 112 30.72 -6.76 -10.66
CA VAL A 112 31.15 -7.96 -11.36
C VAL A 112 30.76 -9.22 -10.59
N GLN A 113 30.88 -10.37 -11.25
CA GLN A 113 30.54 -11.65 -10.62
C GLN A 113 31.57 -12.71 -10.96
N LYS A 114 32.79 -12.53 -10.47
CA LYS A 114 33.87 -13.48 -10.72
C LYS A 114 34.47 -13.99 -9.41
N MET A 1 -18.89 5.44 6.33
CA MET A 1 -17.64 5.63 5.62
C MET A 1 -17.90 6.11 4.20
N ALA A 2 -18.01 7.42 4.03
CA ALA A 2 -18.25 8.01 2.72
C ALA A 2 -16.95 8.48 2.07
N GLY A 3 -16.78 8.15 0.79
CA GLY A 3 -15.58 8.55 0.08
C GLY A 3 -15.75 9.86 -0.67
N SER A 4 -15.18 10.93 -0.12
CA SER A 4 -15.29 12.24 -0.74
C SER A 4 -13.91 12.73 -1.21
N HIS A 5 -13.12 11.81 -1.74
CA HIS A 5 -11.78 12.13 -2.23
C HIS A 5 -11.58 11.63 -3.65
N HIS A 6 -11.57 12.55 -4.60
CA HIS A 6 -11.39 12.20 -6.01
C HIS A 6 -10.34 13.11 -6.66
N HIS A 7 -9.68 12.58 -7.69
CA HIS A 7 -8.65 13.34 -8.40
C HIS A 7 -7.55 13.80 -7.45
N HIS A 8 -6.52 12.97 -7.31
CA HIS A 8 -5.39 13.29 -6.43
C HIS A 8 -4.19 13.75 -7.23
N HIS A 9 -3.45 14.70 -6.67
CA HIS A 9 -2.26 15.24 -7.34
C HIS A 9 -1.05 14.35 -7.08
N HIS A 10 -0.96 13.80 -5.88
CA HIS A 10 0.16 12.93 -5.52
C HIS A 10 1.49 13.64 -5.73
N GLY A 11 1.76 14.63 -4.89
CA GLY A 11 3.00 15.37 -4.99
C GLY A 11 4.12 14.75 -4.18
N SER A 12 4.27 15.21 -2.93
CA SER A 12 5.31 14.69 -2.05
C SER A 12 4.84 13.43 -1.32
N MET A 13 5.77 12.77 -0.65
CA MET A 13 5.45 11.55 0.10
C MET A 13 6.55 11.22 1.10
N SER A 14 6.26 10.30 2.02
CA SER A 14 7.22 9.90 3.03
C SER A 14 7.67 8.46 2.81
N GLU A 15 6.80 7.51 3.12
CA GLU A 15 7.11 6.09 2.96
C GLU A 15 6.17 5.44 1.96
N TYR A 16 6.21 4.12 1.88
CA TYR A 16 5.37 3.38 0.96
C TYR A 16 4.75 2.16 1.64
N ILE A 17 3.97 1.39 0.88
CA ILE A 17 3.33 0.20 1.42
C ILE A 17 3.77 -1.04 0.67
N ARG A 18 4.31 -2.02 1.39
CA ARG A 18 4.77 -3.26 0.79
C ARG A 18 3.92 -4.44 1.27
N VAL A 19 3.05 -4.92 0.39
CA VAL A 19 2.18 -6.04 0.71
C VAL A 19 1.86 -6.87 -0.53
N THR A 20 1.53 -8.14 -0.32
CA THR A 20 1.21 -9.04 -1.42
C THR A 20 -0.17 -9.67 -1.24
N GLU A 21 -0.86 -9.94 -2.34
CA GLU A 21 -2.18 -10.53 -2.29
C GLU A 21 -2.09 -12.04 -1.97
N ASP A 22 -1.18 -12.73 -2.66
CA ASP A 22 -0.99 -14.16 -2.45
C ASP A 22 0.26 -14.42 -1.63
N GLU A 23 0.20 -15.43 -0.77
CA GLU A 23 1.32 -15.80 0.07
C GLU A 23 2.51 -16.25 -0.76
N ASN A 24 2.22 -16.91 -1.88
CA ASN A 24 3.26 -17.40 -2.77
C ASN A 24 3.88 -16.25 -3.58
N ASP A 25 3.08 -15.21 -3.81
CA ASP A 25 3.54 -14.06 -4.56
C ASP A 25 4.44 -13.17 -3.70
N GLU A 26 5.36 -12.47 -4.36
CA GLU A 26 6.29 -11.59 -3.66
C GLU A 26 5.59 -10.31 -3.21
N PRO A 27 6.11 -9.70 -2.14
CA PRO A 27 5.55 -8.46 -1.59
C PRO A 27 5.77 -7.26 -2.50
N ILE A 28 4.72 -6.83 -3.18
CA ILE A 28 4.80 -5.70 -4.10
C ILE A 28 4.76 -4.38 -3.33
N GLU A 29 5.55 -3.42 -3.78
CA GLU A 29 5.60 -2.10 -3.14
C GLU A 29 4.86 -1.06 -3.97
N ILE A 30 4.05 -0.26 -3.31
CA ILE A 30 3.28 0.78 -3.98
C ILE A 30 3.50 2.14 -3.33
N PRO A 31 3.41 3.21 -4.14
CA PRO A 31 3.59 4.57 -3.66
C PRO A 31 2.44 5.03 -2.77
N SER A 32 2.74 5.31 -1.50
CA SER A 32 1.74 5.75 -0.54
C SER A 32 1.75 7.27 -0.41
N GLU A 33 0.92 7.79 0.50
CA GLU A 33 0.83 9.23 0.72
C GLU A 33 1.86 9.68 1.75
N ASP A 34 2.03 10.99 1.87
CA ASP A 34 2.98 11.56 2.82
C ASP A 34 2.51 11.36 4.25
N ASP A 35 1.20 11.44 4.45
CA ASP A 35 0.62 11.26 5.78
C ASP A 35 0.87 9.86 6.31
N GLY A 36 1.17 8.93 5.39
CA GLY A 36 1.43 7.56 5.79
C GLY A 36 0.43 6.59 5.21
N THR A 37 -0.80 7.06 5.01
CA THR A 37 -1.87 6.22 4.46
C THR A 37 -1.61 5.92 2.99
N VAL A 38 -2.61 5.31 2.35
CA VAL A 38 -2.50 4.96 0.93
C VAL A 38 -3.80 5.29 0.19
N LEU A 39 -3.67 5.88 -0.99
CA LEU A 39 -4.82 6.24 -1.80
C LEU A 39 -5.48 5.00 -2.39
N LEU A 40 -6.81 4.92 -2.26
CA LEU A 40 -7.56 3.78 -2.77
C LEU A 40 -7.18 3.51 -4.23
N SER A 41 -6.96 4.57 -4.99
CA SER A 41 -6.61 4.44 -6.40
C SER A 41 -5.39 3.54 -6.58
N THR A 42 -4.46 3.63 -5.62
CA THR A 42 -3.25 2.81 -5.68
C THR A 42 -3.55 1.36 -5.34
N VAL A 43 -4.41 1.14 -4.37
CA VAL A 43 -4.78 -0.21 -3.97
C VAL A 43 -5.36 -0.99 -5.14
N THR A 44 -6.14 -0.31 -5.97
CA THR A 44 -6.75 -0.94 -7.14
C THR A 44 -5.73 -1.18 -8.24
N ALA A 45 -4.70 -0.33 -8.27
CA ALA A 45 -3.65 -0.46 -9.28
C ALA A 45 -3.13 -1.89 -9.37
N GLN A 46 -2.84 -2.48 -8.22
CA GLN A 46 -2.34 -3.85 -8.17
C GLN A 46 -3.40 -4.80 -7.65
N PHE A 47 -4.25 -4.30 -6.76
CA PHE A 47 -5.32 -5.11 -6.18
C PHE A 47 -6.69 -4.55 -6.56
N PRO A 48 -7.10 -4.82 -7.81
CA PRO A 48 -8.40 -4.36 -8.33
C PRO A 48 -9.58 -5.08 -7.68
N GLY A 49 -10.53 -4.30 -7.16
CA GLY A 49 -11.69 -4.89 -6.52
C GLY A 49 -11.51 -5.05 -5.03
N ALA A 50 -10.26 -5.13 -4.59
CA ALA A 50 -9.95 -5.28 -3.17
C ALA A 50 -10.51 -4.13 -2.36
N CYS A 51 -11.68 -4.33 -1.79
CA CYS A 51 -12.33 -3.29 -0.98
C CYS A 51 -11.63 -3.14 0.37
N GLY A 52 -11.13 -4.25 0.91
CA GLY A 52 -10.45 -4.23 2.18
C GLY A 52 -9.25 -5.15 2.23
N LEU A 53 -8.20 -4.73 2.92
CA LEU A 53 -6.98 -5.52 3.04
C LEU A 53 -6.77 -5.99 4.48
N ARG A 54 -6.29 -7.21 4.63
CA ARG A 54 -6.04 -7.78 5.95
C ARG A 54 -4.55 -7.83 6.24
N TYR A 55 -4.21 -8.03 7.51
CA TYR A 55 -2.81 -8.08 7.93
C TYR A 55 -2.38 -9.53 8.19
N ARG A 56 -1.27 -9.93 7.60
CA ARG A 56 -0.75 -11.28 7.76
C ARG A 56 0.73 -11.26 8.16
N ASN A 57 0.98 -11.37 9.46
CA ASN A 57 2.34 -11.36 9.98
C ASN A 57 2.75 -12.75 10.50
N PRO A 58 3.71 -13.38 9.81
CA PRO A 58 4.20 -14.71 10.17
C PRO A 58 5.00 -14.69 11.47
N VAL A 59 5.72 -13.59 11.71
CA VAL A 59 6.52 -13.45 12.91
C VAL A 59 5.69 -12.90 14.07
N SER A 60 4.67 -12.12 13.75
CA SER A 60 3.80 -11.54 14.75
C SER A 60 2.70 -12.51 15.16
N GLN A 61 2.30 -13.36 14.22
CA GLN A 61 1.25 -14.35 14.48
C GLN A 61 0.04 -13.69 15.13
N CYS A 62 -0.25 -12.45 14.72
CA CYS A 62 -1.38 -11.72 15.27
C CYS A 62 -2.56 -11.73 14.30
N MET A 63 -3.57 -10.92 14.58
CA MET A 63 -4.75 -10.84 13.73
C MET A 63 -5.06 -9.39 13.38
N ARG A 64 -4.01 -8.58 13.21
CA ARG A 64 -4.18 -7.18 12.87
C ARG A 64 -4.94 -7.02 11.55
N GLY A 65 -5.04 -5.78 11.08
CA GLY A 65 -5.74 -5.52 9.83
C GLY A 65 -5.59 -4.08 9.37
N VAL A 66 -5.43 -3.89 8.07
CA VAL A 66 -5.27 -2.56 7.51
C VAL A 66 -6.55 -1.74 7.65
N ARG A 67 -6.41 -0.49 8.08
CA ARG A 67 -7.56 0.38 8.27
C ARG A 67 -7.96 1.03 6.95
N LEU A 68 -9.27 1.17 6.74
CA LEU A 68 -9.79 1.77 5.52
C LEU A 68 -10.82 2.86 5.84
N VAL A 69 -10.52 4.09 5.43
CA VAL A 69 -11.40 5.22 5.67
C VAL A 69 -11.51 6.11 4.44
N GLU A 70 -12.71 6.24 3.91
CA GLU A 70 -12.94 7.07 2.73
C GLU A 70 -12.12 6.58 1.55
N GLY A 71 -11.84 5.28 1.53
CA GLY A 71 -11.06 4.70 0.46
C GLY A 71 -9.57 4.71 0.74
N ILE A 72 -9.14 5.67 1.56
CA ILE A 72 -7.73 5.78 1.92
C ILE A 72 -7.34 4.77 2.99
N LEU A 73 -6.51 3.80 2.61
CA LEU A 73 -6.06 2.78 3.54
C LEU A 73 -5.06 3.35 4.55
N HIS A 74 -5.48 3.42 5.82
CA HIS A 74 -4.63 3.95 6.87
C HIS A 74 -3.66 2.89 7.36
N ALA A 75 -2.50 3.33 7.85
CA ALA A 75 -1.48 2.40 8.35
C ALA A 75 -1.55 2.28 9.87
N PRO A 76 -1.09 1.15 10.39
CA PRO A 76 -1.08 0.88 11.83
C PRO A 76 -0.08 1.74 12.58
N ASP A 77 0.08 1.48 13.87
CA ASP A 77 1.01 2.23 14.70
C ASP A 77 2.45 1.76 14.48
N ALA A 78 2.60 0.73 13.64
CA ALA A 78 3.91 0.18 13.35
C ALA A 78 4.32 0.49 11.91
N GLY A 79 3.33 0.71 11.06
CA GLY A 79 3.61 1.02 9.66
C GLY A 79 3.15 -0.09 8.72
N TRP A 80 3.34 0.13 7.43
CA TRP A 80 2.93 -0.85 6.43
C TRP A 80 3.75 -2.13 6.55
N GLY A 81 5.07 -2.00 6.42
CA GLY A 81 5.95 -3.15 6.52
C GLY A 81 6.06 -3.90 5.22
N ASN A 82 6.58 -5.13 5.28
CA ASN A 82 6.74 -5.96 4.09
C ASN A 82 6.10 -7.33 4.29
N LEU A 83 5.00 -7.36 5.04
CA LEU A 83 4.30 -8.61 5.31
C LEU A 83 3.26 -8.89 4.23
N VAL A 84 2.49 -9.96 4.41
CA VAL A 84 1.46 -10.33 3.45
C VAL A 84 0.11 -9.75 3.85
N TYR A 85 -0.79 -9.65 2.87
CA TYR A 85 -2.12 -9.10 3.11
C TYR A 85 -3.19 -9.95 2.44
N VAL A 86 -4.36 -10.02 3.07
CA VAL A 86 -5.47 -10.80 2.52
C VAL A 86 -6.57 -9.89 1.98
N VAL A 87 -7.01 -10.18 0.75
CA VAL A 87 -8.06 -9.39 0.11
C VAL A 87 -9.42 -9.70 0.71
N ASN A 88 -10.23 -8.66 0.86
CA ASN A 88 -11.58 -8.81 1.43
C ASN A 88 -12.55 -7.83 0.80
N TYR A 89 -13.82 -8.22 0.72
CA TYR A 89 -14.85 -7.36 0.14
C TYR A 89 -16.22 -8.03 0.24
N PRO A 90 -17.28 -7.21 0.12
CA PRO A 90 -18.66 -7.69 0.19
C PRO A 90 -19.04 -8.53 -1.02
N LYS A 91 -18.59 -8.11 -2.20
CA LYS A 91 -18.89 -8.83 -3.43
C LYS A 91 -17.94 -8.40 -4.55
N ASP A 92 -17.69 -7.10 -4.65
CA ASP A 92 -16.81 -6.56 -5.67
C ASP A 92 -16.49 -5.09 -5.40
N ASN A 93 -17.53 -4.26 -5.44
CA ASN A 93 -17.37 -2.83 -5.20
C ASN A 93 -16.42 -2.21 -6.23
N LYS A 94 -16.93 -2.00 -7.45
CA LYS A 94 -16.14 -1.42 -8.51
C LYS A 94 -15.93 0.08 -8.29
N ARG A 95 -15.24 0.72 -9.22
CA ARG A 95 -14.97 2.15 -9.12
C ARG A 95 -14.44 2.69 -10.44
N LYS A 96 -13.45 2.02 -11.00
CA LYS A 96 -12.85 2.43 -12.26
C LYS A 96 -12.22 3.81 -12.14
N MET A 97 -11.58 4.27 -13.21
CA MET A 97 -10.94 5.58 -13.22
C MET A 97 -9.83 5.65 -12.18
N ASP A 98 -8.67 5.09 -12.51
CA ASP A 98 -7.53 5.10 -11.60
C ASP A 98 -6.31 5.75 -12.26
N GLU A 99 -5.27 5.98 -11.47
CA GLU A 99 -4.05 6.60 -11.97
C GLU A 99 -2.84 5.72 -11.67
N THR A 100 -1.68 6.14 -12.17
CA THR A 100 -0.44 5.40 -11.96
C THR A 100 0.78 6.31 -12.12
N ASP A 101 1.82 6.02 -11.35
CA ASP A 101 3.05 6.81 -11.41
C ASP A 101 4.09 6.27 -10.45
N ALA A 102 5.29 6.84 -10.50
CA ALA A 102 6.38 6.41 -9.63
C ALA A 102 7.48 7.46 -9.56
N SER A 103 8.23 7.46 -8.46
CA SER A 103 9.30 8.42 -8.27
C SER A 103 10.67 7.76 -8.46
N SER A 104 11.53 8.41 -9.22
CA SER A 104 12.86 7.88 -9.49
C SER A 104 13.86 8.37 -8.45
N ALA A 105 14.24 9.64 -8.55
CA ALA A 105 15.18 10.25 -7.62
C ALA A 105 16.47 9.43 -7.55
N VAL A 106 17.42 9.76 -8.42
CA VAL A 106 18.70 9.06 -8.46
C VAL A 106 19.71 9.71 -7.53
N LYS A 107 20.46 8.90 -6.79
CA LYS A 107 21.46 9.40 -5.86
C LYS A 107 22.87 9.03 -6.34
N VAL A 108 23.84 9.87 -5.99
CA VAL A 108 25.23 9.63 -6.38
C VAL A 108 25.96 8.81 -5.33
N LYS A 109 26.83 7.91 -5.78
CA LYS A 109 27.60 7.06 -4.88
C LYS A 109 28.78 7.82 -4.29
N ARG A 110 29.76 8.13 -5.13
CA ARG A 110 30.94 8.86 -4.68
C ARG A 110 31.70 8.07 -3.62
N ALA A 111 32.88 8.56 -3.24
CA ALA A 111 33.70 7.91 -2.23
C ALA A 111 34.95 8.73 -1.93
N VAL A 112 35.77 8.21 -1.01
CA VAL A 112 37.00 8.89 -0.63
C VAL A 112 38.10 7.90 -0.27
N GLN A 113 39.26 8.42 0.12
CA GLN A 113 40.38 7.57 0.49
C GLN A 113 40.90 7.92 1.88
N LYS A 114 40.88 6.96 2.79
CA LYS A 114 41.36 7.18 4.15
C LYS A 114 40.55 8.27 4.83
N MET A 1 36.44 -23.52 -6.61
CA MET A 1 35.22 -23.79 -5.86
C MET A 1 34.41 -22.50 -5.66
N ALA A 2 33.68 -22.10 -6.68
CA ALA A 2 32.87 -20.89 -6.62
C ALA A 2 31.43 -21.17 -7.02
N GLY A 3 30.54 -21.23 -6.03
CA GLY A 3 29.14 -21.49 -6.32
C GLY A 3 28.38 -21.92 -5.07
N SER A 4 27.93 -20.95 -4.29
CA SER A 4 27.18 -21.22 -3.07
C SER A 4 25.84 -21.86 -3.39
N HIS A 5 25.48 -22.89 -2.62
CA HIS A 5 24.22 -23.59 -2.81
C HIS A 5 23.07 -22.85 -2.14
N HIS A 6 23.16 -22.71 -0.82
CA HIS A 6 22.13 -22.02 -0.05
C HIS A 6 22.67 -21.56 1.30
N HIS A 7 22.93 -20.26 1.42
CA HIS A 7 23.45 -19.70 2.66
C HIS A 7 22.46 -19.92 3.81
N HIS A 8 22.99 -19.98 5.03
CA HIS A 8 22.16 -20.19 6.21
C HIS A 8 21.88 -18.87 6.91
N HIS A 9 20.60 -18.55 7.09
CA HIS A 9 20.20 -17.31 7.74
C HIS A 9 19.03 -17.55 8.69
N HIS A 10 19.23 -17.25 9.97
CA HIS A 10 18.19 -17.44 10.98
C HIS A 10 17.84 -16.11 11.65
N GLY A 11 17.51 -15.11 10.83
CA GLY A 11 17.16 -13.81 11.36
C GLY A 11 15.96 -13.20 10.66
N SER A 12 15.01 -12.71 11.43
CA SER A 12 13.80 -12.10 10.87
C SER A 12 13.77 -10.61 11.17
N MET A 13 14.34 -9.81 10.27
CA MET A 13 14.36 -8.36 10.44
C MET A 13 13.07 -7.73 9.93
N SER A 14 12.59 -8.22 8.79
CA SER A 14 11.35 -7.70 8.21
C SER A 14 10.60 -8.81 7.46
N GLU A 15 9.27 -8.74 7.51
CA GLU A 15 8.44 -9.73 6.84
C GLU A 15 7.68 -9.10 5.67
N TYR A 16 6.74 -9.85 5.12
CA TYR A 16 5.94 -9.37 3.99
C TYR A 16 4.46 -9.73 4.17
N ILE A 17 3.65 -9.36 3.19
CA ILE A 17 2.22 -9.64 3.25
C ILE A 17 1.79 -10.49 2.06
N ARG A 18 1.15 -11.62 2.35
CA ARG A 18 0.68 -12.53 1.32
C ARG A 18 -0.84 -12.62 1.32
N VAL A 19 -1.47 -11.97 0.33
CA VAL A 19 -2.92 -11.98 0.21
C VAL A 19 -3.35 -11.88 -1.24
N THR A 20 -4.55 -12.39 -1.53
CA THR A 20 -5.08 -12.35 -2.89
C THR A 20 -6.43 -11.64 -2.93
N GLU A 21 -6.73 -11.01 -4.07
CA GLU A 21 -7.99 -10.30 -4.23
C GLU A 21 -9.15 -11.27 -4.43
N ASP A 22 -8.97 -12.22 -5.35
CA ASP A 22 -10.00 -13.21 -5.63
C ASP A 22 -9.62 -14.57 -5.07
N GLU A 23 -10.60 -15.29 -4.54
CA GLU A 23 -10.36 -16.62 -3.98
C GLU A 23 -9.83 -17.57 -5.04
N ASN A 24 -10.27 -17.39 -6.27
CA ASN A 24 -9.83 -18.23 -7.38
C ASN A 24 -8.38 -17.95 -7.75
N ASP A 25 -7.95 -16.72 -7.50
CA ASP A 25 -6.59 -16.30 -7.81
C ASP A 25 -5.63 -16.74 -6.70
N GLU A 26 -4.35 -16.86 -7.06
CA GLU A 26 -3.33 -17.27 -6.10
C GLU A 26 -2.93 -16.12 -5.19
N PRO A 27 -2.46 -16.46 -3.97
CA PRO A 27 -2.03 -15.46 -2.99
C PRO A 27 -0.75 -14.74 -3.40
N ILE A 28 -0.87 -13.48 -3.78
CA ILE A 28 0.28 -12.69 -4.19
C ILE A 28 1.02 -12.12 -2.98
N GLU A 29 2.35 -12.11 -3.06
CA GLU A 29 3.17 -11.59 -1.98
C GLU A 29 3.69 -10.19 -2.30
N ILE A 30 3.62 -9.29 -1.34
CA ILE A 30 4.09 -7.92 -1.53
C ILE A 30 5.07 -7.51 -0.43
N PRO A 31 6.03 -6.66 -0.79
CA PRO A 31 7.05 -6.18 0.15
C PRO A 31 6.47 -5.23 1.21
N SER A 32 6.47 -5.67 2.45
CA SER A 32 5.93 -4.88 3.55
C SER A 32 7.04 -4.07 4.23
N GLU A 33 6.69 -3.37 5.29
CA GLU A 33 7.66 -2.56 6.03
C GLU A 33 8.31 -3.37 7.14
N ASP A 34 9.37 -2.82 7.72
CA ASP A 34 10.08 -3.50 8.81
C ASP A 34 9.23 -3.55 10.07
N ASP A 35 8.46 -2.49 10.30
CA ASP A 35 7.60 -2.42 11.47
C ASP A 35 6.54 -3.52 11.44
N GLY A 36 6.29 -4.06 10.25
CA GLY A 36 5.30 -5.11 10.12
C GLY A 36 4.13 -4.70 9.23
N THR A 37 3.82 -3.42 9.23
CA THR A 37 2.72 -2.90 8.43
C THR A 37 3.07 -2.91 6.94
N VAL A 38 2.21 -2.28 6.14
CA VAL A 38 2.43 -2.22 4.70
C VAL A 38 2.13 -0.83 4.17
N LEU A 39 3.03 -0.30 3.35
CA LEU A 39 2.87 1.02 2.76
C LEU A 39 1.73 1.04 1.74
N LEU A 40 0.89 2.05 1.80
CA LEU A 40 -0.24 2.18 0.89
C LEU A 40 0.22 2.01 -0.56
N SER A 41 1.35 2.63 -0.89
CA SER A 41 1.89 2.55 -2.24
C SER A 41 2.03 1.10 -2.68
N THR A 42 2.39 0.23 -1.74
CA THR A 42 2.57 -1.19 -2.02
C THR A 42 1.23 -1.86 -2.29
N VAL A 43 0.20 -1.43 -1.58
CA VAL A 43 -1.14 -1.99 -1.74
C VAL A 43 -1.70 -1.67 -3.12
N THR A 44 -1.45 -0.46 -3.59
CA THR A 44 -1.94 -0.03 -4.90
C THR A 44 -1.17 -0.72 -6.02
N ALA A 45 0.06 -1.11 -5.75
CA ALA A 45 0.89 -1.79 -6.73
C ALA A 45 0.14 -2.95 -7.38
N GLN A 46 -0.49 -3.77 -6.55
CA GLN A 46 -1.25 -4.92 -7.04
C GLN A 46 -2.74 -4.66 -6.96
N PHE A 47 -3.16 -3.92 -5.93
CA PHE A 47 -4.56 -3.60 -5.73
C PHE A 47 -4.80 -2.10 -5.83
N PRO A 48 -4.81 -1.59 -7.07
CA PRO A 48 -5.03 -0.16 -7.34
C PRO A 48 -6.46 0.27 -7.05
N GLY A 49 -6.60 1.35 -6.29
CA GLY A 49 -7.91 1.86 -5.94
C GLY A 49 -8.43 1.30 -4.63
N ALA A 50 -7.97 0.10 -4.29
CA ALA A 50 -8.38 -0.54 -3.05
C ALA A 50 -8.18 0.38 -1.85
N CYS A 51 -9.28 0.81 -1.25
CA CYS A 51 -9.22 1.70 -0.10
C CYS A 51 -9.01 0.91 1.19
N GLY A 52 -9.58 -0.29 1.25
CA GLY A 52 -9.44 -1.12 2.43
C GLY A 52 -9.44 -2.60 2.10
N LEU A 53 -8.72 -3.39 2.89
CA LEU A 53 -8.65 -4.83 2.67
C LEU A 53 -9.28 -5.59 3.83
N ARG A 54 -9.96 -6.68 3.50
CA ARG A 54 -10.62 -7.50 4.52
C ARG A 54 -9.85 -8.80 4.75
N TYR A 55 -10.17 -9.49 5.84
CA TYR A 55 -9.51 -10.74 6.18
C TYR A 55 -10.42 -11.93 5.87
N ARG A 56 -9.87 -12.90 5.15
CA ARG A 56 -10.62 -14.10 4.79
C ARG A 56 -9.84 -15.37 5.13
N ASN A 57 -10.16 -15.94 6.28
CA ASN A 57 -9.49 -17.17 6.74
C ASN A 57 -10.44 -18.35 6.68
N PRO A 58 -10.15 -19.31 5.79
CA PRO A 58 -10.96 -20.52 5.61
C PRO A 58 -10.84 -21.47 6.80
N VAL A 59 -9.66 -21.49 7.42
CA VAL A 59 -9.42 -22.36 8.57
C VAL A 59 -9.84 -21.67 9.87
N SER A 60 -9.76 -20.35 9.88
CA SER A 60 -10.12 -19.58 11.06
C SER A 60 -11.63 -19.32 11.10
N GLN A 61 -12.24 -19.22 9.92
CA GLN A 61 -13.67 -18.99 9.81
C GLN A 61 -14.08 -17.81 10.70
N CYS A 62 -13.21 -16.82 10.81
CA CYS A 62 -13.49 -15.64 11.63
C CYS A 62 -13.92 -14.46 10.76
N MET A 63 -14.00 -13.29 11.36
CA MET A 63 -14.39 -12.08 10.64
C MET A 63 -13.38 -10.96 10.85
N ARG A 64 -12.11 -11.33 10.94
CA ARG A 64 -11.04 -10.35 11.15
C ARG A 64 -11.02 -9.33 10.02
N GLY A 65 -10.01 -8.46 10.04
CA GLY A 65 -9.90 -7.45 9.00
C GLY A 65 -8.60 -6.68 9.10
N VAL A 66 -8.00 -6.38 7.95
CA VAL A 66 -6.73 -5.64 7.90
C VAL A 66 -6.94 -4.20 8.32
N ARG A 67 -6.21 -3.77 9.35
CA ARG A 67 -6.31 -2.41 9.85
C ARG A 67 -5.63 -1.44 8.90
N LEU A 68 -6.23 -0.26 8.72
CA LEU A 68 -5.68 0.76 7.84
C LEU A 68 -5.60 2.11 8.54
N VAL A 69 -4.37 2.63 8.68
CA VAL A 69 -4.16 3.92 9.33
C VAL A 69 -3.18 4.77 8.54
N GLU A 70 -3.63 5.94 8.09
CA GLU A 70 -2.79 6.85 7.33
C GLU A 70 -2.32 6.19 6.03
N GLY A 71 -3.12 5.27 5.52
CA GLY A 71 -2.76 4.57 4.28
C GLY A 71 -1.96 3.32 4.53
N ILE A 72 -1.23 3.30 5.65
CA ILE A 72 -0.39 2.15 6.00
C ILE A 72 -1.24 1.03 6.58
N LEU A 73 -1.33 -0.08 5.85
CA LEU A 73 -2.11 -1.23 6.31
C LEU A 73 -1.40 -1.95 7.45
N HIS A 74 -1.98 -1.87 8.64
CA HIS A 74 -1.41 -2.52 9.82
C HIS A 74 -1.78 -4.00 9.86
N ALA A 75 -0.90 -4.82 10.43
CA ALA A 75 -1.15 -6.24 10.53
C ALA A 75 -1.70 -6.60 11.91
N PRO A 76 -2.43 -7.73 11.98
CA PRO A 76 -3.03 -8.21 13.23
C PRO A 76 -1.99 -8.70 14.23
N ASP A 77 -2.45 -9.27 15.33
CA ASP A 77 -1.56 -9.78 16.37
C ASP A 77 -0.98 -11.14 15.96
N ALA A 78 -1.41 -11.64 14.81
CA ALA A 78 -0.94 -12.92 14.30
C ALA A 78 -0.03 -12.74 13.09
N GLY A 79 -0.23 -11.64 12.37
CA GLY A 79 0.57 -11.36 11.20
C GLY A 79 -0.24 -11.35 9.92
N TRP A 80 0.42 -11.12 8.79
CA TRP A 80 -0.25 -11.09 7.50
C TRP A 80 -0.75 -12.47 7.11
N GLY A 81 0.17 -13.43 7.03
CA GLY A 81 -0.20 -14.79 6.65
C GLY A 81 -0.30 -14.97 5.15
N ASN A 82 -0.93 -16.07 4.74
CA ASN A 82 -1.09 -16.37 3.32
C ASN A 82 -2.56 -16.65 2.98
N LEU A 83 -3.46 -15.97 3.69
CA LEU A 83 -4.89 -16.15 3.46
C LEU A 83 -5.40 -15.21 2.37
N VAL A 84 -6.70 -15.22 2.15
CA VAL A 84 -7.31 -14.36 1.14
C VAL A 84 -7.80 -13.06 1.74
N TYR A 85 -8.00 -12.05 0.89
CA TYR A 85 -8.46 -10.75 1.36
C TYR A 85 -9.56 -10.21 0.44
N VAL A 86 -10.49 -9.47 1.02
CA VAL A 86 -11.59 -8.89 0.26
C VAL A 86 -11.45 -7.39 0.14
N VAL A 87 -11.49 -6.89 -1.10
CA VAL A 87 -11.36 -5.46 -1.35
C VAL A 87 -12.53 -4.69 -0.73
N ASN A 88 -12.30 -3.41 -0.44
CA ASN A 88 -13.32 -2.56 0.15
C ASN A 88 -13.21 -1.13 -0.37
N TYR A 89 -14.05 -0.79 -1.34
CA TYR A 89 -14.05 0.55 -1.92
C TYR A 89 -15.05 1.46 -1.21
N PRO A 90 -14.79 2.77 -1.26
CA PRO A 90 -15.65 3.77 -0.63
C PRO A 90 -16.99 3.91 -1.34
N LYS A 91 -16.97 3.83 -2.66
CA LYS A 91 -18.18 3.94 -3.46
C LYS A 91 -18.87 5.29 -3.21
N ASP A 92 -18.22 6.36 -3.60
CA ASP A 92 -18.77 7.70 -3.43
C ASP A 92 -18.15 8.69 -4.41
N ASN A 93 -18.45 9.97 -4.22
CA ASN A 93 -17.92 11.01 -5.09
C ASN A 93 -17.20 12.09 -4.29
N LYS A 94 -15.87 12.08 -4.35
CA LYS A 94 -15.07 13.06 -3.62
C LYS A 94 -13.66 13.13 -4.19
N ARG A 95 -13.03 14.30 -4.05
CA ARG A 95 -11.66 14.49 -4.55
C ARG A 95 -11.09 15.81 -4.05
N LYS A 96 -9.82 16.05 -4.35
CA LYS A 96 -9.15 17.28 -3.93
C LYS A 96 -7.76 17.37 -4.56
N MET A 97 -7.03 18.42 -4.20
CA MET A 97 -5.68 18.63 -4.72
C MET A 97 -4.84 19.45 -3.74
N ASP A 98 -3.64 19.81 -4.17
CA ASP A 98 -2.74 20.60 -3.34
C ASP A 98 -2.47 21.96 -3.96
N GLU A 99 -1.56 22.71 -3.35
CA GLU A 99 -1.21 24.05 -3.85
C GLU A 99 0.23 24.40 -3.50
N THR A 100 0.62 25.64 -3.79
CA THR A 100 1.98 26.10 -3.50
C THR A 100 1.99 27.59 -3.18
N ASP A 101 3.15 28.08 -2.76
CA ASP A 101 3.30 29.50 -2.42
C ASP A 101 4.02 30.25 -3.53
N ALA A 102 4.39 31.49 -3.24
CA ALA A 102 5.08 32.33 -4.22
C ALA A 102 5.96 33.37 -3.54
N SER A 103 6.48 34.31 -4.32
CA SER A 103 7.33 35.36 -3.78
C SER A 103 7.03 36.69 -4.44
N SER A 104 7.75 37.74 -4.04
CA SER A 104 7.56 39.07 -4.59
C SER A 104 8.53 39.33 -5.74
N ALA A 105 8.57 40.58 -6.20
CA ALA A 105 9.45 40.96 -7.29
C ALA A 105 9.75 42.45 -7.25
N VAL A 106 10.41 42.94 -8.30
CA VAL A 106 10.77 44.36 -8.39
C VAL A 106 10.16 45.00 -9.62
N LYS A 107 9.76 46.26 -9.48
CA LYS A 107 9.15 47.00 -10.59
C LYS A 107 10.22 47.49 -11.57
N VAL A 108 9.84 47.65 -12.82
CA VAL A 108 10.76 48.11 -13.86
C VAL A 108 10.05 48.96 -14.89
N LYS A 109 10.78 49.87 -15.51
CA LYS A 109 10.22 50.76 -16.54
C LYS A 109 10.43 50.18 -17.93
N ARG A 110 9.41 49.49 -18.44
CA ARG A 110 9.49 48.89 -19.77
C ARG A 110 9.16 49.92 -20.85
N ALA A 111 9.89 49.85 -21.95
CA ALA A 111 9.68 50.77 -23.06
C ALA A 111 8.90 50.10 -24.19
N VAL A 112 8.60 50.88 -25.23
CA VAL A 112 7.86 50.36 -26.37
C VAL A 112 8.39 50.93 -27.69
N GLN A 113 8.51 50.07 -28.69
CA GLN A 113 9.02 50.50 -29.99
C GLN A 113 8.57 49.53 -31.08
N LYS A 114 8.67 49.97 -32.33
CA LYS A 114 8.28 49.15 -33.48
C LYS A 114 9.49 48.76 -34.32
N MET A 1 10.44 28.85 24.83
CA MET A 1 9.31 29.10 25.72
C MET A 1 9.34 28.15 26.92
N ALA A 2 9.37 26.86 26.63
CA ALA A 2 9.40 25.84 27.68
C ALA A 2 9.97 24.53 27.16
N GLY A 3 9.17 23.81 26.38
CA GLY A 3 9.62 22.54 25.82
C GLY A 3 9.98 22.65 24.36
N SER A 4 11.24 22.38 24.04
CA SER A 4 11.73 22.45 22.67
C SER A 4 12.20 21.07 22.19
N HIS A 5 11.30 20.33 21.56
CA HIS A 5 11.62 19.00 21.05
C HIS A 5 12.52 19.09 19.83
N HIS A 6 13.41 18.11 19.68
CA HIS A 6 14.33 18.09 18.54
C HIS A 6 14.87 16.68 18.32
N HIS A 7 14.39 16.03 17.26
CA HIS A 7 14.83 14.68 16.93
C HIS A 7 14.22 14.21 15.62
N HIS A 8 15.06 14.01 14.61
CA HIS A 8 14.61 13.56 13.30
C HIS A 8 13.78 12.28 13.42
N HIS A 9 14.38 11.26 14.05
CA HIS A 9 13.70 9.98 14.23
C HIS A 9 13.49 9.68 15.71
N HIS A 10 12.46 8.89 16.00
CA HIS A 10 12.16 8.53 17.38
C HIS A 10 12.51 7.07 17.65
N GLY A 11 11.93 6.17 16.86
CA GLY A 11 12.19 4.76 17.02
C GLY A 11 11.51 4.18 18.26
N SER A 12 10.30 3.69 18.08
CA SER A 12 9.53 3.11 19.18
C SER A 12 9.08 1.69 18.86
N MET A 13 8.48 1.02 19.84
CA MET A 13 8.01 -0.34 19.65
C MET A 13 6.79 -0.37 18.71
N SER A 14 7.04 -0.67 17.45
CA SER A 14 5.97 -0.73 16.45
C SER A 14 6.50 -1.23 15.12
N GLU A 15 5.65 -1.96 14.39
CA GLU A 15 6.04 -2.48 13.08
C GLU A 15 5.28 -1.77 11.96
N TYR A 16 5.43 -2.28 10.74
CA TYR A 16 4.77 -1.71 9.59
C TYR A 16 4.08 -2.78 8.74
N ILE A 17 3.46 -2.35 7.66
CA ILE A 17 2.76 -3.28 6.76
C ILE A 17 3.31 -3.19 5.34
N ARG A 18 3.72 -4.33 4.79
CA ARG A 18 4.25 -4.37 3.44
C ARG A 18 3.38 -5.23 2.53
N VAL A 19 2.61 -4.58 1.67
CA VAL A 19 1.73 -5.29 0.74
C VAL A 19 1.56 -4.51 -0.55
N THR A 20 1.35 -5.24 -1.65
CA THR A 20 1.17 -4.62 -2.96
C THR A 20 -0.20 -4.93 -3.53
N GLU A 21 -0.73 -4.00 -4.32
CA GLU A 21 -2.04 -4.17 -4.93
C GLU A 21 -1.99 -5.21 -6.04
N ASP A 22 -1.02 -5.06 -6.95
CA ASP A 22 -0.87 -5.98 -8.07
C ASP A 22 0.26 -6.96 -7.80
N GLU A 23 0.33 -8.02 -8.61
CA GLU A 23 1.36 -9.04 -8.45
C GLU A 23 2.68 -8.58 -9.09
N ASN A 24 2.56 -7.86 -10.20
CA ASN A 24 3.74 -7.36 -10.91
C ASN A 24 4.33 -6.16 -10.19
N ASP A 25 3.48 -5.43 -9.48
CA ASP A 25 3.93 -4.24 -8.75
C ASP A 25 4.78 -4.64 -7.54
N GLU A 26 5.58 -3.70 -7.04
CA GLU A 26 6.44 -3.95 -5.89
C GLU A 26 5.67 -3.76 -4.58
N PRO A 27 6.10 -4.47 -3.53
CA PRO A 27 5.47 -4.39 -2.21
C PRO A 27 5.72 -3.05 -1.53
N ILE A 28 4.70 -2.19 -1.52
CA ILE A 28 4.81 -0.88 -0.90
C ILE A 28 4.76 -0.99 0.62
N GLU A 29 5.71 -0.34 1.29
CA GLU A 29 5.78 -0.36 2.74
C GLU A 29 5.15 0.90 3.33
N ILE A 30 4.19 0.71 4.23
CA ILE A 30 3.50 1.83 4.87
C ILE A 30 3.53 1.68 6.39
N PRO A 31 3.39 2.83 7.08
CA PRO A 31 3.39 2.87 8.55
C PRO A 31 2.14 2.23 9.15
N SER A 32 2.31 1.56 10.28
CA SER A 32 1.20 0.90 10.95
C SER A 32 1.15 1.29 12.43
N GLU A 33 -0.05 1.24 13.01
CA GLU A 33 -0.24 1.60 14.41
C GLU A 33 0.65 0.74 15.30
N ASP A 34 0.88 1.22 16.53
CA ASP A 34 1.71 0.50 17.48
C ASP A 34 1.09 -0.85 17.86
N ASP A 35 -0.23 -0.87 17.94
CA ASP A 35 -0.95 -2.09 18.29
C ASP A 35 -0.72 -3.18 17.25
N GLY A 36 -0.29 -2.77 16.05
CA GLY A 36 -0.04 -3.72 14.99
C GLY A 36 -0.94 -3.49 13.78
N THR A 37 -2.13 -2.97 14.03
CA THR A 37 -3.09 -2.71 12.95
C THR A 37 -2.61 -1.56 12.07
N VAL A 38 -3.48 -1.12 11.16
CA VAL A 38 -3.15 -0.03 10.26
C VAL A 38 -4.31 0.94 10.12
N LEU A 39 -4.03 2.23 10.26
CA LEU A 39 -5.06 3.26 10.15
C LEU A 39 -5.57 3.36 8.71
N LEU A 40 -6.89 3.41 8.56
CA LEU A 40 -7.50 3.52 7.24
C LEU A 40 -6.87 4.64 6.43
N SER A 41 -6.56 5.75 7.10
CA SER A 41 -5.94 6.89 6.43
C SER A 41 -4.71 6.46 5.63
N THR A 42 -3.99 5.47 6.16
CA THR A 42 -2.80 4.97 5.50
C THR A 42 -3.15 4.12 4.28
N VAL A 43 -4.10 3.21 4.46
CA VAL A 43 -4.53 2.34 3.36
C VAL A 43 -4.93 3.15 2.14
N THR A 44 -5.54 4.31 2.38
CA THR A 44 -5.97 5.18 1.29
C THR A 44 -4.79 5.90 0.65
N ALA A 45 -3.72 6.05 1.41
CA ALA A 45 -2.51 6.71 0.92
C ALA A 45 -2.09 6.14 -0.44
N GLN A 46 -2.04 4.81 -0.53
CA GLN A 46 -1.66 4.14 -1.76
C GLN A 46 -2.86 3.48 -2.42
N PHE A 47 -3.79 3.00 -1.59
CA PHE A 47 -4.99 2.34 -2.10
C PHE A 47 -6.23 3.16 -1.78
N PRO A 48 -6.41 4.27 -2.53
CA PRO A 48 -7.56 5.17 -2.35
C PRO A 48 -8.87 4.53 -2.80
N GLY A 49 -9.88 4.58 -1.94
CA GLY A 49 -11.16 4.00 -2.27
C GLY A 49 -11.30 2.57 -1.80
N ALA A 50 -10.17 1.88 -1.68
CA ALA A 50 -10.17 0.48 -1.25
C ALA A 50 -10.99 0.32 0.03
N CYS A 51 -11.85 -0.69 0.05
CA CYS A 51 -12.68 -0.97 1.20
C CYS A 51 -12.12 -2.12 2.02
N GLY A 52 -11.60 -3.14 1.33
CA GLY A 52 -11.04 -4.29 2.02
C GLY A 52 -9.86 -4.88 1.28
N LEU A 53 -8.91 -5.43 2.02
CA LEU A 53 -7.73 -6.04 1.42
C LEU A 53 -7.69 -7.54 1.69
N ARG A 54 -7.21 -8.30 0.70
CA ARG A 54 -7.13 -9.74 0.82
C ARG A 54 -5.68 -10.19 1.02
N TYR A 55 -5.50 -11.44 1.43
CA TYR A 55 -4.18 -11.98 1.66
C TYR A 55 -3.77 -12.93 0.53
N ARG A 56 -2.59 -12.68 -0.04
CA ARG A 56 -2.09 -13.50 -1.13
C ARG A 56 -0.66 -13.99 -0.84
N ASN A 57 -0.56 -15.23 -0.38
CA ASN A 57 0.74 -15.81 -0.06
C ASN A 57 1.06 -16.97 -1.00
N PRO A 58 2.32 -17.01 -1.48
CA PRO A 58 2.78 -18.08 -2.39
C PRO A 58 2.90 -19.42 -1.70
N VAL A 59 3.49 -19.42 -0.51
CA VAL A 59 3.65 -20.65 0.26
C VAL A 59 2.37 -21.04 0.98
N SER A 60 1.56 -20.03 1.32
CA SER A 60 0.30 -20.27 2.01
C SER A 60 -0.81 -20.64 1.02
N GLN A 61 -0.69 -20.15 -0.20
CA GLN A 61 -1.67 -20.43 -1.23
C GLN A 61 -3.04 -19.85 -0.86
N CYS A 62 -3.02 -18.69 -0.21
CA CYS A 62 -4.25 -18.03 0.21
C CYS A 62 -5.00 -18.87 1.25
N MET A 63 -5.71 -18.20 2.14
CA MET A 63 -6.47 -18.88 3.19
C MET A 63 -7.20 -17.87 4.07
N ARG A 64 -6.50 -16.81 4.45
CA ARG A 64 -7.08 -15.78 5.30
C ARG A 64 -7.12 -14.44 4.58
N GLY A 65 -7.57 -13.40 5.28
CA GLY A 65 -7.65 -12.08 4.68
C GLY A 65 -7.51 -10.98 5.72
N VAL A 66 -6.86 -9.89 5.33
CA VAL A 66 -6.67 -8.75 6.22
C VAL A 66 -7.98 -8.32 6.86
N ARG A 67 -8.10 -8.52 8.17
CA ARG A 67 -9.31 -8.15 8.89
C ARG A 67 -9.48 -6.63 8.93
N LEU A 68 -10.72 -6.18 8.80
CA LEU A 68 -11.02 -4.74 8.81
C LEU A 68 -12.09 -4.43 9.85
N VAL A 69 -11.76 -3.54 10.78
CA VAL A 69 -12.69 -3.14 11.82
C VAL A 69 -12.61 -1.65 12.10
N GLU A 70 -13.71 -0.94 11.87
CA GLU A 70 -13.76 0.51 12.10
C GLU A 70 -12.79 1.23 11.17
N GLY A 71 -12.51 0.63 10.02
CA GLY A 71 -11.60 1.23 9.07
C GLY A 71 -10.15 0.82 9.31
N ILE A 72 -9.84 0.47 10.55
CA ILE A 72 -8.48 0.05 10.91
C ILE A 72 -8.23 -1.40 10.49
N LEU A 73 -7.32 -1.59 9.54
CA LEU A 73 -6.98 -2.91 9.06
C LEU A 73 -6.17 -3.68 10.10
N HIS A 74 -6.76 -4.74 10.65
CA HIS A 74 -6.09 -5.55 11.66
C HIS A 74 -5.20 -6.61 10.99
N ALA A 75 -4.09 -6.93 11.65
CA ALA A 75 -3.17 -7.92 11.13
C ALA A 75 -3.43 -9.30 11.72
N PRO A 76 -3.01 -10.35 11.01
CA PRO A 76 -3.20 -11.74 11.45
C PRO A 76 -2.33 -12.09 12.65
N ASP A 77 -2.35 -13.37 13.04
CA ASP A 77 -1.56 -13.83 14.18
C ASP A 77 -0.10 -14.01 13.78
N ALA A 78 0.20 -13.77 12.51
CA ALA A 78 1.57 -13.91 12.01
C ALA A 78 2.17 -12.54 11.68
N GLY A 79 1.31 -11.58 11.37
CA GLY A 79 1.79 -10.25 11.04
C GLY A 79 1.47 -9.85 9.62
N TRP A 80 1.89 -8.65 9.23
CA TRP A 80 1.64 -8.15 7.89
C TRP A 80 2.46 -8.91 6.86
N GLY A 81 3.78 -8.89 7.03
CA GLY A 81 4.66 -9.59 6.11
C GLY A 81 4.97 -8.78 4.87
N ASN A 82 5.48 -9.44 3.84
CA ASN A 82 5.83 -8.77 2.59
C ASN A 82 5.19 -9.47 1.40
N LEU A 83 4.00 -10.03 1.61
CA LEU A 83 3.28 -10.72 0.55
C LEU A 83 2.40 -9.76 -0.24
N VAL A 84 1.63 -10.31 -1.18
CA VAL A 84 0.75 -9.49 -2.00
C VAL A 84 -0.66 -9.46 -1.42
N TYR A 85 -1.43 -8.46 -1.82
CA TYR A 85 -2.80 -8.30 -1.33
C TYR A 85 -3.76 -8.01 -2.48
N VAL A 86 -4.99 -8.48 -2.36
CA VAL A 86 -6.00 -8.27 -3.39
C VAL A 86 -7.07 -7.29 -2.91
N VAL A 87 -7.32 -6.25 -3.71
CA VAL A 87 -8.31 -5.26 -3.37
C VAL A 87 -9.71 -5.87 -3.31
N ASN A 88 -10.60 -5.23 -2.54
CA ASN A 88 -11.96 -5.71 -2.40
C ASN A 88 -12.95 -4.55 -2.27
N TYR A 89 -13.49 -4.11 -3.41
CA TYR A 89 -14.44 -3.00 -3.42
C TYR A 89 -15.00 -2.78 -4.82
N PRO A 90 -16.20 -2.20 -4.89
CA PRO A 90 -16.86 -1.91 -6.16
C PRO A 90 -16.18 -0.81 -6.96
N LYS A 91 -16.82 -0.36 -8.03
CA LYS A 91 -16.26 0.69 -8.86
C LYS A 91 -15.90 1.92 -8.03
N ASP A 92 -16.92 2.66 -7.60
CA ASP A 92 -16.71 3.85 -6.80
C ASP A 92 -15.77 4.83 -7.50
N ASN A 93 -15.37 5.87 -6.79
CA ASN A 93 -14.46 6.88 -7.34
C ASN A 93 -15.12 7.59 -8.53
N LYS A 94 -15.77 8.71 -8.25
CA LYS A 94 -16.43 9.49 -9.28
C LYS A 94 -16.40 10.98 -8.96
N ARG A 95 -15.24 11.59 -9.16
CA ARG A 95 -15.07 13.02 -8.87
C ARG A 95 -14.48 13.74 -10.07
N LYS A 96 -13.31 13.28 -10.51
CA LYS A 96 -12.61 13.88 -11.65
C LYS A 96 -13.53 13.93 -12.87
N MET A 97 -13.90 15.13 -13.28
CA MET A 97 -14.77 15.32 -14.43
C MET A 97 -14.02 15.04 -15.73
N ASP A 98 -13.16 15.97 -16.12
CA ASP A 98 -12.37 15.84 -17.33
C ASP A 98 -10.92 16.24 -17.09
N GLU A 99 -10.70 17.52 -16.81
CA GLU A 99 -9.36 18.03 -16.55
C GLU A 99 -8.45 17.81 -17.77
N THR A 100 -7.22 18.31 -17.68
CA THR A 100 -6.27 18.17 -18.77
C THR A 100 -5.44 16.90 -18.60
N ASP A 101 -5.96 15.78 -19.12
CA ASP A 101 -5.26 14.51 -19.03
C ASP A 101 -4.22 14.38 -20.14
N ALA A 102 -2.96 14.60 -19.78
CA ALA A 102 -1.87 14.50 -20.75
C ALA A 102 -0.52 14.39 -20.04
N SER A 103 -0.19 13.18 -19.59
CA SER A 103 1.07 12.95 -18.89
C SER A 103 1.94 11.95 -19.67
N SER A 104 3.22 11.90 -19.32
CA SER A 104 4.15 11.01 -19.97
C SER A 104 5.51 11.02 -19.28
N ALA A 105 6.23 9.91 -19.37
CA ALA A 105 7.54 9.80 -18.75
C ALA A 105 8.64 10.28 -19.70
N VAL A 106 9.46 11.22 -19.22
CA VAL A 106 10.54 11.75 -20.02
C VAL A 106 11.56 10.68 -20.39
N LYS A 107 11.96 10.65 -21.65
CA LYS A 107 12.93 9.67 -22.13
C LYS A 107 13.35 9.97 -23.57
N VAL A 108 14.65 10.13 -23.77
CA VAL A 108 15.19 10.42 -25.09
C VAL A 108 16.52 9.69 -25.33
N LYS A 109 16.65 9.08 -26.50
CA LYS A 109 17.86 8.35 -26.85
C LYS A 109 18.16 8.47 -28.34
N ARG A 110 19.33 7.99 -28.74
CA ARG A 110 19.74 8.06 -30.14
C ARG A 110 20.43 6.76 -30.57
N ALA A 111 20.52 6.54 -31.88
CA ALA A 111 21.15 5.35 -32.41
C ALA A 111 22.20 5.71 -33.47
N VAL A 112 23.46 5.71 -33.07
CA VAL A 112 24.55 6.03 -33.99
C VAL A 112 24.83 4.88 -34.94
N GLN A 113 25.30 5.20 -36.14
CA GLN A 113 25.61 4.19 -37.14
C GLN A 113 24.35 3.42 -37.53
N LYS A 114 24.44 2.66 -38.62
CA LYS A 114 23.32 1.86 -39.11
C LYS A 114 23.36 0.45 -38.54
N MET A 1 40.21 21.66 -6.12
CA MET A 1 38.93 20.98 -6.32
C MET A 1 39.15 19.54 -6.78
N ALA A 2 38.55 18.60 -6.06
CA ALA A 2 38.67 17.18 -6.39
C ALA A 2 37.33 16.60 -6.83
N GLY A 3 36.38 16.56 -5.91
CA GLY A 3 35.07 16.02 -6.21
C GLY A 3 34.92 14.58 -5.78
N SER A 4 34.42 14.38 -4.57
CA SER A 4 34.23 13.03 -4.04
C SER A 4 32.75 12.68 -3.98
N HIS A 5 31.94 13.61 -3.48
CA HIS A 5 30.50 13.38 -3.38
C HIS A 5 30.19 12.20 -2.46
N HIS A 6 29.91 12.50 -1.20
CA HIS A 6 29.60 11.46 -0.22
C HIS A 6 28.10 11.26 -0.10
N HIS A 7 27.69 10.08 0.35
CA HIS A 7 26.28 9.76 0.52
C HIS A 7 26.10 8.48 1.32
N HIS A 8 25.13 8.49 2.23
CA HIS A 8 24.86 7.33 3.07
C HIS A 8 23.35 7.10 3.21
N HIS A 9 22.98 6.11 4.01
CA HIS A 9 21.56 5.79 4.23
C HIS A 9 21.36 5.16 5.60
N HIS A 10 21.94 3.97 5.79
CA HIS A 10 21.82 3.26 7.06
C HIS A 10 20.36 2.97 7.38
N GLY A 11 19.62 2.48 6.40
CA GLY A 11 18.21 2.18 6.60
C GLY A 11 18.01 0.99 7.50
N SER A 12 16.80 0.85 8.03
CA SER A 12 16.47 -0.26 8.93
C SER A 12 15.96 -1.47 8.14
N MET A 13 15.66 -2.54 8.86
CA MET A 13 15.15 -3.76 8.21
C MET A 13 13.74 -4.08 8.69
N SER A 14 12.76 -3.82 7.83
CA SER A 14 11.36 -4.08 8.16
C SER A 14 10.80 -5.20 7.29
N GLU A 15 9.48 -5.38 7.36
CA GLU A 15 8.82 -6.42 6.58
C GLU A 15 7.84 -5.80 5.58
N TYR A 16 7.02 -6.65 4.96
CA TYR A 16 6.05 -6.20 3.98
C TYR A 16 4.69 -6.87 4.20
N ILE A 17 3.73 -6.53 3.36
CA ILE A 17 2.39 -7.10 3.46
C ILE A 17 1.98 -7.80 2.17
N ARG A 18 1.59 -9.07 2.27
CA ARG A 18 1.18 -9.84 1.10
C ARG A 18 -0.28 -10.27 1.23
N VAL A 19 -1.15 -9.61 0.47
CA VAL A 19 -2.57 -9.93 0.50
C VAL A 19 -3.21 -9.67 -0.87
N THR A 20 -4.25 -10.45 -1.18
CA THR A 20 -4.95 -10.31 -2.44
C THR A 20 -6.42 -9.95 -2.23
N GLU A 21 -6.97 -9.16 -3.14
CA GLU A 21 -8.37 -8.74 -3.05
C GLU A 21 -9.30 -9.90 -3.36
N ASP A 22 -9.04 -10.59 -4.46
CA ASP A 22 -9.86 -11.72 -4.89
C ASP A 22 -9.13 -13.03 -4.64
N GLU A 23 -9.89 -14.08 -4.32
CA GLU A 23 -9.30 -15.40 -4.06
C GLU A 23 -8.64 -15.96 -5.32
N ASN A 24 -9.24 -15.66 -6.47
CA ASN A 24 -8.71 -16.14 -7.74
C ASN A 24 -7.41 -15.40 -8.10
N ASP A 25 -7.28 -14.18 -7.62
CA ASP A 25 -6.10 -13.37 -7.88
C ASP A 25 -4.93 -13.80 -7.00
N GLU A 26 -3.72 -13.47 -7.43
CA GLU A 26 -2.52 -13.83 -6.67
C GLU A 26 -2.25 -12.81 -5.56
N PRO A 27 -1.55 -13.27 -4.50
CA PRO A 27 -1.21 -12.42 -3.36
C PRO A 27 -0.17 -11.35 -3.72
N ILE A 28 -0.65 -10.13 -3.93
CA ILE A 28 0.24 -9.02 -4.27
C ILE A 28 1.06 -8.58 -3.07
N GLU A 29 2.36 -8.40 -3.28
CA GLU A 29 3.25 -7.98 -2.21
C GLU A 29 3.53 -6.48 -2.29
N ILE A 30 3.27 -5.77 -1.19
CA ILE A 30 3.49 -4.33 -1.15
C ILE A 30 4.33 -3.95 0.06
N PRO A 31 5.03 -2.81 -0.05
CA PRO A 31 5.89 -2.30 1.03
C PRO A 31 5.10 -1.82 2.23
N SER A 32 5.65 -2.05 3.43
CA SER A 32 4.98 -1.65 4.66
C SER A 32 5.90 -0.77 5.50
N GLU A 33 5.31 -0.05 6.46
CA GLU A 33 6.08 0.84 7.32
C GLU A 33 7.07 0.04 8.18
N ASP A 34 8.01 0.74 8.79
CA ASP A 34 9.01 0.10 9.62
C ASP A 34 8.37 -0.51 10.86
N ASP A 35 7.39 0.18 11.43
CA ASP A 35 6.69 -0.29 12.61
C ASP A 35 5.95 -1.60 12.33
N GLY A 36 5.71 -1.86 11.05
CA GLY A 36 5.01 -3.08 10.66
C GLY A 36 3.71 -2.79 9.94
N THR A 37 3.08 -1.67 10.28
CA THR A 37 1.81 -1.28 9.67
C THR A 37 1.99 -1.00 8.18
N VAL A 38 0.95 -0.46 7.56
CA VAL A 38 0.99 -0.13 6.14
C VAL A 38 0.33 1.22 5.86
N LEU A 39 1.02 2.07 5.12
CA LEU A 39 0.51 3.39 4.78
C LEU A 39 -0.67 3.29 3.83
N LEU A 40 -1.73 4.02 4.13
CA LEU A 40 -2.93 4.01 3.30
C LEU A 40 -2.58 4.23 1.83
N SER A 41 -1.59 5.09 1.60
CA SER A 41 -1.15 5.39 0.23
C SER A 41 -0.83 4.11 -0.53
N THR A 42 -0.28 3.13 0.18
CA THR A 42 0.08 1.86 -0.42
C THR A 42 -1.16 1.03 -0.75
N VAL A 43 -2.06 0.93 0.24
CA VAL A 43 -3.29 0.16 0.05
C VAL A 43 -4.03 0.59 -1.20
N THR A 44 -3.99 1.89 -1.48
CA THR A 44 -4.65 2.44 -2.66
C THR A 44 -3.91 2.08 -3.94
N ALA A 45 -2.60 1.84 -3.81
CA ALA A 45 -1.78 1.50 -4.95
C ALA A 45 -2.42 0.38 -5.77
N GLN A 46 -2.85 -0.67 -5.09
CA GLN A 46 -3.48 -1.80 -5.75
C GLN A 46 -4.98 -1.84 -5.47
N PHE A 47 -5.35 -1.41 -4.26
CA PHE A 47 -6.76 -1.40 -3.87
C PHE A 47 -7.26 0.04 -3.70
N PRO A 48 -7.52 0.70 -4.83
CA PRO A 48 -8.01 2.08 -4.85
C PRO A 48 -9.44 2.20 -4.33
N GLY A 49 -9.65 3.08 -3.35
CA GLY A 49 -10.97 3.26 -2.79
C GLY A 49 -11.20 2.40 -1.57
N ALA A 50 -10.54 1.25 -1.53
CA ALA A 50 -10.69 0.33 -0.40
C ALA A 50 -10.50 1.05 0.92
N CYS A 51 -11.53 1.01 1.77
CA CYS A 51 -11.47 1.66 3.07
C CYS A 51 -10.91 0.72 4.12
N GLY A 52 -11.45 -0.49 4.17
CA GLY A 52 -10.99 -1.47 5.14
C GLY A 52 -10.74 -2.83 4.52
N LEU A 53 -9.79 -3.57 5.09
CA LEU A 53 -9.45 -4.90 4.58
C LEU A 53 -9.78 -5.98 5.61
N ARG A 54 -10.22 -7.13 5.13
CA ARG A 54 -10.58 -8.25 5.99
C ARG A 54 -9.52 -9.34 5.94
N TYR A 55 -9.54 -10.21 6.93
CA TYR A 55 -8.57 -11.31 7.00
C TYR A 55 -9.21 -12.62 6.59
N ARG A 56 -8.58 -13.32 5.65
CA ARG A 56 -9.09 -14.60 5.16
C ARG A 56 -8.00 -15.66 5.20
N ASN A 57 -8.01 -16.47 6.26
CA ASN A 57 -7.03 -17.53 6.42
C ASN A 57 -7.69 -18.90 6.37
N PRO A 58 -7.31 -19.72 5.38
CA PRO A 58 -7.85 -21.06 5.21
C PRO A 58 -7.40 -22.03 6.30
N VAL A 59 -6.19 -21.81 6.80
CA VAL A 59 -5.63 -22.65 7.86
C VAL A 59 -6.18 -22.25 9.22
N SER A 60 -6.43 -20.96 9.40
CA SER A 60 -6.95 -20.45 10.66
C SER A 60 -8.48 -20.57 10.72
N GLN A 61 -9.10 -20.47 9.55
CA GLN A 61 -10.55 -20.56 9.45
C GLN A 61 -11.23 -19.68 10.51
N CYS A 62 -10.60 -18.54 10.79
CA CYS A 62 -11.15 -17.61 11.78
C CYS A 62 -11.80 -16.42 11.10
N MET A 63 -12.14 -15.40 11.88
CA MET A 63 -12.78 -14.21 11.35
C MET A 63 -11.96 -12.95 11.68
N ARG A 64 -10.64 -13.10 11.67
CA ARG A 64 -9.75 -11.99 11.97
C ARG A 64 -9.99 -10.82 11.01
N GLY A 65 -9.20 -9.77 11.16
CA GLY A 65 -9.35 -8.61 10.30
C GLY A 65 -8.21 -7.62 10.47
N VAL A 66 -7.86 -6.94 9.37
CA VAL A 66 -6.78 -5.96 9.40
C VAL A 66 -7.21 -4.66 10.08
N ARG A 67 -6.54 -4.33 11.18
CA ARG A 67 -6.87 -3.13 11.92
C ARG A 67 -6.52 -1.88 11.11
N LEU A 68 -7.37 -0.86 11.21
CA LEU A 68 -7.15 0.39 10.49
C LEU A 68 -7.25 1.58 11.42
N VAL A 69 -6.16 2.36 11.50
CA VAL A 69 -6.13 3.53 12.36
C VAL A 69 -5.44 4.70 11.67
N GLU A 70 -6.17 5.80 11.50
CA GLU A 70 -5.62 6.98 10.85
C GLU A 70 -5.23 6.68 9.41
N GLY A 71 -5.89 5.69 8.81
CA GLY A 71 -5.58 5.31 7.44
C GLY A 71 -4.51 4.26 7.36
N ILE A 72 -3.63 4.22 8.36
CA ILE A 72 -2.55 3.24 8.40
C ILE A 72 -3.05 1.87 8.84
N LEU A 73 -2.98 0.90 7.94
CA LEU A 73 -3.43 -0.46 8.25
C LEU A 73 -2.45 -1.15 9.18
N HIS A 74 -2.90 -1.45 10.40
CA HIS A 74 -2.07 -2.13 11.38
C HIS A 74 -2.13 -3.64 11.20
N ALA A 75 -1.02 -4.31 11.51
CA ALA A 75 -0.94 -5.76 11.38
C ALA A 75 -1.25 -6.44 12.70
N PRO A 76 -1.71 -7.70 12.63
CA PRO A 76 -2.06 -8.49 13.82
C PRO A 76 -0.83 -8.88 14.63
N ASP A 77 -1.03 -9.70 15.65
CA ASP A 77 0.06 -10.15 16.51
C ASP A 77 0.85 -11.26 15.83
N ALA A 78 0.42 -11.66 14.65
CA ALA A 78 1.09 -12.71 13.90
C ALA A 78 1.80 -12.14 12.67
N GLY A 79 1.30 -11.02 12.17
CA GLY A 79 1.91 -10.39 11.01
C GLY A 79 0.96 -10.36 9.81
N TRP A 80 1.45 -9.83 8.70
CA TRP A 80 0.64 -9.75 7.49
C TRP A 80 0.40 -11.12 6.89
N GLY A 81 1.49 -11.82 6.56
CA GLY A 81 1.38 -13.15 5.99
C GLY A 81 1.14 -13.10 4.49
N ASN A 82 0.72 -14.23 3.93
CA ASN A 82 0.46 -14.33 2.50
C ASN A 82 -0.93 -14.89 2.24
N LEU A 83 -1.87 -14.56 3.11
CA LEU A 83 -3.25 -15.04 2.98
C LEU A 83 -4.07 -14.08 2.12
N VAL A 84 -5.36 -14.37 2.00
CA VAL A 84 -6.25 -13.54 1.21
C VAL A 84 -6.97 -12.51 2.08
N TYR A 85 -7.39 -11.41 1.47
CA TYR A 85 -8.08 -10.35 2.20
C TYR A 85 -9.35 -9.93 1.46
N VAL A 86 -10.37 -9.55 2.22
CA VAL A 86 -11.64 -9.13 1.64
C VAL A 86 -11.85 -7.63 1.82
N VAL A 87 -11.97 -6.91 0.70
CA VAL A 87 -12.17 -5.48 0.73
C VAL A 87 -13.45 -5.11 1.50
N ASN A 88 -13.51 -3.89 1.99
CA ASN A 88 -14.67 -3.42 2.74
C ASN A 88 -14.92 -1.93 2.47
N TYR A 89 -16.04 -1.63 1.83
CA TYR A 89 -16.40 -0.25 1.52
C TYR A 89 -17.56 0.21 2.38
N PRO A 90 -17.65 1.53 2.61
CA PRO A 90 -18.72 2.14 3.40
C PRO A 90 -20.07 2.07 2.70
N LYS A 91 -20.08 2.40 1.41
CA LYS A 91 -21.31 2.39 0.62
C LYS A 91 -22.31 3.40 1.17
N ASP A 92 -21.84 4.61 1.41
CA ASP A 92 -22.69 5.69 1.91
C ASP A 92 -22.93 6.75 0.85
N ASN A 93 -23.21 6.30 -0.38
CA ASN A 93 -23.45 7.21 -1.48
C ASN A 93 -22.25 8.12 -1.72
N LYS A 94 -21.27 7.60 -2.47
CA LYS A 94 -20.06 8.37 -2.77
C LYS A 94 -19.86 8.48 -4.28
N ARG A 95 -19.71 9.72 -4.75
CA ARG A 95 -19.52 9.97 -6.17
C ARG A 95 -18.04 9.91 -6.54
N LYS A 96 -17.25 10.80 -5.94
CA LYS A 96 -15.82 10.84 -6.20
C LYS A 96 -15.54 11.17 -7.66
N MET A 97 -15.34 12.46 -7.95
CA MET A 97 -15.06 12.90 -9.31
C MET A 97 -13.99 13.99 -9.32
N ASP A 98 -13.01 13.84 -10.19
CA ASP A 98 -11.93 14.82 -10.30
C ASP A 98 -11.34 14.82 -11.72
N GLU A 99 -10.44 15.76 -11.97
CA GLU A 99 -9.80 15.87 -13.28
C GLU A 99 -8.71 16.93 -13.26
N THR A 100 -7.46 16.49 -13.10
CA THR A 100 -6.32 17.40 -13.06
C THR A 100 -5.15 16.85 -13.86
N ASP A 101 -4.25 17.73 -14.27
CA ASP A 101 -3.07 17.33 -15.03
C ASP A 101 -1.93 16.91 -14.11
N ALA A 102 -0.87 16.37 -14.69
CA ALA A 102 0.28 15.93 -13.92
C ALA A 102 1.58 16.46 -14.52
N SER A 103 2.71 15.99 -14.00
CA SER A 103 4.02 16.42 -14.48
C SER A 103 4.52 15.49 -15.59
N SER A 104 5.45 15.99 -16.39
CA SER A 104 6.00 15.20 -17.49
C SER A 104 7.42 14.77 -17.17
N ALA A 105 7.95 13.84 -17.97
CA ALA A 105 9.29 13.33 -17.77
C ALA A 105 9.82 12.67 -19.03
N VAL A 106 10.47 13.46 -19.89
CA VAL A 106 11.02 12.94 -21.14
C VAL A 106 12.41 13.52 -21.40
N LYS A 107 13.07 13.01 -22.44
CA LYS A 107 14.40 13.47 -22.80
C LYS A 107 14.35 14.89 -23.37
N VAL A 108 14.40 15.87 -22.48
CA VAL A 108 14.37 17.28 -22.89
C VAL A 108 15.25 18.14 -22.00
N LYS A 109 15.51 19.36 -22.44
CA LYS A 109 16.35 20.28 -21.69
C LYS A 109 15.90 21.72 -21.90
N ARG A 110 14.85 22.13 -21.17
CA ARG A 110 14.33 23.48 -21.29
C ARG A 110 14.18 24.11 -19.91
N ALA A 111 15.22 24.83 -19.47
CA ALA A 111 15.20 25.49 -18.18
C ALA A 111 15.54 26.97 -18.31
N VAL A 112 14.55 27.83 -18.07
CA VAL A 112 14.75 29.27 -18.16
C VAL A 112 15.04 29.87 -16.79
N GLN A 113 15.82 29.16 -15.98
CA GLN A 113 16.17 29.63 -14.65
C GLN A 113 16.89 30.97 -14.72
N LYS A 114 16.80 31.75 -13.65
CA LYS A 114 17.45 33.05 -13.59
C LYS A 114 18.96 32.91 -13.74
N MET A 1 19.59 3.49 -18.49
CA MET A 1 20.60 4.38 -17.91
C MET A 1 20.04 5.12 -16.70
N ALA A 2 19.45 4.37 -15.77
CA ALA A 2 18.87 4.96 -14.57
C ALA A 2 18.80 3.94 -13.43
N GLY A 3 19.93 3.73 -12.76
CA GLY A 3 19.98 2.77 -11.67
C GLY A 3 21.39 2.60 -11.12
N SER A 4 22.02 3.69 -10.75
CA SER A 4 23.38 3.65 -10.21
C SER A 4 23.43 4.27 -8.81
N HIS A 5 24.09 3.57 -7.89
CA HIS A 5 24.21 4.05 -6.52
C HIS A 5 22.84 4.19 -5.86
N HIS A 6 22.83 4.52 -4.58
CA HIS A 6 21.59 4.69 -3.83
C HIS A 6 20.78 3.40 -3.85
N HIS A 7 21.25 2.40 -3.12
CA HIS A 7 20.57 1.12 -3.05
C HIS A 7 20.46 0.47 -4.43
N HIS A 8 19.84 -0.69 -4.50
CA HIS A 8 19.67 -1.40 -5.75
C HIS A 8 18.19 -1.50 -6.14
N HIS A 9 17.94 -1.75 -7.42
CA HIS A 9 16.56 -1.86 -7.92
C HIS A 9 16.05 -3.29 -7.78
N HIS A 10 16.91 -4.25 -8.10
CA HIS A 10 16.53 -5.66 -8.02
C HIS A 10 16.40 -6.10 -6.56
N GLY A 11 15.24 -6.64 -6.21
CA GLY A 11 15.01 -7.08 -4.85
C GLY A 11 15.35 -8.56 -4.66
N SER A 12 16.06 -8.87 -3.58
CA SER A 12 16.45 -10.24 -3.29
C SER A 12 15.48 -10.88 -2.30
N MET A 13 15.39 -10.31 -1.10
CA MET A 13 14.51 -10.82 -0.07
C MET A 13 13.14 -10.16 -0.15
N SER A 14 12.28 -10.66 -1.05
CA SER A 14 10.95 -10.11 -1.22
C SER A 14 9.89 -11.20 -1.01
N GLU A 15 8.88 -10.86 -0.23
CA GLU A 15 7.79 -11.81 0.06
C GLU A 15 6.49 -11.33 -0.57
N TYR A 16 5.39 -11.99 -0.22
CA TYR A 16 4.08 -11.65 -0.74
C TYR A 16 3.04 -11.53 0.38
N ILE A 17 1.80 -11.23 0.01
CA ILE A 17 0.73 -11.10 0.98
C ILE A 17 -0.42 -12.04 0.66
N ARG A 18 -0.83 -12.82 1.65
CA ARG A 18 -1.93 -13.77 1.47
C ARG A 18 -3.08 -13.45 2.43
N VAL A 19 -4.16 -12.89 1.88
CA VAL A 19 -5.32 -12.54 2.69
C VAL A 19 -6.60 -12.64 1.86
N THR A 20 -7.70 -12.94 2.53
CA THR A 20 -8.99 -13.06 1.86
C THR A 20 -10.01 -12.07 2.44
N GLU A 21 -10.89 -11.57 1.57
CA GLU A 21 -11.91 -10.62 2.00
C GLU A 21 -13.00 -11.31 2.82
N ASP A 22 -13.52 -12.42 2.29
CA ASP A 22 -14.56 -13.18 2.97
C ASP A 22 -13.99 -14.40 3.66
N GLU A 23 -14.55 -14.75 4.82
CA GLU A 23 -14.08 -15.91 5.58
C GLU A 23 -14.30 -17.19 4.79
N ASN A 24 -15.39 -17.25 4.03
CA ASN A 24 -15.72 -18.42 3.23
C ASN A 24 -14.81 -18.52 2.01
N ASP A 25 -14.34 -17.37 1.54
CA ASP A 25 -13.46 -17.32 0.38
C ASP A 25 -12.05 -17.79 0.74
N GLU A 26 -11.31 -18.23 -0.26
CA GLU A 26 -9.94 -18.71 -0.05
C GLU A 26 -8.96 -17.54 0.00
N PRO A 27 -7.84 -17.75 0.72
CA PRO A 27 -6.80 -16.73 0.87
C PRO A 27 -6.05 -16.47 -0.43
N ILE A 28 -6.39 -15.37 -1.10
CA ILE A 28 -5.74 -15.00 -2.34
C ILE A 28 -4.33 -14.49 -2.10
N GLU A 29 -3.38 -14.97 -2.90
CA GLU A 29 -2.00 -14.55 -2.78
C GLU A 29 -1.64 -13.50 -3.82
N ILE A 30 -1.13 -12.37 -3.37
CA ILE A 30 -0.76 -11.28 -4.27
C ILE A 30 0.68 -10.83 -4.01
N PRO A 31 1.30 -10.22 -5.03
CA PRO A 31 2.67 -9.72 -4.94
C PRO A 31 2.78 -8.51 -4.02
N SER A 32 3.91 -8.42 -3.30
CA SER A 32 4.14 -7.31 -2.39
C SER A 32 5.51 -6.68 -2.63
N GLU A 33 5.63 -5.40 -2.28
CA GLU A 33 6.89 -4.68 -2.46
C GLU A 33 8.03 -5.39 -1.75
N ASP A 34 9.26 -5.07 -2.15
CA ASP A 34 10.43 -5.68 -1.55
C ASP A 34 10.56 -5.27 -0.08
N ASP A 35 10.18 -4.03 0.22
CA ASP A 35 10.25 -3.52 1.59
C ASP A 35 9.35 -4.32 2.51
N GLY A 36 8.39 -5.03 1.93
CA GLY A 36 7.48 -5.83 2.74
C GLY A 36 6.04 -5.37 2.59
N THR A 37 5.85 -4.07 2.35
CA THR A 37 4.51 -3.51 2.21
C THR A 37 3.85 -3.98 0.91
N VAL A 38 2.71 -3.39 0.58
CA VAL A 38 1.99 -3.75 -0.63
C VAL A 38 1.45 -2.52 -1.34
N LEU A 39 1.66 -2.46 -2.65
CA LEU A 39 1.20 -1.33 -3.45
C LEU A 39 -0.32 -1.33 -3.55
N LEU A 40 -0.92 -0.16 -3.35
CA LEU A 40 -2.38 -0.02 -3.42
C LEU A 40 -2.91 -0.63 -4.71
N SER A 41 -2.17 -0.44 -5.80
CA SER A 41 -2.57 -0.96 -7.10
C SER A 41 -2.89 -2.44 -7.01
N THR A 42 -2.16 -3.16 -6.15
CA THR A 42 -2.37 -4.58 -5.98
C THR A 42 -3.64 -4.87 -5.19
N VAL A 43 -3.82 -4.15 -4.09
CA VAL A 43 -5.00 -4.31 -3.24
C VAL A 43 -6.28 -4.19 -4.07
N THR A 44 -6.26 -3.30 -5.06
CA THR A 44 -7.41 -3.09 -5.91
C THR A 44 -7.59 -4.24 -6.90
N ALA A 45 -6.50 -4.92 -7.22
CA ALA A 45 -6.54 -6.04 -8.13
C ALA A 45 -7.65 -7.01 -7.78
N GLN A 46 -7.73 -7.38 -6.50
CA GLN A 46 -8.76 -8.30 -6.04
C GLN A 46 -9.80 -7.57 -5.20
N PHE A 47 -9.36 -6.55 -4.46
CA PHE A 47 -10.26 -5.77 -3.62
C PHE A 47 -10.40 -4.35 -4.14
N PRO A 48 -11.19 -4.19 -5.22
CA PRO A 48 -11.43 -2.89 -5.84
C PRO A 48 -12.28 -1.97 -4.96
N GLY A 49 -11.77 -0.76 -4.72
CA GLY A 49 -12.49 0.18 -3.89
C GLY A 49 -12.09 0.12 -2.43
N ALA A 50 -11.66 -1.05 -2.00
CA ALA A 50 -11.24 -1.25 -0.62
C ALA A 50 -10.24 -0.18 -0.19
N CYS A 51 -10.56 0.50 0.90
CA CYS A 51 -9.69 1.55 1.42
C CYS A 51 -8.74 1.01 2.48
N GLY A 52 -9.30 0.34 3.48
CA GLY A 52 -8.49 -0.23 4.54
C GLY A 52 -8.78 -1.69 4.79
N LEU A 53 -7.77 -2.44 5.21
CA LEU A 53 -7.92 -3.86 5.48
C LEU A 53 -7.72 -4.16 6.97
N ARG A 54 -8.49 -5.12 7.48
CA ARG A 54 -8.40 -5.50 8.88
C ARG A 54 -7.70 -6.85 9.03
N TYR A 55 -7.22 -7.13 10.25
CA TYR A 55 -6.53 -8.39 10.52
C TYR A 55 -7.43 -9.35 11.27
N ARG A 56 -7.55 -10.57 10.75
CA ARG A 56 -8.38 -11.60 11.37
C ARG A 56 -7.60 -12.89 11.56
N ASN A 57 -7.09 -13.10 12.77
CA ASN A 57 -6.33 -14.30 13.08
C ASN A 57 -7.08 -15.19 14.06
N PRO A 58 -7.45 -16.40 13.60
CA PRO A 58 -8.17 -17.37 14.41
C PRO A 58 -7.32 -17.94 15.54
N VAL A 59 -6.03 -18.11 15.27
CA VAL A 59 -5.10 -18.65 16.25
C VAL A 59 -4.55 -17.54 17.16
N SER A 60 -4.44 -16.34 16.60
CA SER A 60 -3.93 -15.20 17.35
C SER A 60 -5.03 -14.55 18.17
N GLN A 61 -6.26 -14.64 17.68
CA GLN A 61 -7.41 -14.05 18.37
C GLN A 61 -7.14 -12.60 18.73
N CYS A 62 -6.40 -11.91 17.88
CA CYS A 62 -6.07 -10.50 18.11
C CYS A 62 -7.14 -9.58 17.54
N MET A 63 -6.85 -8.30 17.49
CA MET A 63 -7.79 -7.32 16.97
C MET A 63 -7.06 -6.18 16.28
N ARG A 64 -5.95 -6.50 15.62
CA ARG A 64 -5.16 -5.50 14.91
C ARG A 64 -5.61 -5.37 13.46
N GLY A 65 -4.88 -4.57 12.69
CA GLY A 65 -5.23 -4.38 11.29
C GLY A 65 -4.02 -4.05 10.43
N VAL A 66 -4.22 -4.01 9.12
CA VAL A 66 -3.13 -3.72 8.19
C VAL A 66 -2.91 -2.21 8.08
N ARG A 67 -1.69 -1.77 8.42
CA ARG A 67 -1.35 -0.36 8.35
C ARG A 67 -1.45 0.16 6.92
N LEU A 68 -1.94 1.39 6.77
CA LEU A 68 -2.08 2.00 5.45
C LEU A 68 -1.43 3.37 5.42
N VAL A 69 -0.46 3.55 4.52
CA VAL A 69 0.24 4.81 4.38
C VAL A 69 0.49 5.15 2.92
N GLU A 70 0.01 6.32 2.49
CA GLU A 70 0.19 6.76 1.12
C GLU A 70 -0.37 5.72 0.15
N GLY A 71 -1.36 4.96 0.60
CA GLY A 71 -1.96 3.94 -0.24
C GLY A 71 -1.26 2.60 -0.12
N ILE A 72 0.03 2.64 0.24
CA ILE A 72 0.80 1.42 0.40
C ILE A 72 0.50 0.74 1.73
N LEU A 73 -0.08 -0.45 1.66
CA LEU A 73 -0.42 -1.20 2.87
C LEU A 73 0.83 -1.77 3.53
N HIS A 74 1.11 -1.33 4.75
CA HIS A 74 2.27 -1.80 5.48
C HIS A 74 1.95 -3.08 6.25
N ALA A 75 2.96 -3.93 6.43
CA ALA A 75 2.79 -5.19 7.14
C ALA A 75 3.20 -5.05 8.60
N PRO A 76 2.64 -5.90 9.46
CA PRO A 76 2.93 -5.90 10.89
C PRO A 76 4.35 -6.38 11.19
N ASP A 77 4.66 -6.52 12.48
CA ASP A 77 5.98 -6.98 12.90
C ASP A 77 6.11 -8.49 12.74
N ALA A 78 5.03 -9.13 12.31
CA ALA A 78 5.02 -10.58 12.12
C ALA A 78 4.97 -10.94 10.64
N GLY A 79 4.42 -10.03 9.83
CA GLY A 79 4.33 -10.27 8.41
C GLY A 79 2.89 -10.37 7.93
N TRP A 80 2.71 -10.63 6.64
CA TRP A 80 1.37 -10.74 6.06
C TRP A 80 0.68 -12.02 6.55
N GLY A 81 1.30 -13.16 6.28
CA GLY A 81 0.73 -14.43 6.69
C GLY A 81 -0.33 -14.93 5.73
N ASN A 82 -1.13 -15.90 6.19
CA ASN A 82 -2.18 -16.46 5.35
C ASN A 82 -3.52 -16.44 6.10
N LEU A 83 -3.72 -15.40 6.91
CA LEU A 83 -4.96 -15.27 7.67
C LEU A 83 -6.01 -14.52 6.86
N VAL A 84 -7.16 -14.26 7.48
CA VAL A 84 -8.25 -13.56 6.81
C VAL A 84 -8.19 -12.05 7.11
N TYR A 85 -8.80 -11.27 6.24
CA TYR A 85 -8.83 -9.82 6.40
C TYR A 85 -10.23 -9.26 6.18
N VAL A 86 -10.56 -8.19 6.91
CA VAL A 86 -11.87 -7.57 6.79
C VAL A 86 -11.76 -6.19 6.14
N VAL A 87 -12.41 -6.02 4.99
CA VAL A 87 -12.40 -4.76 4.28
C VAL A 87 -12.93 -3.63 5.15
N ASN A 88 -12.62 -2.39 4.77
CA ASN A 88 -13.06 -1.21 5.52
C ASN A 88 -13.33 -0.05 4.57
N TYR A 89 -14.55 0.02 4.05
CA TYR A 89 -14.94 1.08 3.14
C TYR A 89 -16.42 0.98 2.79
N PRO A 90 -17.02 2.14 2.44
CA PRO A 90 -18.44 2.22 2.08
C PRO A 90 -18.73 1.55 0.74
N LYS A 91 -17.92 1.87 -0.26
CA LYS A 91 -18.09 1.30 -1.60
C LYS A 91 -16.99 1.78 -2.54
N ASP A 92 -16.65 3.07 -2.44
CA ASP A 92 -15.62 3.65 -3.27
C ASP A 92 -15.14 4.98 -2.70
N ASN A 93 -14.03 5.48 -3.23
CA ASN A 93 -13.47 6.75 -2.76
C ASN A 93 -12.30 7.17 -3.64
N LYS A 94 -11.85 8.42 -3.46
CA LYS A 94 -10.73 8.95 -4.24
C LYS A 94 -11.07 8.97 -5.73
N ARG A 95 -10.14 9.46 -6.53
CA ARG A 95 -10.33 9.54 -7.97
C ARG A 95 -9.39 8.59 -8.71
N LYS A 96 -9.61 8.44 -10.01
CA LYS A 96 -8.77 7.56 -10.83
C LYS A 96 -8.04 8.36 -11.90
N MET A 97 -8.74 9.33 -12.48
CA MET A 97 -8.15 10.17 -13.53
C MET A 97 -6.91 10.90 -13.01
N ASP A 98 -6.10 11.42 -13.93
CA ASP A 98 -4.89 12.13 -13.57
C ASP A 98 -4.54 13.18 -14.61
N GLU A 99 -3.39 13.82 -14.45
CA GLU A 99 -2.95 14.86 -15.38
C GLU A 99 -3.97 16.00 -15.45
N THR A 100 -3.73 17.06 -14.69
CA THR A 100 -4.62 18.21 -14.67
C THR A 100 -3.86 19.48 -14.35
N ASP A 101 -2.66 19.62 -14.92
CA ASP A 101 -1.83 20.79 -14.69
C ASP A 101 -2.58 22.07 -15.07
N ALA A 102 -2.30 23.15 -14.36
CA ALA A 102 -2.95 24.43 -14.63
C ALA A 102 -2.23 25.57 -13.92
N SER A 103 -1.00 25.83 -14.32
CA SER A 103 -0.20 26.89 -13.71
C SER A 103 -0.39 28.22 -14.45
N SER A 104 0.42 29.21 -14.10
CA SER A 104 0.32 30.52 -14.73
C SER A 104 1.62 31.31 -14.52
N ALA A 105 1.98 31.50 -13.26
CA ALA A 105 3.20 32.25 -12.93
C ALA A 105 4.10 31.44 -12.00
N VAL A 106 5.23 32.02 -11.61
CA VAL A 106 6.17 31.35 -10.72
C VAL A 106 6.85 32.34 -9.79
N LYS A 107 7.58 31.83 -8.81
CA LYS A 107 8.28 32.67 -7.85
C LYS A 107 9.79 32.63 -8.09
N VAL A 108 10.51 33.51 -7.43
CA VAL A 108 11.96 33.58 -7.58
C VAL A 108 12.57 34.57 -6.59
N LYS A 109 13.68 34.17 -5.97
CA LYS A 109 14.36 35.02 -5.00
C LYS A 109 15.76 35.38 -5.48
N ARG A 110 16.51 36.09 -4.64
CA ARG A 110 17.87 36.49 -4.98
C ARG A 110 18.62 36.95 -3.74
N ALA A 111 19.92 37.21 -3.90
CA ALA A 111 20.75 37.66 -2.80
C ALA A 111 21.25 39.08 -3.03
N VAL A 112 21.55 39.79 -1.95
CA VAL A 112 22.04 41.16 -2.03
C VAL A 112 22.99 41.47 -0.89
N GLN A 113 23.96 42.35 -1.15
CA GLN A 113 24.93 42.74 -0.15
C GLN A 113 25.15 44.25 -0.15
N LYS A 114 25.29 44.82 -1.35
CA LYS A 114 25.49 46.26 -1.49
C LYS A 114 24.98 46.75 -2.84
N MET A 1 22.88 6.42 -19.25
CA MET A 1 22.07 5.30 -18.81
C MET A 1 20.64 5.74 -18.52
N ALA A 2 19.77 5.61 -19.51
CA ALA A 2 18.36 6.00 -19.36
C ALA A 2 17.44 4.82 -19.59
N GLY A 3 16.46 4.64 -18.70
CA GLY A 3 15.53 3.55 -18.83
C GLY A 3 14.59 3.43 -17.64
N SER A 4 13.35 3.05 -17.90
CA SER A 4 12.36 2.92 -16.84
C SER A 4 12.69 1.74 -15.93
N HIS A 5 12.82 0.56 -16.52
CA HIS A 5 13.13 -0.65 -15.77
C HIS A 5 13.46 -1.81 -16.70
N HIS A 6 14.65 -1.76 -17.30
CA HIS A 6 15.09 -2.81 -18.22
C HIS A 6 16.32 -3.53 -17.67
N HIS A 7 16.36 -3.72 -16.36
CA HIS A 7 17.48 -4.40 -15.72
C HIS A 7 16.99 -5.35 -14.63
N HIS A 8 17.65 -6.50 -14.52
CA HIS A 8 17.29 -7.49 -13.52
C HIS A 8 18.29 -7.49 -12.36
N HIS A 9 17.85 -8.02 -11.21
CA HIS A 9 18.72 -8.08 -10.04
C HIS A 9 18.06 -8.91 -8.93
N HIS A 10 18.72 -8.98 -7.78
CA HIS A 10 18.20 -9.73 -6.65
C HIS A 10 18.21 -8.88 -5.38
N GLY A 11 17.15 -8.10 -5.19
CA GLY A 11 17.05 -7.25 -4.01
C GLY A 11 15.82 -6.38 -4.04
N SER A 12 15.87 -5.26 -3.31
CA SER A 12 14.74 -4.33 -3.25
C SER A 12 13.47 -5.07 -2.83
N MET A 13 13.61 -6.01 -1.91
CA MET A 13 12.47 -6.78 -1.42
C MET A 13 12.86 -7.64 -0.22
N SER A 14 12.04 -7.63 0.81
CA SER A 14 12.31 -8.41 2.01
C SER A 14 11.32 -9.56 2.14
N GLU A 15 10.09 -9.24 2.52
CA GLU A 15 9.05 -10.25 2.67
C GLU A 15 7.86 -9.96 1.77
N TYR A 16 6.76 -10.69 1.97
CA TYR A 16 5.57 -10.52 1.18
C TYR A 16 4.32 -10.47 2.06
N ILE A 17 3.16 -10.32 1.43
CA ILE A 17 1.90 -10.26 2.17
C ILE A 17 0.97 -11.39 1.74
N ARG A 18 0.53 -12.19 2.70
CA ARG A 18 -0.36 -13.30 2.43
C ARG A 18 -1.73 -13.07 3.08
N VAL A 19 -2.71 -12.72 2.25
CA VAL A 19 -4.06 -12.46 2.74
C VAL A 19 -5.10 -12.81 1.68
N THR A 20 -6.32 -13.12 2.14
CA THR A 20 -7.40 -13.47 1.23
C THR A 20 -8.62 -12.58 1.45
N GLU A 21 -9.36 -12.32 0.38
CA GLU A 21 -10.55 -11.48 0.46
C GLU A 21 -11.71 -12.25 1.09
N ASP A 22 -11.91 -13.48 0.63
CA ASP A 22 -12.99 -14.32 1.14
C ASP A 22 -12.44 -15.39 2.09
N GLU A 23 -13.21 -15.70 3.13
CA GLU A 23 -12.79 -16.70 4.10
C GLU A 23 -12.69 -18.07 3.46
N ASN A 24 -13.58 -18.33 2.49
CA ASN A 24 -13.59 -19.61 1.79
C ASN A 24 -12.42 -19.72 0.83
N ASP A 25 -11.96 -18.57 0.33
CA ASP A 25 -10.85 -18.53 -0.60
C ASP A 25 -9.51 -18.69 0.13
N GLU A 26 -8.53 -19.27 -0.55
CA GLU A 26 -7.22 -19.48 0.03
C GLU A 26 -6.44 -18.17 0.13
N PRO A 27 -5.50 -18.11 1.08
CA PRO A 27 -4.67 -16.92 1.30
C PRO A 27 -3.68 -16.69 0.16
N ILE A 28 -3.97 -15.70 -0.69
CA ILE A 28 -3.10 -15.38 -1.81
C ILE A 28 -1.89 -14.56 -1.36
N GLU A 29 -0.75 -14.84 -1.95
CA GLU A 29 0.48 -14.12 -1.62
C GLU A 29 0.83 -13.11 -2.71
N ILE A 30 1.19 -11.90 -2.28
CA ILE A 30 1.55 -10.84 -3.21
C ILE A 30 2.91 -10.24 -2.87
N PRO A 31 3.65 -9.79 -3.89
CA PRO A 31 4.96 -9.18 -3.72
C PRO A 31 4.89 -7.82 -3.04
N SER A 32 5.44 -7.74 -1.84
CA SER A 32 5.44 -6.48 -1.07
C SER A 32 6.74 -5.72 -1.28
N GLU A 33 6.89 -4.60 -0.57
CA GLU A 33 8.08 -3.78 -0.68
C GLU A 33 9.15 -4.24 0.31
N ASP A 34 10.36 -3.70 0.17
CA ASP A 34 11.47 -4.05 1.05
C ASP A 34 11.24 -3.49 2.45
N ASP A 35 10.66 -2.31 2.52
CA ASP A 35 10.38 -1.66 3.81
C ASP A 35 9.40 -2.49 4.62
N GLY A 36 8.65 -3.36 3.96
CA GLY A 36 7.69 -4.19 4.64
C GLY A 36 6.26 -3.91 4.20
N THR A 37 6.00 -2.67 3.81
CA THR A 37 4.66 -2.28 3.36
C THR A 37 4.33 -2.91 2.02
N VAL A 38 3.22 -2.47 1.43
CA VAL A 38 2.78 -2.99 0.13
C VAL A 38 2.27 -1.87 -0.76
N LEU A 39 2.74 -1.85 -2.01
CA LEU A 39 2.33 -0.83 -2.97
C LEU A 39 0.86 -1.01 -3.37
N LEU A 40 0.12 0.09 -3.38
CA LEU A 40 -1.29 0.05 -3.75
C LEU A 40 -1.50 -0.70 -5.06
N SER A 41 -0.56 -0.51 -5.99
CA SER A 41 -0.64 -1.17 -7.29
C SER A 41 -0.75 -2.69 -7.13
N THR A 42 -0.06 -3.21 -6.12
CA THR A 42 -0.08 -4.65 -5.85
C THR A 42 -1.41 -5.09 -5.27
N VAL A 43 -1.95 -4.28 -4.36
CA VAL A 43 -3.23 -4.58 -3.72
C VAL A 43 -4.34 -4.72 -4.76
N THR A 44 -4.44 -3.72 -5.64
CA THR A 44 -5.46 -3.73 -6.67
C THR A 44 -5.27 -4.90 -7.64
N ALA A 45 -4.03 -5.37 -7.74
CA ALA A 45 -3.71 -6.49 -8.63
C ALA A 45 -4.68 -7.65 -8.41
N GLN A 46 -4.88 -8.01 -7.14
CA GLN A 46 -5.78 -9.11 -6.79
C GLN A 46 -7.08 -8.58 -6.19
N PHE A 47 -6.97 -7.48 -5.45
CA PHE A 47 -8.13 -6.87 -4.82
C PHE A 47 -8.43 -5.51 -5.41
N PRO A 48 -9.03 -5.50 -6.62
CA PRO A 48 -9.37 -4.26 -7.32
C PRO A 48 -10.52 -3.51 -6.64
N GLY A 49 -10.27 -2.24 -6.32
CA GLY A 49 -11.30 -1.44 -5.67
C GLY A 49 -11.13 -1.39 -4.17
N ALA A 50 -10.50 -2.42 -3.61
CA ALA A 50 -10.27 -2.50 -2.17
C ALA A 50 -9.47 -1.29 -1.68
N CYS A 51 -10.18 -0.29 -1.17
CA CYS A 51 -9.54 0.91 -0.66
C CYS A 51 -8.86 0.64 0.67
N GLY A 52 -9.49 -0.21 1.49
CA GLY A 52 -8.93 -0.53 2.78
C GLY A 52 -9.06 -2.01 3.12
N LEU A 53 -8.05 -2.55 3.80
CA LEU A 53 -8.06 -3.95 4.18
C LEU A 53 -8.13 -4.12 5.69
N ARG A 54 -8.89 -5.10 6.15
CA ARG A 54 -9.05 -5.36 7.57
C ARG A 54 -8.27 -6.60 7.99
N TYR A 55 -8.06 -6.76 9.29
CA TYR A 55 -7.33 -7.91 9.81
C TYR A 55 -8.28 -8.92 10.43
N ARG A 56 -8.16 -10.18 10.00
CA ARG A 56 -9.01 -11.25 10.51
C ARG A 56 -8.17 -12.42 10.99
N ASN A 57 -7.97 -12.49 12.31
CA ASN A 57 -7.18 -13.57 12.90
C ASN A 57 -8.03 -14.40 13.86
N PRO A 58 -7.85 -15.73 13.80
CA PRO A 58 -8.60 -16.66 14.66
C PRO A 58 -8.17 -16.57 16.12
N VAL A 59 -6.89 -16.26 16.35
CA VAL A 59 -6.36 -16.14 17.69
C VAL A 59 -6.57 -14.74 18.25
N SER A 60 -6.60 -13.75 17.36
CA SER A 60 -6.80 -12.36 17.75
C SER A 60 -8.27 -12.04 17.88
N GLN A 61 -9.10 -12.73 17.09
CA GLN A 61 -10.54 -12.52 17.12
C GLN A 61 -10.89 -11.11 16.65
N CYS A 62 -10.11 -10.60 15.70
CA CYS A 62 -10.34 -9.26 15.17
C CYS A 62 -10.07 -8.20 16.23
N MET A 63 -9.45 -7.10 15.81
CA MET A 63 -9.14 -6.01 16.73
C MET A 63 -8.45 -4.86 15.99
N ARG A 64 -7.45 -5.19 15.19
CA ARG A 64 -6.72 -4.19 14.42
C ARG A 64 -6.98 -4.33 12.93
N GLY A 65 -6.36 -3.47 12.14
CA GLY A 65 -6.54 -3.52 10.70
C GLY A 65 -5.34 -3.00 9.94
N VAL A 66 -5.11 -3.54 8.75
CA VAL A 66 -3.98 -3.12 7.93
C VAL A 66 -3.95 -1.61 7.76
N ARG A 67 -2.79 -1.01 8.05
CA ARG A 67 -2.64 0.43 7.93
C ARG A 67 -2.49 0.85 6.47
N LEU A 68 -3.09 1.98 6.12
CA LEU A 68 -3.02 2.49 4.76
C LEU A 68 -2.58 3.95 4.73
N VAL A 69 -1.44 4.21 4.11
CA VAL A 69 -0.90 5.56 4.03
C VAL A 69 -0.37 5.85 2.62
N GLU A 70 -0.88 6.93 2.02
CA GLU A 70 -0.46 7.31 0.68
C GLU A 70 -0.67 6.17 -0.31
N GLY A 71 -1.64 5.32 -0.02
CA GLY A 71 -1.93 4.19 -0.89
C GLY A 71 -1.13 2.96 -0.51
N ILE A 72 0.04 3.16 0.09
CA ILE A 72 0.90 2.06 0.49
C ILE A 72 0.42 1.44 1.80
N LEU A 73 -0.01 0.19 1.72
CA LEU A 73 -0.50 -0.53 2.90
C LEU A 73 0.66 -0.89 3.82
N HIS A 74 0.64 -0.36 5.03
CA HIS A 74 1.69 -0.63 6.01
C HIS A 74 1.37 -1.90 6.81
N ALA A 75 2.41 -2.59 7.25
CA ALA A 75 2.25 -3.81 8.02
C ALA A 75 2.33 -3.53 9.52
N PRO A 76 1.69 -4.39 10.32
CA PRO A 76 1.68 -4.27 11.78
C PRO A 76 3.04 -4.56 12.39
N ASP A 77 3.09 -4.58 13.73
CA ASP A 77 4.32 -4.86 14.44
C ASP A 77 4.64 -6.35 14.45
N ALA A 78 3.73 -7.14 13.87
CA ALA A 78 3.91 -8.58 13.82
C ALA A 78 4.17 -9.05 12.38
N GLY A 79 3.72 -8.25 11.42
CA GLY A 79 3.91 -8.59 10.03
C GLY A 79 2.61 -8.90 9.32
N TRP A 80 2.70 -9.20 8.02
CA TRP A 80 1.51 -9.51 7.23
C TRP A 80 0.88 -10.81 7.70
N GLY A 81 1.64 -11.89 7.66
CA GLY A 81 1.13 -13.19 8.09
C GLY A 81 0.37 -13.90 6.98
N ASN A 82 -0.39 -14.93 7.35
CA ASN A 82 -1.16 -15.70 6.39
C ASN A 82 -2.62 -15.79 6.82
N LEU A 83 -3.12 -14.73 7.44
CA LEU A 83 -4.50 -14.70 7.90
C LEU A 83 -5.42 -14.13 6.83
N VAL A 84 -6.69 -13.96 7.17
CA VAL A 84 -7.67 -13.43 6.22
C VAL A 84 -7.83 -11.92 6.40
N TYR A 85 -8.35 -11.27 5.36
CA TYR A 85 -8.54 -9.83 5.39
C TYR A 85 -9.91 -9.45 4.84
N VAL A 86 -10.49 -8.38 5.37
CA VAL A 86 -11.80 -7.92 4.93
C VAL A 86 -11.68 -6.63 4.12
N VAL A 87 -12.31 -6.63 2.94
CA VAL A 87 -12.27 -5.46 2.06
C VAL A 87 -13.15 -4.34 2.61
N ASN A 88 -12.71 -3.10 2.43
CA ASN A 88 -13.46 -1.95 2.90
C ASN A 88 -13.27 -0.76 1.97
N TYR A 89 -14.30 0.07 1.84
CA TYR A 89 -14.25 1.24 0.98
C TYR A 89 -15.55 2.04 1.07
N PRO A 90 -15.49 3.31 0.64
CA PRO A 90 -16.65 4.21 0.66
C PRO A 90 -17.70 3.82 -0.36
N LYS A 91 -18.79 4.57 -0.42
CA LYS A 91 -19.87 4.32 -1.37
C LYS A 91 -20.57 5.61 -1.76
N ASP A 92 -19.88 6.43 -2.54
CA ASP A 92 -20.44 7.70 -3.00
C ASP A 92 -19.60 8.29 -4.13
N ASN A 93 -20.21 8.41 -5.31
CA ASN A 93 -19.51 8.95 -6.46
C ASN A 93 -18.42 8.00 -6.95
N LYS A 94 -17.31 7.96 -6.22
CA LYS A 94 -16.20 7.09 -6.58
C LYS A 94 -15.65 7.43 -7.96
N ARG A 95 -14.63 6.70 -8.39
CA ARG A 95 -14.02 6.92 -9.70
C ARG A 95 -13.63 8.39 -9.86
N LYS A 96 -12.46 8.74 -9.31
CA LYS A 96 -11.96 10.11 -9.40
C LYS A 96 -10.44 10.12 -9.54
N MET A 97 -9.92 11.15 -10.19
CA MET A 97 -8.48 11.29 -10.39
C MET A 97 -7.86 12.13 -9.28
N ASP A 98 -8.26 13.40 -9.20
CA ASP A 98 -7.74 14.30 -8.19
C ASP A 98 -6.23 14.51 -8.36
N GLU A 99 -5.84 14.96 -9.54
CA GLU A 99 -4.43 15.19 -9.83
C GLU A 99 -3.90 16.39 -9.03
N THR A 100 -2.58 16.47 -8.90
CA THR A 100 -1.95 17.56 -8.18
C THR A 100 -0.61 17.94 -8.80
N ASP A 101 -0.47 19.22 -9.13
CA ASP A 101 0.76 19.72 -9.73
C ASP A 101 1.19 21.05 -9.10
N ALA A 102 2.05 20.97 -8.10
CA ALA A 102 2.53 22.17 -7.42
C ALA A 102 3.79 21.87 -6.61
N SER A 103 4.87 22.60 -6.92
CA SER A 103 6.14 22.41 -6.23
C SER A 103 7.06 23.60 -6.46
N SER A 104 7.53 24.19 -5.37
CA SER A 104 8.43 25.35 -5.45
C SER A 104 9.08 25.63 -4.10
N ALA A 105 10.38 25.41 -4.03
CA ALA A 105 11.12 25.64 -2.79
C ALA A 105 12.54 26.13 -3.09
N VAL A 106 12.65 27.36 -3.58
CA VAL A 106 13.94 27.95 -3.90
C VAL A 106 14.31 29.06 -2.92
N LYS A 107 15.22 28.75 -2.00
CA LYS A 107 15.66 29.73 -1.01
C LYS A 107 16.50 30.82 -1.66
N VAL A 108 16.33 32.05 -1.20
CA VAL A 108 17.07 33.19 -1.73
C VAL A 108 16.91 34.42 -0.85
N LYS A 109 18.02 35.05 -0.50
CA LYS A 109 17.99 36.24 0.34
C LYS A 109 19.12 37.19 -0.03
N ARG A 110 18.88 38.49 0.13
CA ARG A 110 19.88 39.49 -0.19
C ARG A 110 20.35 39.36 -1.63
N ALA A 111 19.69 40.08 -2.54
CA ALA A 111 20.04 40.04 -3.95
C ALA A 111 19.65 41.33 -4.66
N VAL A 112 20.35 41.65 -5.73
CA VAL A 112 20.08 42.86 -6.49
C VAL A 112 20.34 44.11 -5.67
N GLN A 113 20.69 45.21 -6.34
CA GLN A 113 20.97 46.46 -5.67
C GLN A 113 20.65 47.65 -6.56
N LYS A 114 20.15 48.72 -5.96
CA LYS A 114 19.78 49.93 -6.70
C LYS A 114 21.01 50.54 -7.36
N MET A 1 -2.62 26.67 5.58
CA MET A 1 -2.94 26.74 4.16
C MET A 1 -1.92 25.95 3.34
N ALA A 2 -2.39 24.88 2.69
CA ALA A 2 -1.53 24.04 1.88
C ALA A 2 -2.03 23.98 0.43
N GLY A 3 -3.23 23.44 0.25
CA GLY A 3 -3.80 23.34 -1.08
C GLY A 3 -4.94 22.33 -1.14
N SER A 4 -4.84 21.40 -2.08
CA SER A 4 -5.88 20.38 -2.24
C SER A 4 -5.50 19.40 -3.35
N HIS A 5 -5.40 19.92 -4.57
CA HIS A 5 -5.03 19.09 -5.72
C HIS A 5 -3.61 18.57 -5.60
N HIS A 6 -3.34 17.42 -6.21
CA HIS A 6 -2.01 16.82 -6.16
C HIS A 6 -0.97 17.75 -6.79
N HIS A 7 0.28 17.58 -6.39
CA HIS A 7 1.37 18.41 -6.91
C HIS A 7 2.34 17.56 -7.72
N HIS A 8 3.04 18.19 -8.66
CA HIS A 8 4.01 17.51 -9.51
C HIS A 8 5.22 17.06 -8.69
N HIS A 9 5.92 16.04 -9.17
CA HIS A 9 7.09 15.52 -8.49
C HIS A 9 8.33 16.34 -8.84
N HIS A 10 8.91 17.00 -7.84
CA HIS A 10 10.10 17.82 -8.04
C HIS A 10 11.07 17.65 -6.88
N GLY A 11 11.52 16.42 -6.65
CA GLY A 11 12.46 16.15 -5.58
C GLY A 11 12.35 14.73 -5.06
N SER A 12 12.75 14.52 -3.82
CA SER A 12 12.71 13.19 -3.21
C SER A 12 12.28 13.28 -1.75
N MET A 13 11.34 14.17 -1.47
CA MET A 13 10.84 14.34 -0.10
C MET A 13 9.67 13.41 0.18
N SER A 14 8.73 13.35 -0.76
CA SER A 14 7.55 12.50 -0.61
C SER A 14 7.88 11.07 -1.01
N GLU A 15 7.23 10.11 -0.34
CA GLU A 15 7.44 8.70 -0.62
C GLU A 15 6.18 8.05 -1.17
N TYR A 16 6.19 6.72 -1.26
CA TYR A 16 5.04 5.99 -1.77
C TYR A 16 4.72 4.79 -0.88
N ILE A 17 3.70 4.04 -1.25
CA ILE A 17 3.29 2.87 -0.50
C ILE A 17 3.45 1.58 -1.31
N ARG A 18 4.15 0.61 -0.74
CA ARG A 18 4.38 -0.66 -1.41
C ARG A 18 3.71 -1.80 -0.65
N VAL A 19 2.59 -2.28 -1.18
CA VAL A 19 1.85 -3.38 -0.57
C VAL A 19 1.13 -4.22 -1.61
N THR A 20 0.72 -5.42 -1.21
CA THR A 20 0.00 -6.32 -2.11
C THR A 20 -1.19 -6.96 -1.42
N GLU A 21 -2.24 -7.23 -2.18
CA GLU A 21 -3.44 -7.85 -1.64
C GLU A 21 -3.24 -9.35 -1.45
N ASP A 22 -2.68 -10.00 -2.45
CA ASP A 22 -2.42 -11.44 -2.39
C ASP A 22 -0.97 -11.72 -2.03
N GLU A 23 -0.76 -12.69 -1.15
CA GLU A 23 0.58 -13.06 -0.72
C GLU A 23 1.39 -13.60 -1.89
N ASN A 24 0.72 -14.31 -2.79
CA ASN A 24 1.39 -14.89 -3.95
C ASN A 24 1.78 -13.80 -4.95
N ASP A 25 1.04 -12.69 -4.94
CA ASP A 25 1.31 -11.58 -5.85
C ASP A 25 2.41 -10.69 -5.28
N GLU A 26 3.13 -10.00 -6.16
CA GLU A 26 4.20 -9.11 -5.76
C GLU A 26 3.63 -7.80 -5.20
N PRO A 27 4.44 -7.13 -4.35
CA PRO A 27 4.04 -5.87 -3.73
C PRO A 27 3.97 -4.72 -4.73
N ILE A 28 2.76 -4.28 -5.04
CA ILE A 28 2.55 -3.19 -5.98
C ILE A 28 2.83 -1.84 -5.33
N GLU A 29 3.43 -0.93 -6.11
CA GLU A 29 3.75 0.40 -5.60
C GLU A 29 2.72 1.42 -6.07
N ILE A 30 2.26 2.26 -5.15
CA ILE A 30 1.27 3.27 -5.46
C ILE A 30 1.73 4.66 -5.01
N PRO A 31 1.36 5.69 -5.78
CA PRO A 31 1.73 7.08 -5.47
C PRO A 31 1.01 7.61 -4.24
N SER A 32 1.76 7.85 -3.17
CA SER A 32 1.19 8.35 -1.92
C SER A 32 1.29 9.87 -1.86
N GLU A 33 0.87 10.44 -0.73
CA GLU A 33 0.91 11.88 -0.54
C GLU A 33 2.24 12.32 0.05
N ASP A 34 2.44 13.64 0.14
CA ASP A 34 3.67 14.19 0.68
C ASP A 34 3.72 14.00 2.20
N ASP A 35 2.57 14.11 2.84
CA ASP A 35 2.49 13.96 4.30
C ASP A 35 2.88 12.55 4.71
N GLY A 36 2.80 11.61 3.76
CA GLY A 36 3.15 10.23 4.06
C GLY A 36 1.98 9.29 3.90
N THR A 37 0.78 9.79 4.13
CA THR A 37 -0.43 8.99 4.01
C THR A 37 -0.73 8.66 2.55
N VAL A 38 -1.90 8.09 2.30
CA VAL A 38 -2.30 7.72 0.94
C VAL A 38 -3.76 8.09 0.69
N LEU A 39 -4.00 8.74 -0.44
CA LEU A 39 -5.36 9.15 -0.81
C LEU A 39 -6.22 7.93 -1.14
N LEU A 40 -7.45 7.92 -0.62
CA LEU A 40 -8.37 6.82 -0.86
C LEU A 40 -8.45 6.50 -2.35
N SER A 41 -8.56 7.54 -3.17
CA SER A 41 -8.66 7.37 -4.61
C SER A 41 -7.53 6.49 -5.13
N THR A 42 -6.36 6.62 -4.51
CA THR A 42 -5.20 5.83 -4.91
C THR A 42 -5.36 4.37 -4.52
N VAL A 43 -5.96 4.13 -3.36
CA VAL A 43 -6.18 2.77 -2.87
C VAL A 43 -7.14 2.02 -3.79
N THR A 44 -8.17 2.71 -4.27
CA THR A 44 -9.16 2.09 -5.15
C THR A 44 -8.56 1.81 -6.52
N ALA A 45 -7.56 2.59 -6.91
CA ALA A 45 -6.90 2.42 -8.20
C ALA A 45 -6.51 0.97 -8.43
N GLN A 46 -5.89 0.36 -7.42
CA GLN A 46 -5.46 -1.03 -7.51
C GLN A 46 -6.38 -1.93 -6.70
N PHE A 47 -6.83 -1.43 -5.56
CA PHE A 47 -7.72 -2.19 -4.68
C PHE A 47 -9.11 -1.56 -4.63
N PRO A 48 -9.89 -1.79 -5.69
CA PRO A 48 -11.26 -1.26 -5.79
C PRO A 48 -12.21 -1.93 -4.81
N GLY A 49 -12.95 -1.11 -4.07
CA GLY A 49 -13.90 -1.64 -3.10
C GLY A 49 -13.29 -1.80 -1.72
N ALA A 50 -11.98 -2.02 -1.68
CA ALA A 50 -11.28 -2.18 -0.40
C ALA A 50 -11.61 -1.04 0.55
N CYS A 51 -12.17 -1.37 1.71
CA CYS A 51 -12.52 -0.37 2.71
C CYS A 51 -11.37 -0.14 3.68
N GLY A 52 -10.64 -1.20 3.99
CA GLY A 52 -9.52 -1.10 4.91
C GLY A 52 -8.40 -2.07 4.57
N LEU A 53 -7.17 -1.67 4.88
CA LEU A 53 -6.01 -2.51 4.61
C LEU A 53 -5.33 -2.94 5.91
N ARG A 54 -4.86 -4.19 5.94
CA ARG A 54 -4.19 -4.72 7.12
C ARG A 54 -2.68 -4.81 6.90
N TYR A 55 -1.94 -5.02 7.97
CA TYR A 55 -0.50 -5.13 7.90
C TYR A 55 -0.04 -6.58 8.03
N ARG A 56 0.77 -7.04 7.08
CA ARG A 56 1.27 -8.41 7.09
C ARG A 56 2.79 -8.43 6.93
N ASN A 57 3.49 -8.54 8.05
CA ASN A 57 4.95 -8.58 8.03
C ASN A 57 5.46 -9.96 8.43
N PRO A 58 6.10 -10.66 7.47
CA PRO A 58 6.65 -11.99 7.70
C PRO A 58 7.86 -11.97 8.63
N VAL A 59 8.64 -10.89 8.54
CA VAL A 59 9.83 -10.74 9.38
C VAL A 59 9.48 -10.13 10.73
N SER A 60 8.45 -9.30 10.74
CA SER A 60 8.02 -8.64 11.97
C SER A 60 7.09 -9.54 12.78
N GLN A 61 6.34 -10.39 12.09
CA GLN A 61 5.42 -11.31 12.74
C GLN A 61 4.57 -10.58 13.78
N CYS A 62 4.24 -9.33 13.49
CA CYS A 62 3.43 -8.53 14.39
C CYS A 62 1.97 -8.50 13.93
N MET A 63 1.18 -7.63 14.55
CA MET A 63 -0.24 -7.51 14.21
C MET A 63 -0.60 -6.06 13.90
N ARG A 64 0.32 -5.36 13.26
CA ARG A 64 0.10 -3.96 12.90
C ARG A 64 -1.13 -3.81 12.01
N GLY A 65 -1.37 -2.60 11.53
CA GLY A 65 -2.51 -2.35 10.68
C GLY A 65 -2.53 -0.93 10.14
N VAL A 66 -2.76 -0.80 8.84
CA VAL A 66 -2.80 0.51 8.19
C VAL A 66 -3.99 1.32 8.68
N ARG A 67 -3.69 2.45 9.31
CA ARG A 67 -4.74 3.32 9.83
C ARG A 67 -5.49 4.02 8.70
N LEU A 68 -6.80 4.16 8.85
CA LEU A 68 -7.63 4.80 7.84
C LEU A 68 -8.48 5.91 8.45
N VAL A 69 -8.27 7.13 7.98
CA VAL A 69 -9.02 8.27 8.49
C VAL A 69 -9.48 9.18 7.34
N GLU A 70 -10.79 9.44 7.29
CA GLU A 70 -11.35 10.27 6.25
C GLU A 70 -11.03 9.72 4.86
N GLY A 71 -10.83 8.41 4.79
CA GLY A 71 -10.52 7.77 3.52
C GLY A 71 -9.02 7.72 3.25
N ILE A 72 -8.29 8.67 3.83
CA ILE A 72 -6.84 8.73 3.64
C ILE A 72 -6.13 7.71 4.54
N LEU A 73 -5.49 6.73 3.90
CA LEU A 73 -4.77 5.70 4.64
C LEU A 73 -3.49 6.25 5.25
N HIS A 74 -3.44 6.30 6.57
CA HIS A 74 -2.27 6.80 7.29
C HIS A 74 -1.23 5.71 7.47
N ALA A 75 0.04 6.10 7.49
CA ALA A 75 1.13 5.14 7.65
C ALA A 75 1.60 5.11 9.11
N PRO A 76 2.22 3.99 9.50
CA PRO A 76 2.73 3.81 10.86
C PRO A 76 3.94 4.69 11.16
N ASP A 77 4.54 4.50 12.32
CA ASP A 77 5.71 5.27 12.72
C ASP A 77 6.97 4.76 12.03
N ALA A 78 6.82 3.70 11.25
CA ALA A 78 7.94 3.11 10.53
C ALA A 78 7.83 3.38 9.04
N GLY A 79 6.61 3.55 8.55
CA GLY A 79 6.39 3.82 7.14
C GLY A 79 5.59 2.71 6.46
N TRP A 80 5.39 2.85 5.16
CA TRP A 80 4.64 1.86 4.40
C TRP A 80 5.43 0.55 4.28
N GLY A 81 6.62 0.64 3.70
CA GLY A 81 7.45 -0.54 3.54
C GLY A 81 7.11 -1.32 2.28
N ASN A 82 7.57 -2.56 2.21
CA ASN A 82 7.31 -3.41 1.05
C ASN A 82 6.74 -4.75 1.48
N LEU A 83 5.94 -4.73 2.55
CA LEU A 83 5.33 -5.95 3.07
C LEU A 83 3.98 -6.20 2.40
N VAL A 84 3.28 -7.24 2.85
CA VAL A 84 1.97 -7.58 2.31
C VAL A 84 0.85 -6.95 3.13
N TYR A 85 -0.32 -6.84 2.53
CA TYR A 85 -1.47 -6.24 3.21
C TYR A 85 -2.72 -7.10 2.99
N VAL A 86 -3.59 -7.13 4.00
CA VAL A 86 -4.83 -7.89 3.92
C VAL A 86 -6.05 -6.98 3.85
N VAL A 87 -6.80 -7.08 2.76
CA VAL A 87 -7.99 -6.27 2.57
C VAL A 87 -8.99 -6.48 3.71
N ASN A 88 -9.92 -5.55 3.85
CA ASN A 88 -10.94 -5.64 4.89
C ASN A 88 -12.27 -5.05 4.41
N TYR A 89 -13.10 -5.91 3.82
CA TYR A 89 -14.40 -5.49 3.31
C TYR A 89 -15.20 -6.68 2.78
N PRO A 90 -16.53 -6.55 2.81
CA PRO A 90 -17.43 -7.61 2.34
C PRO A 90 -17.38 -7.79 0.83
N LYS A 91 -18.27 -8.63 0.31
CA LYS A 91 -18.32 -8.89 -1.13
C LYS A 91 -19.00 -7.74 -1.87
N ASP A 92 -18.25 -7.07 -2.74
CA ASP A 92 -18.79 -5.96 -3.51
C ASP A 92 -18.92 -6.33 -4.99
N ASN A 93 -20.01 -5.91 -5.60
CA ASN A 93 -20.26 -6.20 -7.01
C ASN A 93 -19.79 -5.04 -7.89
N LYS A 94 -18.54 -5.11 -8.34
CA LYS A 94 -17.98 -4.07 -9.18
C LYS A 94 -16.83 -4.63 -10.03
N ARG A 95 -16.77 -4.21 -11.30
CA ARG A 95 -15.73 -4.67 -12.20
C ARG A 95 -14.37 -4.12 -11.79
N LYS A 96 -13.33 -4.91 -11.98
CA LYS A 96 -11.98 -4.51 -11.63
C LYS A 96 -11.11 -4.37 -12.87
N MET A 97 -9.93 -3.76 -12.72
CA MET A 97 -9.01 -3.58 -13.83
C MET A 97 -7.59 -3.90 -13.41
N ASP A 98 -6.67 -3.94 -14.38
CA ASP A 98 -5.28 -4.24 -14.10
C ASP A 98 -4.39 -3.05 -14.47
N GLU A 99 -3.12 -3.12 -14.08
CA GLU A 99 -2.18 -2.05 -14.36
C GLU A 99 -0.87 -2.60 -14.93
N THR A 100 -0.26 -1.86 -15.84
CA THR A 100 0.98 -2.28 -16.47
C THR A 100 2.09 -2.45 -15.43
N ASP A 101 3.10 -3.24 -15.78
CA ASP A 101 4.22 -3.48 -14.87
C ASP A 101 4.93 -2.18 -14.52
N ALA A 102 5.35 -2.06 -13.26
CA ALA A 102 6.05 -0.86 -12.80
C ALA A 102 7.53 -0.94 -13.11
N SER A 103 8.27 0.11 -12.75
CA SER A 103 9.70 0.16 -13.01
C SER A 103 10.46 0.58 -11.75
N SER A 104 11.44 -0.23 -11.35
CA SER A 104 12.23 0.05 -10.16
C SER A 104 13.61 -0.60 -10.25
N ALA A 105 14.56 -0.06 -9.49
CA ALA A 105 15.92 -0.59 -9.49
C ALA A 105 16.47 -0.69 -8.07
N VAL A 106 15.85 -1.54 -7.27
CA VAL A 106 16.28 -1.74 -5.89
C VAL A 106 16.72 -3.18 -5.64
N LYS A 107 17.77 -3.35 -4.85
CA LYS A 107 18.28 -4.67 -4.52
C LYS A 107 18.63 -4.77 -3.04
N VAL A 108 17.65 -5.18 -2.23
CA VAL A 108 17.86 -5.32 -0.80
C VAL A 108 16.62 -5.88 -0.12
N LYS A 109 16.83 -6.73 0.88
CA LYS A 109 15.73 -7.34 1.62
C LYS A 109 16.25 -8.14 2.81
N ARG A 110 17.15 -9.09 2.53
CA ARG A 110 17.72 -9.91 3.59
C ARG A 110 16.69 -10.93 4.10
N ALA A 111 15.67 -10.43 4.78
CA ALA A 111 14.63 -11.28 5.32
C ALA A 111 15.21 -12.35 6.25
N VAL A 112 14.36 -13.28 6.67
CA VAL A 112 14.79 -14.36 7.56
C VAL A 112 14.14 -15.69 7.18
N GLN A 113 14.44 -16.72 7.94
CA GLN A 113 13.88 -18.05 7.68
C GLN A 113 12.69 -18.32 8.59
N LYS A 114 11.63 -18.88 8.03
CA LYS A 114 10.43 -19.20 8.78
C LYS A 114 10.61 -20.50 9.57
N MET A 1 13.72 -17.18 -21.51
CA MET A 1 15.15 -17.35 -21.22
C MET A 1 15.51 -16.69 -19.90
N ALA A 2 16.32 -17.38 -19.09
CA ALA A 2 16.74 -16.85 -17.81
C ALA A 2 18.17 -17.30 -17.48
N GLY A 3 18.68 -16.82 -16.34
CA GLY A 3 20.02 -17.18 -15.94
C GLY A 3 20.24 -17.01 -14.45
N SER A 4 20.34 -18.13 -13.73
CA SER A 4 20.55 -18.12 -12.29
C SER A 4 21.94 -17.60 -11.95
N HIS A 5 22.18 -17.36 -10.67
CA HIS A 5 23.48 -16.87 -10.20
C HIS A 5 23.98 -17.69 -9.02
N HIS A 6 23.08 -17.99 -8.09
CA HIS A 6 23.44 -18.77 -6.91
C HIS A 6 22.43 -19.89 -6.66
N HIS A 7 21.22 -19.50 -6.28
CA HIS A 7 20.16 -20.47 -6.01
C HIS A 7 19.37 -20.77 -7.28
N HIS A 8 18.89 -22.01 -7.39
CA HIS A 8 18.13 -22.43 -8.56
C HIS A 8 16.86 -21.60 -8.71
N HIS A 9 16.11 -21.49 -7.61
CA HIS A 9 14.87 -20.72 -7.62
C HIS A 9 14.97 -19.51 -6.69
N HIS A 10 14.64 -18.34 -7.23
CA HIS A 10 14.69 -17.11 -6.45
C HIS A 10 13.65 -17.13 -5.32
N GLY A 11 14.13 -17.35 -4.10
CA GLY A 11 13.24 -17.39 -2.96
C GLY A 11 12.44 -18.68 -2.89
N SER A 12 12.75 -19.51 -1.90
CA SER A 12 12.05 -20.78 -1.73
C SER A 12 10.94 -20.66 -0.68
N MET A 13 11.34 -20.48 0.57
CA MET A 13 10.38 -20.35 1.66
C MET A 13 9.74 -18.97 1.66
N SER A 14 8.60 -18.85 0.98
CA SER A 14 7.88 -17.58 0.90
C SER A 14 6.37 -17.81 0.80
N GLU A 15 5.60 -16.92 1.41
CA GLU A 15 4.16 -17.02 1.39
C GLU A 15 3.54 -15.91 0.54
N TYR A 16 2.23 -15.77 0.61
CA TYR A 16 1.52 -14.75 -0.16
C TYR A 16 0.55 -13.98 0.73
N ILE A 17 -0.13 -12.99 0.14
CA ILE A 17 -1.09 -12.18 0.88
C ILE A 17 -2.50 -12.36 0.32
N ARG A 18 -3.43 -12.74 1.18
CA ARG A 18 -4.81 -12.94 0.76
C ARG A 18 -5.72 -11.89 1.40
N VAL A 19 -6.17 -10.92 0.59
CA VAL A 19 -7.04 -9.86 1.08
C VAL A 19 -8.01 -9.42 -0.01
N THR A 20 -9.01 -8.62 0.38
CA THR A 20 -10.00 -8.13 -0.57
C THR A 20 -10.45 -6.72 -0.19
N GLU A 21 -10.51 -5.84 -1.19
CA GLU A 21 -10.93 -4.46 -0.97
C GLU A 21 -12.41 -4.39 -0.60
N ASP A 22 -13.20 -5.27 -1.21
CA ASP A 22 -14.63 -5.31 -0.97
C ASP A 22 -14.96 -6.32 0.13
N GLU A 23 -16.19 -6.25 0.63
CA GLU A 23 -16.63 -7.17 1.69
C GLU A 23 -17.24 -8.43 1.09
N ASN A 24 -17.94 -8.27 -0.03
CA ASN A 24 -18.57 -9.40 -0.70
C ASN A 24 -17.60 -10.07 -1.66
N ASP A 25 -16.65 -9.30 -2.18
CA ASP A 25 -15.65 -9.82 -3.11
C ASP A 25 -14.68 -10.76 -2.40
N GLU A 26 -14.47 -11.94 -2.97
CA GLU A 26 -13.57 -12.92 -2.40
C GLU A 26 -12.17 -12.34 -2.23
N PRO A 27 -11.41 -12.91 -1.27
CA PRO A 27 -10.04 -12.46 -0.99
C PRO A 27 -9.07 -12.82 -2.11
N ILE A 28 -8.55 -11.79 -2.78
CA ILE A 28 -7.59 -12.01 -3.87
C ILE A 28 -6.25 -12.49 -3.35
N GLU A 29 -5.60 -13.35 -4.12
CA GLU A 29 -4.29 -13.89 -3.74
C GLU A 29 -3.19 -13.28 -4.58
N ILE A 30 -2.31 -12.50 -3.92
CA ILE A 30 -1.20 -11.86 -4.61
C ILE A 30 0.14 -12.31 -4.05
N PRO A 31 1.18 -12.25 -4.88
CA PRO A 31 2.53 -12.65 -4.48
C PRO A 31 3.16 -11.69 -3.47
N SER A 32 3.87 -12.25 -2.50
CA SER A 32 4.51 -11.44 -1.47
C SER A 32 6.03 -11.67 -1.45
N GLU A 33 6.70 -11.05 -0.49
CA GLU A 33 8.14 -11.20 -0.37
C GLU A 33 8.50 -12.37 0.54
N ASP A 34 9.77 -12.76 0.52
CA ASP A 34 10.24 -13.87 1.34
C ASP A 34 10.14 -13.54 2.83
N ASP A 35 10.47 -12.30 3.17
CA ASP A 35 10.41 -11.85 4.55
C ASP A 35 8.98 -11.87 5.08
N GLY A 36 8.02 -11.88 4.15
CA GLY A 36 6.62 -11.90 4.53
C GLY A 36 5.87 -10.68 4.05
N THR A 37 6.58 -9.56 3.93
CA THR A 37 5.98 -8.31 3.48
C THR A 37 5.49 -8.44 2.03
N VAL A 38 5.09 -7.31 1.45
CA VAL A 38 4.61 -7.29 0.07
C VAL A 38 5.10 -6.05 -0.66
N LEU A 39 5.66 -6.25 -1.84
CA LEU A 39 6.17 -5.14 -2.65
C LEU A 39 5.03 -4.21 -3.08
N LEU A 40 5.28 -2.91 -2.98
CA LEU A 40 4.28 -1.91 -3.34
C LEU A 40 3.71 -2.21 -4.73
N SER A 41 4.58 -2.59 -5.65
CA SER A 41 4.16 -2.91 -7.01
C SER A 41 3.01 -3.91 -7.01
N THR A 42 3.03 -4.83 -6.05
CA THR A 42 2.00 -5.85 -5.95
C THR A 42 0.70 -5.24 -5.42
N VAL A 43 0.81 -4.34 -4.45
CA VAL A 43 -0.36 -3.70 -3.87
C VAL A 43 -1.11 -2.87 -4.91
N THR A 44 -0.37 -2.29 -5.86
CA THR A 44 -0.95 -1.49 -6.90
C THR A 44 -1.58 -2.36 -7.99
N ALA A 45 -0.98 -3.53 -8.22
CA ALA A 45 -1.48 -4.45 -9.22
C ALA A 45 -2.98 -4.72 -9.03
N GLN A 46 -3.37 -5.00 -7.80
CA GLN A 46 -4.76 -5.28 -7.49
C GLN A 46 -5.44 -4.06 -6.86
N PHE A 47 -4.65 -3.26 -6.15
CA PHE A 47 -5.16 -2.06 -5.49
C PHE A 47 -4.37 -0.83 -5.92
N PRO A 48 -4.65 -0.34 -7.15
CA PRO A 48 -3.97 0.84 -7.70
C PRO A 48 -4.38 2.12 -7.00
N GLY A 49 -3.38 2.89 -6.57
CA GLY A 49 -3.65 4.15 -5.89
C GLY A 49 -3.71 3.97 -4.38
N ALA A 50 -4.09 2.79 -3.93
CA ALA A 50 -4.19 2.50 -2.51
C ALA A 50 -2.90 2.88 -1.79
N CYS A 51 -2.98 3.91 -0.95
CA CYS A 51 -1.82 4.38 -0.20
C CYS A 51 -1.59 3.52 1.03
N GLY A 52 -2.67 3.01 1.61
CA GLY A 52 -2.56 2.17 2.79
C GLY A 52 -3.70 1.18 2.90
N LEU A 53 -3.42 0.02 3.49
CA LEU A 53 -4.43 -1.02 3.66
C LEU A 53 -4.74 -1.25 5.13
N ARG A 54 -6.01 -1.48 5.44
CA ARG A 54 -6.43 -1.71 6.81
C ARG A 54 -6.76 -3.19 7.04
N TYR A 55 -6.85 -3.57 8.31
CA TYR A 55 -7.15 -4.96 8.66
C TYR A 55 -8.60 -5.10 9.11
N ARG A 56 -9.29 -6.08 8.53
CA ARG A 56 -10.69 -6.33 8.87
C ARG A 56 -10.92 -7.79 9.23
N ASN A 57 -10.94 -8.07 10.53
CA ASN A 57 -11.14 -9.44 11.01
C ASN A 57 -12.43 -9.55 11.83
N PRO A 58 -13.01 -10.75 11.85
CA PRO A 58 -14.26 -11.01 12.59
C PRO A 58 -14.04 -10.98 14.11
N VAL A 59 -13.02 -11.68 14.57
CA VAL A 59 -12.70 -11.73 15.99
C VAL A 59 -12.02 -10.45 16.45
N SER A 60 -11.30 -9.82 15.54
CA SER A 60 -10.59 -8.57 15.85
C SER A 60 -11.54 -7.38 15.81
N GLN A 61 -12.57 -7.49 14.96
CA GLN A 61 -13.56 -6.41 14.83
C GLN A 61 -12.87 -5.09 14.49
N CYS A 62 -11.94 -5.14 13.55
CA CYS A 62 -11.22 -3.95 13.13
C CYS A 62 -10.40 -3.38 14.29
N MET A 63 -9.08 -3.57 14.22
CA MET A 63 -8.18 -3.08 15.25
C MET A 63 -6.85 -2.65 14.66
N ARG A 64 -6.03 -3.62 14.31
CA ARG A 64 -4.72 -3.35 13.73
C ARG A 64 -4.84 -3.00 12.24
N GLY A 65 -3.69 -2.79 11.60
CA GLY A 65 -3.70 -2.46 10.19
C GLY A 65 -2.38 -2.79 9.51
N VAL A 66 -2.44 -3.22 8.26
CA VAL A 66 -1.24 -3.57 7.51
C VAL A 66 -0.23 -2.43 7.54
N ARG A 67 0.92 -2.70 8.14
CA ARG A 67 1.98 -1.69 8.25
C ARG A 67 2.58 -1.40 6.88
N LEU A 68 2.89 -0.13 6.63
CA LEU A 68 3.48 0.28 5.36
C LEU A 68 4.79 1.03 5.58
N VAL A 69 5.87 0.49 5.02
CA VAL A 69 7.19 1.10 5.15
C VAL A 69 7.96 1.04 3.84
N GLU A 70 8.46 2.19 3.40
CA GLU A 70 9.22 2.26 2.15
C GLU A 70 8.41 1.70 0.99
N GLY A 71 7.08 1.74 1.11
CA GLY A 71 6.22 1.24 0.06
C GLY A 71 5.89 -0.23 0.25
N ILE A 72 6.79 -0.95 0.91
CA ILE A 72 6.59 -2.38 1.15
C ILE A 72 5.63 -2.61 2.31
N LEU A 73 4.49 -3.23 2.02
CA LEU A 73 3.50 -3.52 3.05
C LEU A 73 3.96 -4.65 3.96
N HIS A 74 4.20 -4.34 5.23
CA HIS A 74 4.64 -5.34 6.20
C HIS A 74 3.45 -6.09 6.77
N ALA A 75 3.68 -7.35 7.13
CA ALA A 75 2.63 -8.19 7.70
C ALA A 75 2.74 -8.25 9.22
N PRO A 76 1.61 -8.57 9.89
CA PRO A 76 1.56 -8.67 11.34
C PRO A 76 2.33 -9.88 11.88
N ASP A 77 2.23 -10.10 13.17
CA ASP A 77 2.93 -11.23 13.80
C ASP A 77 2.16 -12.53 13.57
N ALA A 78 1.02 -12.43 12.90
CA ALA A 78 0.20 -13.60 12.62
C ALA A 78 0.24 -13.93 11.13
N GLY A 79 0.50 -12.93 10.31
CA GLY A 79 0.56 -13.14 8.87
C GLY A 79 -0.55 -12.41 8.14
N TRP A 80 -0.57 -12.56 6.81
CA TRP A 80 -1.59 -11.91 5.99
C TRP A 80 -2.97 -12.48 6.27
N GLY A 81 -3.12 -13.80 6.07
CA GLY A 81 -4.39 -14.44 6.31
C GLY A 81 -5.32 -14.35 5.11
N ASN A 82 -6.61 -14.60 5.35
CA ASN A 82 -7.60 -14.55 4.29
C ASN A 82 -8.77 -13.66 4.68
N LEU A 83 -8.48 -12.60 5.44
CA LEU A 83 -9.50 -11.67 5.88
C LEU A 83 -9.67 -10.53 4.88
N VAL A 84 -10.51 -9.56 5.23
CA VAL A 84 -10.77 -8.42 4.37
C VAL A 84 -9.91 -7.22 4.77
N TYR A 85 -9.67 -6.32 3.83
CA TYR A 85 -8.87 -5.14 4.07
C TYR A 85 -9.59 -3.87 3.61
N VAL A 86 -9.36 -2.78 4.31
CA VAL A 86 -9.98 -1.50 3.97
C VAL A 86 -8.95 -0.51 3.42
N VAL A 87 -9.13 -0.12 2.16
CA VAL A 87 -8.22 0.83 1.52
C VAL A 87 -8.13 2.12 2.31
N ASN A 88 -7.08 2.90 2.05
CA ASN A 88 -6.87 4.17 2.73
C ASN A 88 -6.24 5.19 1.80
N TYR A 89 -6.96 6.28 1.54
CA TYR A 89 -6.46 7.33 0.65
C TYR A 89 -6.39 8.66 1.40
N PRO A 90 -5.39 8.79 2.29
CA PRO A 90 -5.17 10.00 3.07
C PRO A 90 -4.69 11.18 2.22
N LYS A 91 -3.69 10.92 1.39
CA LYS A 91 -3.13 11.96 0.52
C LYS A 91 -2.00 11.40 -0.33
N ASP A 92 -1.06 10.71 0.32
CA ASP A 92 0.08 10.13 -0.38
C ASP A 92 0.79 9.11 0.51
N ASN A 93 1.96 8.66 0.07
CA ASN A 93 2.74 7.68 0.81
C ASN A 93 4.07 8.29 1.28
N LYS A 94 4.91 8.68 0.32
CA LYS A 94 6.20 9.27 0.62
C LYS A 94 6.76 10.01 -0.59
N ARG A 95 6.60 9.41 -1.77
CA ARG A 95 7.08 10.00 -3.01
C ARG A 95 6.10 11.05 -3.53
N LYS A 96 6.61 11.97 -4.35
CA LYS A 96 5.78 13.02 -4.92
C LYS A 96 5.29 12.64 -6.31
N MET A 97 4.10 13.11 -6.67
CA MET A 97 3.52 12.81 -7.97
C MET A 97 4.35 13.45 -9.08
N ASP A 98 4.51 14.77 -9.02
CA ASP A 98 5.28 15.50 -10.02
C ASP A 98 4.75 15.20 -11.43
N GLU A 99 3.51 15.59 -11.69
CA GLU A 99 2.90 15.37 -12.99
C GLU A 99 2.21 16.63 -13.48
N THR A 100 1.49 16.51 -14.60
CA THR A 100 0.79 17.64 -15.19
C THR A 100 -0.20 18.24 -14.20
N ASP A 101 0.19 19.34 -13.57
CA ASP A 101 -0.67 20.02 -12.60
C ASP A 101 -0.38 21.51 -12.57
N ALA A 102 -1.34 22.28 -12.05
CA ALA A 102 -1.18 23.73 -11.96
C ALA A 102 -1.35 24.21 -10.53
N SER A 103 -0.28 24.76 -9.96
CA SER A 103 -0.31 25.25 -8.59
C SER A 103 0.05 26.73 -8.54
N SER A 104 -0.53 27.51 -9.43
CA SER A 104 -0.26 28.94 -9.50
C SER A 104 -1.40 29.74 -8.87
N ALA A 105 -1.06 30.61 -7.92
CA ALA A 105 -2.05 31.44 -7.25
C ALA A 105 -1.39 32.57 -6.48
N VAL A 106 -1.06 33.64 -7.18
CA VAL A 106 -0.42 34.80 -6.55
C VAL A 106 -1.30 36.04 -6.67
N LYS A 107 -1.26 36.89 -5.64
CA LYS A 107 -2.05 38.11 -5.63
C LYS A 107 -1.42 39.14 -4.69
N VAL A 108 -0.93 40.24 -5.27
CA VAL A 108 -0.31 41.31 -4.49
C VAL A 108 -0.94 42.65 -4.80
N LYS A 109 -1.10 43.48 -3.77
CA LYS A 109 -1.69 44.80 -3.93
C LYS A 109 -0.85 45.87 -3.23
N ARG A 110 0.13 46.42 -3.94
CA ARG A 110 1.00 47.45 -3.38
C ARG A 110 0.40 48.84 -3.59
N ALA A 111 -0.29 49.34 -2.57
CA ALA A 111 -0.91 50.66 -2.65
C ALA A 111 -0.24 51.63 -1.68
N VAL A 112 0.30 52.72 -2.22
CA VAL A 112 0.97 53.72 -1.40
C VAL A 112 0.00 54.35 -0.41
N GLN A 113 0.49 54.66 0.79
CA GLN A 113 -0.34 55.28 1.82
C GLN A 113 -0.17 56.79 1.82
N LYS A 114 -1.21 57.50 2.25
CA LYS A 114 -1.17 58.95 2.30
C LYS A 114 -0.73 59.43 3.69
N MET A 1 17.09 -3.23 -21.19
CA MET A 1 18.22 -4.14 -21.30
C MET A 1 19.48 -3.55 -20.68
N ALA A 2 19.88 -4.09 -19.54
CA ALA A 2 21.06 -3.61 -18.85
C ALA A 2 20.95 -2.13 -18.52
N GLY A 3 22.00 -1.57 -17.92
CA GLY A 3 21.99 -0.17 -17.55
C GLY A 3 23.28 0.26 -16.86
N SER A 4 23.20 0.49 -15.55
CA SER A 4 24.36 0.91 -14.77
C SER A 4 24.92 2.23 -15.31
N HIS A 5 24.03 3.18 -15.58
CA HIS A 5 24.43 4.48 -16.09
C HIS A 5 24.50 5.51 -14.97
N HIS A 6 23.34 5.91 -14.46
CA HIS A 6 23.28 6.89 -13.39
C HIS A 6 21.88 6.94 -12.78
N HIS A 7 21.33 5.76 -12.48
CA HIS A 7 19.99 5.67 -11.90
C HIS A 7 19.97 4.66 -10.76
N HIS A 8 20.60 3.51 -10.98
CA HIS A 8 20.65 2.46 -9.96
C HIS A 8 19.24 2.12 -9.46
N HIS A 9 18.46 1.47 -10.30
CA HIS A 9 17.10 1.08 -9.94
C HIS A 9 17.08 -0.25 -9.22
N HIS A 10 17.59 -1.29 -9.89
CA HIS A 10 17.62 -2.63 -9.29
C HIS A 10 18.32 -2.60 -7.94
N GLY A 11 17.67 -3.20 -6.94
CA GLY A 11 18.24 -3.24 -5.61
C GLY A 11 17.22 -2.92 -4.53
N SER A 12 16.01 -3.46 -4.69
CA SER A 12 14.94 -3.21 -3.73
C SER A 12 13.90 -4.33 -3.80
N MET A 13 13.49 -4.68 -5.01
CA MET A 13 12.50 -5.73 -5.21
C MET A 13 11.18 -5.36 -4.55
N SER A 14 10.17 -6.22 -4.72
CA SER A 14 8.86 -5.98 -4.15
C SER A 14 8.29 -7.25 -3.54
N GLU A 15 7.35 -7.09 -2.61
CA GLU A 15 6.72 -8.23 -1.94
C GLU A 15 5.27 -8.39 -2.40
N TYR A 16 4.58 -9.34 -1.80
CA TYR A 16 3.18 -9.60 -2.13
C TYR A 16 2.32 -9.68 -0.88
N ILE A 17 1.02 -9.90 -1.07
CA ILE A 17 0.09 -10.00 0.05
C ILE A 17 -0.64 -11.34 0.04
N ARG A 18 -0.58 -12.05 1.17
CA ARG A 18 -1.22 -13.35 1.29
C ARG A 18 -2.29 -13.32 2.39
N VAL A 19 -3.55 -13.30 1.99
CA VAL A 19 -4.65 -13.27 2.93
C VAL A 19 -5.88 -13.97 2.37
N THR A 20 -6.68 -14.56 3.25
CA THR A 20 -7.88 -15.27 2.85
C THR A 20 -9.13 -14.64 3.45
N GLU A 21 -10.23 -14.67 2.70
CA GLU A 21 -11.48 -14.10 3.17
C GLU A 21 -12.12 -14.98 4.24
N ASP A 22 -12.23 -16.27 3.95
CA ASP A 22 -12.82 -17.23 4.87
C ASP A 22 -11.73 -17.98 5.64
N GLU A 23 -12.02 -18.29 6.90
CA GLU A 23 -11.08 -19.01 7.74
C GLU A 23 -10.80 -20.41 7.20
N ASN A 24 -11.82 -21.01 6.60
CA ASN A 24 -11.69 -22.36 6.04
C ASN A 24 -10.99 -22.30 4.68
N ASP A 25 -11.12 -21.17 3.99
CA ASP A 25 -10.50 -21.00 2.69
C ASP A 25 -8.99 -20.86 2.82
N GLU A 26 -8.28 -21.18 1.75
CA GLU A 26 -6.83 -21.08 1.75
C GLU A 26 -6.36 -19.65 1.51
N PRO A 27 -5.17 -19.32 2.01
CA PRO A 27 -4.59 -17.98 1.87
C PRO A 27 -4.17 -17.69 0.43
N ILE A 28 -4.99 -16.89 -0.26
CA ILE A 28 -4.70 -16.53 -1.64
C ILE A 28 -3.58 -15.50 -1.72
N GLU A 29 -2.62 -15.75 -2.61
CA GLU A 29 -1.49 -14.83 -2.78
C GLU A 29 -1.70 -13.92 -3.99
N ILE A 30 -1.61 -12.63 -3.77
CA ILE A 30 -1.79 -11.65 -4.84
C ILE A 30 -0.63 -10.68 -4.90
N PRO A 31 -0.40 -10.09 -6.09
CA PRO A 31 0.68 -9.12 -6.30
C PRO A 31 0.43 -7.80 -5.59
N SER A 32 1.49 -7.20 -5.09
CA SER A 32 1.39 -5.93 -4.37
C SER A 32 2.35 -4.89 -4.96
N GLU A 33 2.10 -3.63 -4.67
CA GLU A 33 2.94 -2.54 -5.16
C GLU A 33 4.35 -2.64 -4.59
N ASP A 34 5.29 -1.94 -5.20
CA ASP A 34 6.67 -1.95 -4.75
C ASP A 34 6.80 -1.30 -3.37
N ASP A 35 6.00 -0.27 -3.13
CA ASP A 35 6.01 0.44 -1.86
C ASP A 35 5.58 -0.49 -0.72
N GLY A 36 4.89 -1.57 -1.08
CA GLY A 36 4.43 -2.52 -0.07
C GLY A 36 2.92 -2.62 -0.04
N THR A 37 2.24 -1.54 -0.37
CA THR A 37 0.78 -1.51 -0.37
C THR A 37 0.22 -2.41 -1.46
N VAL A 38 -1.09 -2.32 -1.68
CA VAL A 38 -1.76 -3.13 -2.70
C VAL A 38 -2.80 -2.32 -3.45
N LEU A 39 -2.78 -2.42 -4.77
CA LEU A 39 -3.72 -1.69 -5.62
C LEU A 39 -5.13 -2.25 -5.46
N LEU A 40 -6.10 -1.36 -5.31
CA LEU A 40 -7.50 -1.76 -5.15
C LEU A 40 -7.89 -2.76 -6.23
N SER A 41 -7.43 -2.52 -7.46
CA SER A 41 -7.75 -3.40 -8.58
C SER A 41 -7.45 -4.86 -8.22
N THR A 42 -6.41 -5.07 -7.42
CA THR A 42 -6.02 -6.41 -7.01
C THR A 42 -6.98 -6.96 -5.97
N VAL A 43 -7.28 -6.17 -4.95
CA VAL A 43 -8.19 -6.59 -3.89
C VAL A 43 -9.51 -7.08 -4.47
N THR A 44 -9.97 -6.40 -5.52
CA THR A 44 -11.24 -6.76 -6.17
C THR A 44 -11.09 -8.06 -6.97
N ALA A 45 -9.87 -8.34 -7.40
CA ALA A 45 -9.59 -9.54 -8.17
C ALA A 45 -10.21 -10.77 -7.51
N GLN A 46 -9.97 -10.92 -6.21
CA GLN A 46 -10.49 -12.05 -5.46
C GLN A 46 -11.62 -11.61 -4.53
N PHE A 47 -11.51 -10.40 -4.01
CA PHE A 47 -12.52 -9.86 -3.11
C PHE A 47 -13.25 -8.69 -3.75
N PRO A 48 -14.17 -9.01 -4.68
CA PRO A 48 -14.96 -8.01 -5.38
C PRO A 48 -15.99 -7.33 -4.48
N GLY A 49 -15.96 -6.00 -4.46
CA GLY A 49 -16.90 -5.26 -3.63
C GLY A 49 -16.32 -4.92 -2.27
N ALA A 50 -15.41 -5.76 -1.79
CA ALA A 50 -14.78 -5.55 -0.50
C ALA A 50 -14.26 -4.12 -0.36
N CYS A 51 -14.87 -3.35 0.54
CA CYS A 51 -14.46 -1.96 0.76
C CYS A 51 -13.24 -1.89 1.66
N GLY A 52 -13.16 -2.82 2.62
CA GLY A 52 -12.03 -2.83 3.54
C GLY A 52 -11.73 -4.23 4.05
N LEU A 53 -10.47 -4.47 4.39
CA LEU A 53 -10.05 -5.76 4.89
C LEU A 53 -9.57 -5.67 6.34
N ARG A 54 -9.85 -6.69 7.13
CA ARG A 54 -9.45 -6.71 8.52
C ARG A 54 -8.28 -7.68 8.74
N TYR A 55 -7.66 -7.58 9.91
CA TYR A 55 -6.54 -8.45 10.24
C TYR A 55 -6.94 -9.52 11.24
N ARG A 56 -6.61 -10.77 10.94
CA ARG A 56 -6.93 -11.90 11.80
C ARG A 56 -5.70 -12.74 12.07
N ASN A 57 -5.08 -12.51 13.23
CA ASN A 57 -3.88 -13.27 13.60
C ASN A 57 -4.18 -14.18 14.80
N PRO A 58 -4.13 -15.50 14.56
CA PRO A 58 -4.39 -16.50 15.59
C PRO A 58 -3.27 -16.57 16.63
N VAL A 59 -2.04 -16.31 16.19
CA VAL A 59 -0.89 -16.33 17.08
C VAL A 59 -0.69 -14.97 17.74
N SER A 60 -1.09 -13.92 17.06
CA SER A 60 -0.95 -12.56 17.58
C SER A 60 -2.12 -12.21 18.48
N GLN A 61 -3.29 -12.78 18.20
CA GLN A 61 -4.48 -12.53 18.98
C GLN A 61 -4.69 -11.02 19.19
N CYS A 62 -4.32 -10.24 18.19
CA CYS A 62 -4.46 -8.79 18.25
C CYS A 62 -5.73 -8.34 17.52
N MET A 63 -5.85 -7.03 17.34
CA MET A 63 -7.02 -6.47 16.66
C MET A 63 -6.59 -5.50 15.56
N ARG A 64 -5.47 -5.82 14.90
CA ARG A 64 -4.95 -4.98 13.83
C ARG A 64 -5.94 -4.89 12.68
N GLY A 65 -5.52 -4.24 11.59
CA GLY A 65 -6.40 -4.10 10.44
C GLY A 65 -5.72 -3.39 9.29
N VAL A 66 -5.87 -3.93 8.09
CA VAL A 66 -5.26 -3.34 6.90
C VAL A 66 -5.73 -1.91 6.68
N ARG A 67 -4.81 -0.96 6.77
CA ARG A 67 -5.13 0.44 6.60
C ARG A 67 -5.33 0.77 5.13
N LEU A 68 -6.57 1.12 4.76
CA LEU A 68 -6.90 1.46 3.38
C LEU A 68 -6.85 2.96 3.16
N VAL A 69 -6.24 3.38 2.06
CA VAL A 69 -6.13 4.80 1.73
C VAL A 69 -6.13 5.01 0.22
N GLU A 70 -7.08 5.81 -0.26
CA GLU A 70 -7.19 6.10 -1.68
C GLU A 70 -7.41 4.81 -2.48
N GLY A 71 -8.02 3.82 -1.84
CA GLY A 71 -8.28 2.56 -2.50
C GLY A 71 -7.14 1.58 -2.37
N ILE A 72 -5.93 2.11 -2.20
CA ILE A 72 -4.73 1.27 -2.06
C ILE A 72 -4.61 0.74 -0.64
N LEU A 73 -4.66 -0.58 -0.49
CA LEU A 73 -4.56 -1.21 0.81
C LEU A 73 -3.12 -1.14 1.32
N HIS A 74 -2.92 -0.40 2.41
CA HIS A 74 -1.59 -0.25 3.00
C HIS A 74 -1.32 -1.38 4.00
N ALA A 75 -0.06 -1.80 4.07
CA ALA A 75 0.34 -2.88 4.98
C ALA A 75 0.90 -2.30 6.28
N PRO A 76 0.86 -3.12 7.34
CA PRO A 76 1.36 -2.72 8.67
C PRO A 76 2.88 -2.57 8.70
N ASP A 77 3.42 -2.35 9.89
CA ASP A 77 4.86 -2.19 10.06
C ASP A 77 5.55 -3.55 10.06
N ALA A 78 4.76 -4.61 9.97
CA ALA A 78 5.30 -5.96 9.96
C ALA A 78 5.16 -6.60 8.58
N GLY A 79 4.18 -6.14 7.81
CA GLY A 79 3.96 -6.68 6.48
C GLY A 79 2.62 -7.37 6.34
N TRP A 80 2.35 -7.90 5.15
CA TRP A 80 1.09 -8.60 4.89
C TRP A 80 1.02 -9.90 5.67
N GLY A 81 1.99 -10.79 5.41
CA GLY A 81 2.03 -12.07 6.09
C GLY A 81 1.15 -13.11 5.41
N ASN A 82 0.85 -14.19 6.12
CA ASN A 82 0.02 -15.26 5.58
C ASN A 82 -1.14 -15.58 6.51
N LEU A 83 -1.64 -14.55 7.20
CA LEU A 83 -2.74 -14.73 8.12
C LEU A 83 -4.08 -14.57 7.41
N VAL A 84 -5.17 -14.62 8.18
CA VAL A 84 -6.51 -14.47 7.61
C VAL A 84 -6.98 -13.03 7.69
N TYR A 85 -7.96 -12.69 6.86
CA TYR A 85 -8.51 -11.33 6.84
C TYR A 85 -10.04 -11.36 6.82
N VAL A 86 -10.65 -10.36 7.44
CA VAL A 86 -12.10 -10.26 7.50
C VAL A 86 -12.61 -9.11 6.64
N VAL A 87 -13.41 -9.43 5.64
CA VAL A 87 -13.97 -8.43 4.75
C VAL A 87 -14.78 -7.39 5.52
N ASN A 88 -14.96 -6.22 4.92
CA ASN A 88 -15.72 -5.15 5.55
C ASN A 88 -16.50 -4.34 4.52
N TYR A 89 -17.81 -4.24 4.72
CA TYR A 89 -18.66 -3.50 3.80
C TYR A 89 -19.43 -2.40 4.52
N PRO A 90 -18.68 -1.38 4.99
CA PRO A 90 -19.27 -0.25 5.71
C PRO A 90 -20.11 0.65 4.80
N LYS A 91 -19.56 1.00 3.65
CA LYS A 91 -20.27 1.84 2.69
C LYS A 91 -19.47 1.97 1.39
N ASP A 92 -20.19 2.02 0.28
CA ASP A 92 -19.56 2.15 -1.03
C ASP A 92 -18.90 3.52 -1.19
N ASN A 93 -17.92 3.60 -2.08
CA ASN A 93 -17.21 4.84 -2.32
C ASN A 93 -16.44 4.79 -3.64
N LYS A 94 -15.74 5.87 -3.97
CA LYS A 94 -14.98 5.95 -5.20
C LYS A 94 -13.63 6.64 -4.96
N ARG A 95 -12.84 6.78 -6.02
CA ARG A 95 -11.55 7.43 -5.93
C ARG A 95 -11.37 8.46 -7.04
N LYS A 96 -10.19 9.08 -7.08
CA LYS A 96 -9.90 10.09 -8.10
C LYS A 96 -8.41 10.38 -8.15
N MET A 97 -7.86 10.88 -7.05
CA MET A 97 -6.44 11.20 -6.96
C MET A 97 -6.08 12.30 -7.96
N ASP A 98 -4.90 12.89 -7.77
CA ASP A 98 -4.43 13.96 -8.66
C ASP A 98 -3.00 14.34 -8.33
N GLU A 99 -2.76 14.78 -7.10
CA GLU A 99 -1.44 15.18 -6.67
C GLU A 99 -0.93 16.38 -7.48
N THR A 100 0.13 17.01 -6.98
CA THR A 100 0.71 18.16 -7.66
C THR A 100 2.19 18.28 -7.37
N ASP A 101 2.82 19.32 -7.93
CA ASP A 101 4.25 19.54 -7.73
C ASP A 101 4.57 21.03 -7.68
N ALA A 102 4.31 21.72 -8.79
CA ALA A 102 4.57 23.15 -8.86
C ALA A 102 6.07 23.45 -8.85
N SER A 103 6.66 23.37 -7.66
CA SER A 103 8.09 23.63 -7.51
C SER A 103 8.43 25.06 -7.93
N SER A 104 8.58 25.94 -6.94
CA SER A 104 8.91 27.33 -7.21
C SER A 104 10.15 27.76 -6.44
N ALA A 105 10.58 29.00 -6.66
CA ALA A 105 11.76 29.53 -5.99
C ALA A 105 11.82 31.05 -6.10
N VAL A 106 12.68 31.67 -5.29
CA VAL A 106 12.84 33.11 -5.31
C VAL A 106 14.00 33.56 -4.43
N LYS A 107 15.02 32.70 -4.35
CA LYS A 107 16.20 33.00 -3.54
C LYS A 107 16.79 34.35 -3.92
N VAL A 108 17.60 34.91 -3.04
CA VAL A 108 18.23 36.20 -3.27
C VAL A 108 19.19 36.56 -2.14
N LYS A 109 20.22 37.34 -2.48
CA LYS A 109 21.20 37.76 -1.49
C LYS A 109 21.69 39.18 -1.78
N ARG A 110 22.60 39.66 -0.94
CA ARG A 110 23.15 41.01 -1.10
C ARG A 110 24.55 41.10 -0.52
N ALA A 111 25.31 42.09 -0.98
CA ALA A 111 26.67 42.28 -0.50
C ALA A 111 26.75 43.45 0.48
N VAL A 112 27.97 43.82 0.86
CA VAL A 112 28.17 44.93 1.79
C VAL A 112 29.50 45.62 1.52
N GLN A 113 29.82 46.60 2.37
CA GLN A 113 31.07 47.35 2.22
C GLN A 113 31.84 47.39 3.54
N LYS A 114 32.93 48.15 3.56
CA LYS A 114 33.75 48.28 4.76
C LYS A 114 32.91 48.74 5.95
N MET A 1 -2.71 15.26 12.74
CA MET A 1 -2.21 15.56 11.40
C MET A 1 -1.21 14.49 10.95
N ALA A 2 -1.32 14.10 9.68
CA ALA A 2 -0.43 13.08 9.12
C ALA A 2 1.00 13.60 9.03
N GLY A 3 1.93 12.68 8.76
CA GLY A 3 3.32 13.06 8.65
C GLY A 3 4.25 12.12 9.40
N SER A 4 5.07 11.38 8.66
CA SER A 4 6.00 10.42 9.26
C SER A 4 6.93 9.84 8.20
N HIS A 5 8.23 10.06 8.38
CA HIS A 5 9.23 9.55 7.45
C HIS A 5 10.61 9.51 8.09
N HIS A 6 11.33 8.42 7.86
CA HIS A 6 12.67 8.25 8.42
C HIS A 6 13.45 7.20 7.65
N HIS A 7 14.66 6.91 8.12
CA HIS A 7 15.52 5.92 7.46
C HIS A 7 15.52 4.61 8.25
N HIS A 8 15.81 3.52 7.55
CA HIS A 8 15.86 2.20 8.18
C HIS A 8 17.02 1.38 7.65
N HIS A 9 18.23 1.73 8.09
CA HIS A 9 19.43 1.02 7.66
C HIS A 9 19.72 -0.17 8.57
N HIS A 10 19.48 0.00 9.86
CA HIS A 10 19.70 -1.06 10.83
C HIS A 10 18.80 -0.89 12.05
N GLY A 11 18.09 -1.95 12.42
CA GLY A 11 17.20 -1.90 13.56
C GLY A 11 16.80 -3.27 14.05
N SER A 12 15.71 -3.80 13.50
CA SER A 12 15.21 -5.11 13.88
C SER A 12 14.78 -5.92 12.66
N MET A 13 14.73 -7.24 12.81
CA MET A 13 14.34 -8.12 11.72
C MET A 13 12.96 -7.75 11.20
N SER A 14 12.04 -7.46 12.12
CA SER A 14 10.68 -7.09 11.75
C SER A 14 10.07 -8.14 10.83
N GLU A 15 8.89 -7.82 10.29
CA GLU A 15 8.20 -8.74 9.39
C GLU A 15 7.72 -8.02 8.13
N TYR A 16 7.01 -8.74 7.27
CA TYR A 16 6.50 -8.17 6.03
C TYR A 16 5.03 -8.48 5.86
N ILE A 17 4.46 -8.02 4.75
CA ILE A 17 3.04 -8.24 4.46
C ILE A 17 2.87 -9.02 3.16
N ARG A 18 2.19 -10.16 3.24
CA ARG A 18 1.94 -10.99 2.06
C ARG A 18 0.46 -11.03 1.73
N VAL A 19 0.07 -10.32 0.68
CA VAL A 19 -1.32 -10.27 0.25
C VAL A 19 -1.42 -10.07 -1.26
N THR A 20 -2.51 -10.58 -1.85
CA THR A 20 -2.73 -10.46 -3.28
C THR A 20 -4.02 -9.72 -3.58
N GLU A 21 -4.06 -9.04 -4.72
CA GLU A 21 -5.25 -8.29 -5.12
C GLU A 21 -6.33 -9.21 -5.65
N ASP A 22 -5.95 -10.09 -6.56
CA ASP A 22 -6.90 -11.04 -7.15
C ASP A 22 -6.71 -12.43 -6.56
N GLU A 23 -7.80 -13.17 -6.46
CA GLU A 23 -7.75 -14.52 -5.90
C GLU A 23 -6.91 -15.44 -6.78
N ASN A 24 -6.97 -15.22 -8.09
CA ASN A 24 -6.22 -16.03 -9.03
C ASN A 24 -4.74 -15.67 -9.01
N ASP A 25 -4.45 -14.42 -8.65
CA ASP A 25 -3.07 -13.94 -8.58
C ASP A 25 -2.37 -14.48 -7.33
N GLU A 26 -1.07 -14.67 -7.43
CA GLU A 26 -0.29 -15.17 -6.31
C GLU A 26 -0.09 -14.10 -5.24
N PRO A 27 0.09 -14.52 -3.99
CA PRO A 27 0.28 -13.61 -2.86
C PRO A 27 1.63 -12.91 -2.91
N ILE A 28 1.61 -11.63 -3.27
CA ILE A 28 2.84 -10.83 -3.36
C ILE A 28 3.28 -10.36 -1.98
N GLU A 29 4.60 -10.36 -1.77
CA GLU A 29 5.16 -9.93 -0.49
C GLU A 29 5.76 -8.52 -0.60
N ILE A 30 5.46 -7.67 0.36
CA ILE A 30 5.96 -6.31 0.38
C ILE A 30 6.65 -5.99 1.70
N PRO A 31 7.68 -5.13 1.64
CA PRO A 31 8.43 -4.71 2.83
C PRO A 31 7.61 -3.83 3.77
N SER A 32 7.37 -4.31 4.98
CA SER A 32 6.60 -3.55 5.96
C SER A 32 7.51 -2.78 6.91
N GLU A 33 6.91 -2.13 7.91
CA GLU A 33 7.68 -1.36 8.87
C GLU A 33 8.09 -2.23 10.06
N ASP A 34 8.95 -1.69 10.92
CA ASP A 34 9.42 -2.41 12.10
C ASP A 34 8.29 -2.62 13.09
N ASP A 35 7.44 -1.60 13.24
CA ASP A 35 6.32 -1.67 14.16
C ASP A 35 5.33 -2.76 13.75
N GLY A 36 5.40 -3.16 12.48
CA GLY A 36 4.52 -4.20 11.99
C GLY A 36 3.60 -3.70 10.88
N THR A 37 3.26 -2.41 10.94
CA THR A 37 2.38 -1.81 9.96
C THR A 37 3.05 -1.75 8.59
N VAL A 38 2.42 -1.05 7.65
CA VAL A 38 2.96 -0.91 6.30
C VAL A 38 2.79 0.51 5.79
N LEU A 39 3.85 1.07 5.21
CA LEU A 39 3.82 2.43 4.68
C LEU A 39 2.94 2.50 3.44
N LEU A 40 2.06 3.50 3.40
CA LEU A 40 1.17 3.68 2.26
C LEU A 40 1.93 3.64 0.95
N SER A 41 3.07 4.32 0.91
CA SER A 41 3.91 4.36 -0.29
C SER A 41 4.19 2.95 -0.81
N THR A 42 4.34 2.01 0.12
CA THR A 42 4.61 0.62 -0.24
C THR A 42 3.37 -0.04 -0.85
N VAL A 43 2.21 0.33 -0.33
CA VAL A 43 0.95 -0.24 -0.82
C VAL A 43 0.71 0.15 -2.28
N THR A 44 1.04 1.39 -2.62
CA THR A 44 0.86 1.88 -3.98
C THR A 44 1.85 1.22 -4.94
N ALA A 45 3.00 0.81 -4.41
CA ALA A 45 4.02 0.16 -5.22
C ALA A 45 3.43 -0.96 -6.06
N GLN A 46 2.64 -1.81 -5.43
CA GLN A 46 2.01 -2.94 -6.12
C GLN A 46 0.53 -2.67 -6.36
N PHE A 47 -0.10 -1.98 -5.42
CA PHE A 47 -1.52 -1.66 -5.52
C PHE A 47 -1.73 -0.15 -5.63
N PRO A 48 -1.49 0.40 -6.83
CA PRO A 48 -1.66 1.84 -7.10
C PRO A 48 -3.12 2.27 -7.07
N GLY A 49 -3.40 3.33 -6.30
CA GLY A 49 -4.75 3.83 -6.21
C GLY A 49 -5.52 3.21 -5.05
N ALA A 50 -5.16 1.97 -4.70
CA ALA A 50 -5.82 1.27 -3.60
C ALA A 50 -5.84 2.13 -2.33
N CYS A 51 -7.02 2.55 -1.93
CA CYS A 51 -7.18 3.37 -0.74
C CYS A 51 -7.28 2.51 0.51
N GLY A 52 -8.09 1.45 0.44
CA GLY A 52 -8.25 0.56 1.57
C GLY A 52 -8.16 -0.90 1.17
N LEU A 53 -7.63 -1.72 2.07
CA LEU A 53 -7.48 -3.15 1.81
C LEU A 53 -8.37 -3.97 2.75
N ARG A 54 -8.97 -5.03 2.22
CA ARG A 54 -9.84 -5.90 2.99
C ARG A 54 -9.15 -7.22 3.31
N TYR A 55 -9.71 -7.96 4.27
CA TYR A 55 -9.15 -9.25 4.65
C TYR A 55 -9.97 -10.39 4.08
N ARG A 56 -9.30 -11.33 3.42
CA ARG A 56 -9.97 -12.48 2.82
C ARG A 56 -9.30 -13.78 3.27
N ASN A 57 -9.90 -14.44 4.26
CA ASN A 57 -9.37 -15.69 4.78
C ASN A 57 -10.37 -16.83 4.60
N PRO A 58 -9.87 -18.00 4.20
CA PRO A 58 -10.70 -19.19 3.98
C PRO A 58 -11.25 -19.75 5.28
N VAL A 59 -10.48 -19.63 6.35
CA VAL A 59 -10.89 -20.13 7.66
C VAL A 59 -11.81 -19.13 8.36
N SER A 60 -11.61 -17.85 8.10
CA SER A 60 -12.42 -16.81 8.70
C SER A 60 -13.70 -16.58 7.92
N GLN A 61 -13.64 -16.84 6.61
CA GLN A 61 -14.79 -16.66 5.74
C GLN A 61 -15.23 -15.20 5.70
N CYS A 62 -14.26 -14.31 5.56
CA CYS A 62 -14.54 -12.88 5.50
C CYS A 62 -15.10 -12.38 6.84
N MET A 63 -14.37 -11.48 7.48
CA MET A 63 -14.79 -10.92 8.76
C MET A 63 -13.81 -9.86 9.24
N ARG A 64 -12.53 -10.07 8.96
CA ARG A 64 -11.50 -9.11 9.36
C ARG A 64 -11.32 -8.02 8.30
N GLY A 65 -10.33 -7.16 8.51
CA GLY A 65 -10.06 -6.10 7.56
C GLY A 65 -8.87 -5.26 7.95
N VAL A 66 -7.91 -5.12 7.03
CA VAL A 66 -6.71 -4.34 7.29
C VAL A 66 -7.05 -2.93 7.75
N ARG A 67 -6.37 -2.48 8.80
CA ARG A 67 -6.61 -1.15 9.34
C ARG A 67 -5.76 -0.10 8.63
N LEU A 68 -6.33 1.07 8.40
CA LEU A 68 -5.62 2.15 7.73
C LEU A 68 -5.67 3.43 8.55
N VAL A 69 -4.50 3.92 8.95
CA VAL A 69 -4.42 5.15 9.75
C VAL A 69 -3.25 6.01 9.28
N GLU A 70 -3.58 7.23 8.84
CA GLU A 70 -2.55 8.16 8.37
C GLU A 70 -1.81 7.59 7.16
N GLY A 71 -2.50 6.73 6.41
CA GLY A 71 -1.88 6.13 5.23
C GLY A 71 -1.16 4.83 5.55
N ILE A 72 -0.70 4.71 6.80
CA ILE A 72 0.01 3.51 7.23
C ILE A 72 -0.95 2.39 7.57
N LEU A 73 -0.92 1.32 6.78
CA LEU A 73 -1.79 0.17 6.99
C LEU A 73 -1.35 -0.63 8.21
N HIS A 74 -2.18 -0.65 9.24
CA HIS A 74 -1.88 -1.38 10.46
C HIS A 74 -2.24 -2.85 10.32
N ALA A 75 -1.54 -3.71 11.06
CA ALA A 75 -1.81 -5.14 11.02
C ALA A 75 -2.68 -5.58 12.20
N PRO A 76 -3.40 -6.69 12.01
CA PRO A 76 -4.28 -7.25 13.05
C PRO A 76 -3.50 -7.82 14.22
N ASP A 77 -4.23 -8.43 15.15
CA ASP A 77 -3.61 -9.05 16.32
C ASP A 77 -2.98 -10.39 15.97
N ALA A 78 -3.15 -10.81 14.73
CA ALA A 78 -2.59 -12.08 14.26
C ALA A 78 -1.45 -11.85 13.28
N GLY A 79 -1.46 -10.69 12.63
CA GLY A 79 -0.42 -10.38 11.67
C GLY A 79 -0.94 -10.30 10.25
N TRP A 80 -0.07 -9.96 9.32
CA TRP A 80 -0.45 -9.85 7.91
C TRP A 80 -0.87 -11.21 7.37
N GLY A 81 0.04 -12.18 7.42
CA GLY A 81 -0.26 -13.51 6.92
C GLY A 81 -0.01 -13.64 5.44
N ASN A 82 -0.55 -14.70 4.84
CA ASN A 82 -0.38 -14.93 3.41
C ASN A 82 -1.73 -15.16 2.74
N LEU A 83 -2.75 -14.46 3.22
CA LEU A 83 -4.09 -14.58 2.66
C LEU A 83 -4.31 -13.56 1.55
N VAL A 84 -5.53 -13.51 1.03
CA VAL A 84 -5.87 -12.57 -0.04
C VAL A 84 -6.48 -11.29 0.53
N TYR A 85 -6.44 -10.22 -0.26
CA TYR A 85 -6.99 -8.94 0.17
C TYR A 85 -7.83 -8.32 -0.94
N VAL A 86 -8.87 -7.58 -0.54
CA VAL A 86 -9.75 -6.92 -1.50
C VAL A 86 -9.54 -5.41 -1.50
N VAL A 87 -9.46 -4.83 -2.70
CA VAL A 87 -9.26 -3.39 -2.83
C VAL A 87 -10.57 -2.63 -2.64
N ASN A 88 -10.47 -1.43 -2.08
CA ASN A 88 -11.65 -0.60 -1.82
C ASN A 88 -11.31 0.88 -1.99
N TYR A 89 -11.93 1.51 -2.98
CA TYR A 89 -11.70 2.92 -3.25
C TYR A 89 -12.62 3.43 -4.36
N PRO A 90 -13.93 3.42 -4.08
CA PRO A 90 -14.94 3.88 -5.04
C PRO A 90 -14.90 5.39 -5.27
N LYS A 91 -14.64 6.14 -4.20
CA LYS A 91 -14.56 7.59 -4.28
C LYS A 91 -13.12 8.06 -4.21
N ASP A 92 -12.39 7.90 -5.31
CA ASP A 92 -11.00 8.31 -5.38
C ASP A 92 -10.60 8.63 -6.83
N ASN A 93 -10.08 9.84 -7.03
CA ASN A 93 -9.67 10.28 -8.35
C ASN A 93 -8.57 11.34 -8.26
N LYS A 94 -7.66 11.33 -9.21
CA LYS A 94 -6.57 12.30 -9.24
C LYS A 94 -5.58 12.04 -8.10
N ARG A 95 -5.98 12.42 -6.89
CA ARG A 95 -5.13 12.22 -5.72
C ARG A 95 -3.92 13.14 -5.76
N LYS A 96 -2.96 12.80 -6.61
CA LYS A 96 -1.74 13.61 -6.75
C LYS A 96 -1.06 13.80 -5.40
N MET A 97 -0.15 12.89 -5.07
CA MET A 97 0.57 12.96 -3.80
C MET A 97 2.01 13.39 -4.02
N ASP A 98 2.76 12.58 -4.78
CA ASP A 98 4.15 12.88 -5.07
C ASP A 98 4.98 12.93 -3.79
N GLU A 99 6.28 13.15 -3.94
CA GLU A 99 7.18 13.22 -2.80
C GLU A 99 8.33 14.19 -3.07
N THR A 100 8.00 15.36 -3.59
CA THR A 100 9.01 16.37 -3.90
C THR A 100 10.03 15.83 -4.89
N ASP A 101 9.72 15.94 -6.18
CA ASP A 101 10.62 15.46 -7.22
C ASP A 101 11.58 16.56 -7.65
N ALA A 102 12.83 16.19 -7.87
CA ALA A 102 13.85 17.13 -8.28
C ALA A 102 14.48 16.73 -9.62
N SER A 103 13.65 16.25 -10.53
CA SER A 103 14.12 15.82 -11.84
C SER A 103 12.99 15.86 -12.86
N SER A 104 13.26 15.36 -14.07
CA SER A 104 12.27 15.34 -15.12
C SER A 104 11.10 14.43 -14.77
N ALA A 105 9.93 15.02 -14.58
CA ALA A 105 8.73 14.26 -14.24
C ALA A 105 7.47 15.04 -14.58
N VAL A 106 6.99 14.89 -15.81
CA VAL A 106 5.78 15.58 -16.25
C VAL A 106 5.36 15.10 -17.64
N LYS A 107 4.06 14.86 -17.81
CA LYS A 107 3.52 14.41 -19.08
C LYS A 107 2.97 15.58 -19.89
N VAL A 108 3.86 16.31 -20.55
CA VAL A 108 3.46 17.46 -21.36
C VAL A 108 4.12 17.41 -22.73
N LYS A 109 3.35 17.73 -23.77
CA LYS A 109 3.86 17.72 -25.13
C LYS A 109 3.23 18.86 -25.95
N ARG A 110 4.03 19.88 -26.25
CA ARG A 110 3.55 21.01 -27.02
C ARG A 110 4.69 22.00 -27.29
N ALA A 111 4.37 23.08 -28.00
CA ALA A 111 5.37 24.10 -28.32
C ALA A 111 5.62 25.01 -27.13
N VAL A 112 6.69 24.74 -26.41
CA VAL A 112 7.05 25.54 -25.23
C VAL A 112 7.42 26.96 -25.64
N GLN A 113 7.34 27.88 -24.68
CA GLN A 113 7.67 29.28 -24.94
C GLN A 113 9.11 29.42 -25.44
N LYS A 114 9.31 30.31 -26.41
CA LYS A 114 10.63 30.54 -26.96
C LYS A 114 11.52 31.27 -25.97
N MET A 1 -1.33 -6.56 -12.58
CA MET A 1 -0.56 -6.97 -13.75
C MET A 1 0.82 -7.49 -13.33
N ALA A 2 1.63 -6.61 -12.76
CA ALA A 2 2.97 -6.98 -12.32
C ALA A 2 3.52 -5.95 -11.32
N GLY A 3 3.19 -6.15 -10.05
CA GLY A 3 3.68 -5.24 -9.02
C GLY A 3 4.67 -5.90 -8.09
N SER A 4 5.53 -5.08 -7.48
CA SER A 4 6.55 -5.59 -6.57
C SER A 4 7.35 -4.44 -5.96
N HIS A 5 7.66 -3.44 -6.79
CA HIS A 5 8.43 -2.28 -6.33
C HIS A 5 9.75 -2.72 -5.70
N HIS A 6 10.47 -1.76 -5.14
CA HIS A 6 11.75 -2.04 -4.51
C HIS A 6 11.93 -1.19 -3.25
N HIS A 7 12.26 -1.84 -2.14
CA HIS A 7 12.47 -1.13 -0.88
C HIS A 7 13.89 -1.32 -0.38
N HIS A 8 14.42 -2.53 -0.56
CA HIS A 8 15.78 -2.84 -0.13
C HIS A 8 15.93 -2.61 1.37
N HIS A 9 17.14 -2.85 1.89
CA HIS A 9 17.42 -2.67 3.31
C HIS A 9 16.57 -3.62 4.15
N HIS A 10 17.07 -4.83 4.35
CA HIS A 10 16.35 -5.83 5.14
C HIS A 10 16.89 -5.89 6.57
N GLY A 11 16.25 -6.70 7.40
CA GLY A 11 16.68 -6.82 8.79
C GLY A 11 15.94 -5.87 9.71
N SER A 12 15.01 -6.40 10.49
CA SER A 12 14.23 -5.59 11.43
C SER A 12 13.25 -6.45 12.21
N MET A 13 13.07 -6.12 13.49
CA MET A 13 12.16 -6.87 14.35
C MET A 13 10.71 -6.62 13.95
N SER A 14 10.18 -7.52 13.11
CA SER A 14 8.80 -7.40 12.65
C SER A 14 8.36 -8.66 11.93
N GLU A 15 7.09 -8.71 11.55
CA GLU A 15 6.53 -9.87 10.85
C GLU A 15 6.01 -9.47 9.48
N TYR A 16 5.34 -10.41 8.82
CA TYR A 16 4.80 -10.16 7.49
C TYR A 16 3.32 -10.54 7.43
N ILE A 17 2.72 -10.38 6.25
CA ILE A 17 1.31 -10.71 6.06
C ILE A 17 1.13 -11.76 4.98
N ARG A 18 0.36 -12.81 5.29
CA ARG A 18 0.12 -13.89 4.35
C ARG A 18 -1.37 -14.02 4.06
N VAL A 19 -1.78 -13.58 2.88
CA VAL A 19 -3.19 -13.66 2.49
C VAL A 19 -3.32 -13.84 0.98
N THR A 20 -4.37 -14.54 0.56
CA THR A 20 -4.61 -14.80 -0.85
C THR A 20 -5.94 -14.18 -1.30
N GLU A 21 -5.98 -13.72 -2.55
CA GLU A 21 -7.18 -13.11 -3.09
C GLU A 21 -8.25 -14.17 -3.36
N ASP A 22 -7.85 -15.23 -4.06
CA ASP A 22 -8.78 -16.32 -4.38
C ASP A 22 -8.49 -17.55 -3.53
N GLU A 23 -9.54 -18.28 -3.19
CA GLU A 23 -9.41 -19.49 -2.37
C GLU A 23 -8.55 -20.54 -3.09
N ASN A 24 -8.66 -20.58 -4.41
CA ASN A 24 -7.89 -21.53 -5.21
C ASN A 24 -6.43 -21.12 -5.28
N ASP A 25 -6.17 -19.83 -5.17
CA ASP A 25 -4.81 -19.31 -5.22
C ASP A 25 -4.08 -19.56 -3.91
N GLU A 26 -2.75 -19.58 -3.97
CA GLU A 26 -1.94 -19.81 -2.78
C GLU A 26 -1.80 -18.53 -1.96
N PRO A 27 -1.57 -18.70 -0.65
CA PRO A 27 -1.42 -17.57 0.27
C PRO A 27 -0.11 -16.82 0.05
N ILE A 28 -0.18 -15.71 -0.68
CA ILE A 28 0.99 -14.91 -0.96
C ILE A 28 1.46 -14.16 0.28
N GLU A 29 2.78 -14.04 0.44
CA GLU A 29 3.34 -13.35 1.59
C GLU A 29 4.01 -12.04 1.16
N ILE A 30 3.68 -10.95 1.86
CA ILE A 30 4.24 -9.65 1.56
C ILE A 30 4.84 -9.00 2.80
N PRO A 31 5.83 -8.12 2.59
CA PRO A 31 6.49 -7.41 3.69
C PRO A 31 5.59 -6.38 4.35
N SER A 32 5.50 -6.45 5.68
CA SER A 32 4.67 -5.52 6.43
C SER A 32 5.52 -4.58 7.28
N GLU A 33 4.96 -3.42 7.61
CA GLU A 33 5.68 -2.43 8.41
C GLU A 33 6.12 -3.03 9.74
N ASP A 34 6.91 -2.27 10.49
CA ASP A 34 7.40 -2.73 11.79
C ASP A 34 6.29 -2.72 12.82
N ASP A 35 5.40 -1.74 12.72
CA ASP A 35 4.28 -1.62 13.64
C ASP A 35 3.35 -2.82 13.55
N GLY A 36 3.43 -3.53 12.42
CA GLY A 36 2.60 -4.71 12.22
C GLY A 36 1.66 -4.55 11.04
N THR A 37 1.25 -3.32 10.78
CA THR A 37 0.34 -3.04 9.68
C THR A 37 1.02 -3.25 8.33
N VAL A 38 0.34 -2.87 7.26
CA VAL A 38 0.89 -3.01 5.91
C VAL A 38 0.67 -1.75 5.08
N LEU A 39 1.66 -1.40 4.28
CA LEU A 39 1.58 -0.22 3.43
C LEU A 39 0.70 -0.47 2.22
N LEU A 40 -0.23 0.44 1.97
CA LEU A 40 -1.15 0.32 0.84
C LEU A 40 -0.38 0.04 -0.44
N SER A 41 0.72 0.75 -0.64
CA SER A 41 1.54 0.57 -1.84
C SER A 41 1.87 -0.90 -2.06
N THR A 42 2.05 -1.63 -0.96
CA THR A 42 2.37 -3.05 -1.03
C THR A 42 1.14 -3.87 -1.46
N VAL A 43 0.00 -3.58 -0.84
CA VAL A 43 -1.23 -4.29 -1.15
C VAL A 43 -1.51 -4.28 -2.65
N THR A 44 -1.15 -3.18 -3.31
CA THR A 44 -1.35 -3.03 -4.74
C THR A 44 -0.37 -3.91 -5.53
N ALA A 45 0.79 -4.17 -4.93
CA ALA A 45 1.80 -4.99 -5.57
C ALA A 45 1.20 -6.28 -6.14
N GLN A 46 0.41 -6.96 -5.32
CA GLN A 46 -0.22 -8.21 -5.74
C GLN A 46 -1.71 -8.00 -5.97
N PHE A 47 -2.32 -7.12 -5.18
CA PHE A 47 -3.74 -6.84 -5.29
C PHE A 47 -3.97 -5.42 -5.79
N PRO A 48 -3.76 -5.20 -7.10
CA PRO A 48 -3.94 -3.88 -7.72
C PRO A 48 -5.41 -3.47 -7.79
N GLY A 49 -5.70 -2.26 -7.30
CA GLY A 49 -7.06 -1.78 -7.32
C GLY A 49 -7.81 -2.10 -6.04
N ALA A 50 -7.40 -3.17 -5.38
CA ALA A 50 -8.05 -3.59 -4.14
C ALA A 50 -8.07 -2.44 -3.12
N CYS A 51 -9.26 -1.97 -2.80
CA CYS A 51 -9.42 -0.88 -1.85
C CYS A 51 -9.51 -1.41 -0.42
N GLY A 52 -10.13 -2.57 -0.25
CA GLY A 52 -10.27 -3.17 1.06
C GLY A 52 -10.16 -4.68 1.02
N LEU A 53 -9.63 -5.26 2.09
CA LEU A 53 -9.46 -6.71 2.18
C LEU A 53 -10.33 -7.28 3.30
N ARG A 54 -10.89 -8.46 3.05
CA ARG A 54 -11.74 -9.12 4.04
C ARG A 54 -11.02 -10.29 4.69
N TYR A 55 -11.53 -10.76 5.82
CA TYR A 55 -10.94 -11.88 6.53
C TYR A 55 -11.74 -13.15 6.32
N ARG A 56 -11.05 -14.22 5.92
CA ARG A 56 -11.70 -15.50 5.68
C ARG A 56 -10.97 -16.62 6.41
N ASN A 57 -11.49 -17.00 7.58
CA ASN A 57 -10.88 -18.05 8.39
C ASN A 57 -11.79 -19.28 8.43
N PRO A 58 -11.31 -20.40 7.88
CA PRO A 58 -12.07 -21.66 7.85
C PRO A 58 -12.19 -22.29 9.23
N VAL A 59 -11.15 -22.13 10.05
CA VAL A 59 -11.15 -22.69 11.40
C VAL A 59 -11.81 -21.73 12.38
N SER A 60 -11.69 -20.43 12.10
CA SER A 60 -12.27 -19.41 12.97
C SER A 60 -13.75 -19.19 12.64
N GLN A 61 -14.11 -19.41 11.38
CA GLN A 61 -15.49 -19.24 10.95
C GLN A 61 -16.03 -17.88 11.39
N CYS A 62 -15.16 -16.88 11.39
CA CYS A 62 -15.56 -15.53 11.78
C CYS A 62 -16.09 -14.76 10.58
N MET A 63 -16.27 -13.45 10.77
CA MET A 63 -16.77 -12.59 9.71
C MET A 63 -16.17 -11.19 9.81
N ARG A 64 -14.91 -11.12 10.22
CA ARG A 64 -14.22 -9.85 10.36
C ARG A 64 -13.47 -9.50 9.07
N GLY A 65 -12.72 -8.40 9.11
CA GLY A 65 -11.95 -7.97 7.96
C GLY A 65 -10.74 -7.15 8.33
N VAL A 66 -9.80 -7.03 7.39
CA VAL A 66 -8.58 -6.26 7.62
C VAL A 66 -8.88 -4.77 7.70
N ARG A 67 -8.58 -4.17 8.84
CA ARG A 67 -8.82 -2.74 9.04
C ARG A 67 -7.96 -1.91 8.08
N LEU A 68 -8.54 -0.83 7.56
CA LEU A 68 -7.83 0.03 6.63
C LEU A 68 -7.90 1.49 7.10
N VAL A 69 -6.73 2.08 7.35
CA VAL A 69 -6.66 3.46 7.80
C VAL A 69 -5.55 4.22 7.05
N GLU A 70 -5.95 5.23 6.28
CA GLU A 70 -5.00 6.02 5.52
C GLU A 70 -4.24 5.16 4.52
N GLY A 71 -4.89 4.09 4.06
CA GLY A 71 -4.26 3.20 3.09
C GLY A 71 -3.49 2.08 3.76
N ILE A 72 -3.03 2.33 4.98
CA ILE A 72 -2.27 1.32 5.73
C ILE A 72 -3.20 0.28 6.33
N LEU A 73 -3.10 -0.95 5.83
CA LEU A 73 -3.93 -2.04 6.32
C LEU A 73 -3.48 -2.49 7.71
N HIS A 74 -4.33 -2.27 8.69
CA HIS A 74 -4.02 -2.66 10.07
C HIS A 74 -4.37 -4.12 10.32
N ALA A 75 -3.63 -4.77 11.21
CA ALA A 75 -3.87 -6.16 11.55
C ALA A 75 -4.71 -6.30 12.80
N PRO A 76 -5.41 -7.43 12.94
CA PRO A 76 -6.27 -7.71 14.09
C PRO A 76 -5.47 -7.94 15.37
N ASP A 77 -6.16 -8.33 16.44
CA ASP A 77 -5.52 -8.58 17.72
C ASP A 77 -4.84 -9.95 17.72
N ALA A 78 -4.98 -10.68 16.61
CA ALA A 78 -4.38 -12.00 16.48
C ALA A 78 -3.21 -11.99 15.50
N GLY A 79 -3.26 -11.06 14.55
CA GLY A 79 -2.20 -10.96 13.56
C GLY A 79 -2.70 -11.22 12.15
N TRP A 80 -1.78 -11.23 11.19
CA TRP A 80 -2.12 -11.46 9.79
C TRP A 80 -2.52 -12.91 9.57
N GLY A 81 -1.60 -13.82 9.88
CA GLY A 81 -1.87 -15.24 9.71
C GLY A 81 -1.65 -15.70 8.28
N ASN A 82 -2.15 -16.89 7.96
CA ASN A 82 -2.02 -17.44 6.62
C ASN A 82 -3.36 -17.86 6.06
N LEU A 83 -4.41 -17.13 6.43
CA LEU A 83 -5.76 -17.42 5.96
C LEU A 83 -6.03 -16.75 4.62
N VAL A 84 -7.27 -16.88 4.13
CA VAL A 84 -7.66 -16.28 2.87
C VAL A 84 -8.33 -14.93 3.08
N TYR A 85 -8.26 -14.06 2.08
CA TYR A 85 -8.86 -12.74 2.17
C TYR A 85 -9.73 -12.46 0.94
N VAL A 86 -10.81 -11.71 1.16
CA VAL A 86 -11.73 -11.37 0.08
C VAL A 86 -11.61 -9.89 -0.30
N VAL A 87 -11.24 -9.64 -1.56
CA VAL A 87 -11.09 -8.28 -2.05
C VAL A 87 -12.40 -7.50 -1.92
N ASN A 88 -12.29 -6.18 -1.87
CA ASN A 88 -13.46 -5.31 -1.75
C ASN A 88 -13.27 -4.01 -2.52
N TYR A 89 -14.18 -3.75 -3.46
CA TYR A 89 -14.10 -2.53 -4.26
C TYR A 89 -15.32 -1.65 -4.04
N PRO A 90 -15.44 -1.08 -2.83
CA PRO A 90 -16.55 -0.20 -2.46
C PRO A 90 -16.51 1.13 -3.19
N LYS A 91 -15.35 1.76 -3.19
CA LYS A 91 -15.17 3.05 -3.85
C LYS A 91 -14.08 2.96 -4.92
N ASP A 92 -13.70 4.12 -5.45
CA ASP A 92 -12.67 4.17 -6.49
C ASP A 92 -12.15 5.60 -6.67
N ASN A 93 -10.90 5.83 -6.30
CA ASN A 93 -10.30 7.14 -6.43
C ASN A 93 -9.13 7.13 -7.42
N LYS A 94 -8.54 8.29 -7.66
CA LYS A 94 -7.42 8.41 -8.58
C LYS A 94 -6.63 9.68 -8.31
N ARG A 95 -6.07 9.79 -7.11
CA ARG A 95 -5.28 10.96 -6.73
C ARG A 95 -6.12 12.23 -6.83
N LYS A 96 -6.67 12.66 -5.70
CA LYS A 96 -7.49 13.86 -5.66
C LYS A 96 -6.74 15.00 -4.97
N MET A 97 -6.06 15.82 -5.76
CA MET A 97 -5.30 16.95 -5.22
C MET A 97 -4.69 17.78 -6.34
N ASP A 98 -3.82 18.71 -5.97
CA ASP A 98 -3.16 19.57 -6.96
C ASP A 98 -2.06 20.40 -6.29
N GLU A 99 -1.45 21.27 -7.07
CA GLU A 99 -0.37 22.12 -6.57
C GLU A 99 -0.20 23.37 -7.43
N THR A 100 0.77 24.20 -7.08
CA THR A 100 1.04 25.42 -7.83
C THR A 100 2.31 26.10 -7.33
N ASP A 101 2.96 26.85 -8.22
CA ASP A 101 4.18 27.56 -7.88
C ASP A 101 4.20 28.96 -8.48
N ALA A 102 5.32 29.65 -8.34
CA ALA A 102 5.46 31.01 -8.86
C ALA A 102 6.80 31.19 -9.55
N SER A 103 7.88 31.02 -8.78
CA SER A 103 9.23 31.17 -9.32
C SER A 103 9.46 32.59 -9.80
N SER A 104 10.10 33.40 -8.96
CA SER A 104 10.39 34.79 -9.30
C SER A 104 11.67 34.90 -10.12
N ALA A 105 12.07 36.13 -10.42
CA ALA A 105 13.28 36.38 -11.20
C ALA A 105 14.10 37.50 -10.60
N VAL A 106 15.13 37.93 -11.32
CA VAL A 106 16.00 39.00 -10.86
C VAL A 106 16.24 40.03 -11.96
N LYS A 107 17.07 41.03 -11.66
CA LYS A 107 17.38 42.08 -12.61
C LYS A 107 18.75 41.86 -13.23
N VAL A 108 19.02 42.56 -14.34
CA VAL A 108 20.30 42.43 -15.03
C VAL A 108 20.67 43.75 -15.72
N LYS A 109 21.97 44.05 -15.72
CA LYS A 109 22.46 45.27 -16.34
C LYS A 109 23.94 45.14 -16.70
N ARG A 110 24.32 45.67 -17.86
CA ARG A 110 25.70 45.61 -18.31
C ARG A 110 25.91 46.49 -19.54
N ALA A 111 24.99 46.37 -20.50
CA ALA A 111 25.08 47.15 -21.73
C ALA A 111 26.34 46.82 -22.52
N VAL A 112 26.51 47.48 -23.66
CA VAL A 112 27.69 47.25 -24.50
C VAL A 112 28.61 48.46 -24.50
N GLN A 113 29.81 48.28 -25.03
CA GLN A 113 30.79 49.36 -25.09
C GLN A 113 31.32 49.54 -26.51
N LYS A 114 31.85 50.73 -26.79
CA LYS A 114 32.38 51.03 -28.12
C LYS A 114 31.34 50.78 -29.21
N MET A 1 23.90 6.65 -5.43
CA MET A 1 23.28 5.33 -5.45
C MET A 1 21.82 5.41 -5.85
N ALA A 2 21.33 4.39 -6.53
CA ALA A 2 19.94 4.34 -6.98
C ALA A 2 19.65 5.48 -7.96
N GLY A 3 19.68 5.16 -9.25
CA GLY A 3 19.42 6.17 -10.26
C GLY A 3 18.69 5.60 -11.45
N SER A 4 17.76 6.38 -12.00
CA SER A 4 16.98 5.94 -13.16
C SER A 4 16.27 4.62 -12.87
N HIS A 5 15.60 4.08 -13.89
CA HIS A 5 14.88 2.82 -13.74
C HIS A 5 15.84 1.68 -13.42
N HIS A 6 15.29 0.56 -12.99
CA HIS A 6 16.09 -0.61 -12.64
C HIS A 6 15.25 -1.88 -12.64
N HIS A 7 15.66 -2.86 -13.44
CA HIS A 7 14.93 -4.13 -13.53
C HIS A 7 15.90 -5.31 -13.47
N HIS A 8 15.66 -6.21 -12.54
CA HIS A 8 16.50 -7.39 -12.38
C HIS A 8 15.84 -8.62 -12.99
N HIS A 9 16.58 -9.73 -13.04
CA HIS A 9 16.06 -10.97 -13.59
C HIS A 9 16.64 -12.18 -12.85
N HIS A 10 16.55 -12.15 -11.53
CA HIS A 10 17.07 -13.25 -10.71
C HIS A 10 16.33 -14.55 -11.01
N GLY A 11 15.06 -14.61 -10.60
CA GLY A 11 14.27 -15.80 -10.84
C GLY A 11 14.05 -16.61 -9.58
N SER A 12 13.86 -15.91 -8.46
CA SER A 12 13.65 -16.57 -7.18
C SER A 12 12.15 -16.63 -6.85
N MET A 13 11.85 -17.09 -5.64
CA MET A 13 10.46 -17.20 -5.19
C MET A 13 9.74 -15.87 -5.34
N SER A 14 8.41 -15.91 -5.26
CA SER A 14 7.60 -14.70 -5.39
C SER A 14 6.45 -14.71 -4.39
N GLU A 15 6.32 -13.62 -3.64
CA GLU A 15 5.27 -13.50 -2.64
C GLU A 15 4.21 -12.49 -3.08
N TYR A 16 3.32 -12.14 -2.16
CA TYR A 16 2.25 -11.20 -2.45
C TYR A 16 2.08 -10.19 -1.33
N ILE A 17 1.17 -9.24 -1.51
CA ILE A 17 0.92 -8.22 -0.51
C ILE A 17 -0.50 -8.34 0.05
N ARG A 18 -0.60 -8.45 1.37
CA ARG A 18 -1.90 -8.58 2.03
C ARG A 18 -2.19 -7.36 2.89
N VAL A 19 -3.09 -6.50 2.40
CA VAL A 19 -3.46 -5.29 3.12
C VAL A 19 -4.91 -4.92 2.88
N THR A 20 -5.43 -3.97 3.66
CA THR A 20 -6.80 -3.54 3.53
C THR A 20 -6.94 -2.04 3.83
N GLU A 21 -7.60 -1.32 2.94
CA GLU A 21 -7.80 0.11 3.10
C GLU A 21 -8.67 0.40 4.31
N ASP A 22 -9.64 -0.47 4.58
CA ASP A 22 -10.54 -0.31 5.71
C ASP A 22 -10.03 -1.09 6.92
N GLU A 23 -10.57 -0.76 8.09
CA GLU A 23 -10.17 -1.43 9.33
C GLU A 23 -11.02 -2.66 9.58
N ASN A 24 -12.30 -2.58 9.21
CA ASN A 24 -13.22 -3.70 9.41
C ASN A 24 -13.13 -4.68 8.24
N ASP A 25 -12.75 -4.18 7.07
CA ASP A 25 -12.63 -5.01 5.89
C ASP A 25 -11.39 -5.91 5.98
N GLU A 26 -11.54 -7.16 5.57
CA GLU A 26 -10.44 -8.12 5.61
C GLU A 26 -9.31 -7.69 4.67
N PRO A 27 -8.10 -8.17 4.97
CA PRO A 27 -6.91 -7.85 4.18
C PRO A 27 -6.94 -8.50 2.80
N ILE A 28 -7.05 -7.69 1.76
CA ILE A 28 -7.09 -8.20 0.40
C ILE A 28 -5.72 -8.71 -0.04
N GLU A 29 -5.72 -9.78 -0.83
CA GLU A 29 -4.48 -10.38 -1.31
C GLU A 29 -4.25 -10.02 -2.78
N ILE A 30 -3.19 -9.25 -3.04
CA ILE A 30 -2.86 -8.85 -4.40
C ILE A 30 -1.47 -9.37 -4.80
N PRO A 31 -1.26 -9.51 -6.12
CA PRO A 31 0.02 -9.98 -6.66
C PRO A 31 1.14 -8.97 -6.48
N SER A 32 2.34 -9.46 -6.22
CA SER A 32 3.50 -8.59 -6.02
C SER A 32 4.68 -9.05 -6.88
N GLU A 33 5.62 -8.14 -7.11
CA GLU A 33 6.79 -8.45 -7.92
C GLU A 33 7.64 -9.52 -7.25
N ASP A 34 8.52 -10.14 -8.04
CA ASP A 34 9.39 -11.19 -7.52
C ASP A 34 10.37 -10.63 -6.50
N ASP A 35 10.84 -9.41 -6.73
CA ASP A 35 11.78 -8.76 -5.83
C ASP A 35 11.13 -8.52 -4.46
N GLY A 36 9.81 -8.56 -4.43
CA GLY A 36 9.09 -8.34 -3.17
C GLY A 36 8.19 -7.13 -3.23
N THR A 37 8.56 -6.14 -4.04
CA THR A 37 7.77 -4.93 -4.19
C THR A 37 6.44 -5.21 -4.85
N VAL A 38 5.72 -4.14 -5.20
CA VAL A 38 4.41 -4.28 -5.86
C VAL A 38 4.25 -3.25 -6.96
N LEU A 39 3.87 -3.73 -8.15
CA LEU A 39 3.67 -2.85 -9.29
C LEU A 39 2.52 -1.88 -9.05
N LEU A 40 2.72 -0.62 -9.42
CA LEU A 40 1.69 0.40 -9.24
C LEU A 40 0.35 -0.08 -9.80
N SER A 41 0.40 -0.75 -10.95
CA SER A 41 -0.81 -1.25 -11.58
C SER A 41 -1.63 -2.09 -10.61
N THR A 42 -0.93 -2.82 -9.74
CA THR A 42 -1.59 -3.67 -8.76
C THR A 42 -2.23 -2.84 -7.65
N VAL A 43 -1.54 -1.79 -7.23
CA VAL A 43 -2.04 -0.92 -6.17
C VAL A 43 -3.33 -0.22 -6.61
N THR A 44 -3.42 0.08 -7.89
CA THR A 44 -4.60 0.74 -8.44
C THR A 44 -5.76 -0.24 -8.61
N ALA A 45 -5.42 -1.48 -8.92
CA ALA A 45 -6.43 -2.52 -9.11
C ALA A 45 -7.40 -2.57 -7.92
N GLN A 46 -6.85 -2.57 -6.72
CA GLN A 46 -7.66 -2.62 -5.52
C GLN A 46 -7.79 -1.23 -4.88
N PHE A 47 -6.75 -0.42 -5.05
CA PHE A 47 -6.74 0.93 -4.51
C PHE A 47 -6.51 1.97 -5.61
N PRO A 48 -7.56 2.23 -6.40
CA PRO A 48 -7.51 3.20 -7.49
C PRO A 48 -7.38 4.63 -7.00
N GLY A 49 -6.40 5.36 -7.54
CA GLY A 49 -6.20 6.74 -7.14
C GLY A 49 -5.21 6.88 -5.99
N ALA A 50 -5.12 5.84 -5.17
CA ALA A 50 -4.21 5.84 -4.03
C ALA A 50 -2.80 6.21 -4.46
N CYS A 51 -2.27 7.27 -3.88
CA CYS A 51 -0.92 7.74 -4.20
C CYS A 51 0.11 7.09 -3.29
N GLY A 52 -0.28 6.84 -2.05
CA GLY A 52 0.63 6.22 -1.09
C GLY A 52 -0.10 5.39 -0.06
N LEU A 53 0.56 4.34 0.43
CA LEU A 53 -0.04 3.46 1.42
C LEU A 53 0.74 3.54 2.74
N ARG A 54 0.01 3.50 3.85
CA ARG A 54 0.62 3.56 5.17
C ARG A 54 0.59 2.18 5.85
N TYR A 55 1.37 2.05 6.92
CA TYR A 55 1.44 0.79 7.66
C TYR A 55 0.67 0.90 8.97
N ARG A 56 -0.22 -0.07 9.22
CA ARG A 56 -1.01 -0.10 10.44
C ARG A 56 -0.90 -1.46 11.13
N ASN A 57 -0.04 -1.52 12.14
CA ASN A 57 0.17 -2.76 12.89
C ASN A 57 -0.19 -2.57 14.36
N PRO A 58 -0.86 -3.58 14.95
CA PRO A 58 -1.26 -3.54 16.35
C PRO A 58 -0.08 -3.65 17.31
N VAL A 59 0.96 -4.36 16.88
CA VAL A 59 2.16 -4.53 17.70
C VAL A 59 3.09 -3.33 17.56
N SER A 60 3.08 -2.71 16.39
CA SER A 60 3.92 -1.54 16.13
C SER A 60 3.25 -0.26 16.62
N GLN A 61 1.91 -0.25 16.60
CA GLN A 61 1.15 0.91 17.04
C GLN A 61 1.42 2.10 16.13
N CYS A 62 1.41 1.87 14.83
CA CYS A 62 1.66 2.92 13.86
C CYS A 62 3.07 3.46 13.98
N MET A 63 3.89 3.22 12.96
CA MET A 63 5.27 3.68 12.95
C MET A 63 5.92 3.43 11.60
N ARG A 64 5.59 2.30 10.98
CA ARG A 64 6.13 1.95 9.68
C ARG A 64 5.35 2.61 8.55
N GLY A 65 5.71 2.27 7.32
CA GLY A 65 5.02 2.84 6.18
C GLY A 65 5.53 2.29 4.86
N VAL A 66 4.61 1.82 4.02
CA VAL A 66 4.97 1.25 2.72
C VAL A 66 5.74 2.27 1.88
N ARG A 67 6.91 1.87 1.40
CA ARG A 67 7.74 2.73 0.58
C ARG A 67 7.26 2.74 -0.88
N LEU A 68 7.31 3.91 -1.50
CA LEU A 68 6.87 4.05 -2.89
C LEU A 68 7.97 4.70 -3.73
N VAL A 69 8.44 3.97 -4.75
CA VAL A 69 9.47 4.48 -5.63
C VAL A 69 9.18 4.12 -7.09
N GLU A 70 9.12 5.13 -7.95
CA GLU A 70 8.84 4.92 -9.36
C GLU A 70 7.50 4.23 -9.55
N GLY A 71 6.58 4.45 -8.61
CA GLY A 71 5.27 3.84 -8.70
C GLY A 71 5.21 2.47 -8.04
N ILE A 72 6.35 1.80 -8.00
CA ILE A 72 6.42 0.47 -7.40
C ILE A 72 6.51 0.56 -5.88
N LEU A 73 5.54 -0.04 -5.20
CA LEU A 73 5.51 -0.02 -3.74
C LEU A 73 6.48 -1.05 -3.16
N HIS A 74 7.53 -0.55 -2.53
CA HIS A 74 8.55 -1.42 -1.93
C HIS A 74 8.08 -1.94 -0.57
N ALA A 75 8.55 -3.12 -0.21
CA ALA A 75 8.18 -3.74 1.06
C ALA A 75 9.27 -3.52 2.11
N PRO A 76 8.88 -3.57 3.39
CA PRO A 76 9.81 -3.37 4.51
C PRO A 76 10.78 -4.55 4.66
N ASP A 77 11.57 -4.51 5.72
CA ASP A 77 12.55 -5.57 5.98
C ASP A 77 11.86 -6.79 6.60
N ALA A 78 10.56 -6.68 6.85
CA ALA A 78 9.80 -7.77 7.43
C ALA A 78 8.83 -8.37 6.41
N GLY A 79 8.47 -7.57 5.41
CA GLY A 79 7.55 -8.04 4.39
C GLY A 79 6.21 -7.34 4.44
N TRP A 80 5.33 -7.67 3.51
CA TRP A 80 4.01 -7.06 3.45
C TRP A 80 3.18 -7.43 4.69
N GLY A 81 2.98 -8.73 4.89
CA GLY A 81 2.22 -9.18 6.04
C GLY A 81 0.72 -9.19 5.77
N ASN A 82 -0.06 -9.27 6.83
CA ASN A 82 -1.52 -9.29 6.71
C ASN A 82 -2.16 -8.21 7.59
N LEU A 83 -1.46 -7.08 7.73
CA LEU A 83 -1.96 -5.98 8.55
C LEU A 83 -2.79 -5.01 7.71
N VAL A 84 -3.20 -3.92 8.32
CA VAL A 84 -4.01 -2.91 7.63
C VAL A 84 -3.13 -1.79 7.09
N TYR A 85 -3.67 -1.05 6.11
CA TYR A 85 -2.93 0.05 5.50
C TYR A 85 -3.81 1.29 5.37
N VAL A 86 -3.19 2.46 5.49
CA VAL A 86 -3.92 3.72 5.40
C VAL A 86 -3.53 4.47 4.13
N VAL A 87 -4.50 4.70 3.26
CA VAL A 87 -4.27 5.42 2.01
C VAL A 87 -3.70 6.82 2.27
N ASN A 88 -3.12 7.42 1.24
CA ASN A 88 -2.54 8.75 1.36
C ASN A 88 -2.71 9.53 0.07
N TYR A 89 -3.83 10.24 -0.06
CA TYR A 89 -4.11 11.03 -1.24
C TYR A 89 -5.39 11.84 -1.08
N PRO A 90 -5.48 12.97 -1.79
CA PRO A 90 -6.65 13.86 -1.74
C PRO A 90 -7.88 13.23 -2.39
N LYS A 91 -8.98 13.97 -2.39
CA LYS A 91 -10.22 13.49 -2.98
C LYS A 91 -10.04 13.18 -4.46
N ASP A 92 -10.00 11.89 -4.79
CA ASP A 92 -9.84 11.46 -6.18
C ASP A 92 -10.30 10.02 -6.36
N ASN A 93 -10.48 9.62 -7.61
CA ASN A 93 -10.93 8.26 -7.92
C ASN A 93 -10.72 7.94 -9.39
N LYS A 94 -11.23 8.82 -10.25
CA LYS A 94 -11.11 8.64 -11.70
C LYS A 94 -11.66 7.29 -12.12
N ARG A 95 -12.97 7.22 -12.32
CA ARG A 95 -13.63 5.99 -12.74
C ARG A 95 -13.36 4.87 -11.73
N LYS A 96 -14.18 4.80 -10.69
CA LYS A 96 -14.03 3.78 -9.66
C LYS A 96 -15.07 2.68 -9.84
N MET A 97 -14.63 1.44 -9.68
CA MET A 97 -15.53 0.29 -9.82
C MET A 97 -16.59 0.29 -8.72
N ASP A 98 -17.70 -0.40 -8.97
CA ASP A 98 -18.78 -0.48 -7.99
C ASP A 98 -18.60 -1.68 -7.07
N GLU A 99 -17.53 -1.65 -6.28
CA GLU A 99 -17.24 -2.73 -5.34
C GLU A 99 -16.29 -2.27 -4.25
N THR A 100 -16.86 -1.86 -3.11
CA THR A 100 -16.06 -1.39 -1.99
C THR A 100 -16.77 -1.67 -0.66
N ASP A 101 -18.04 -1.29 -0.59
CA ASP A 101 -18.83 -1.49 0.62
C ASP A 101 -18.15 -0.85 1.83
N ALA A 102 -18.71 -1.10 3.01
CA ALA A 102 -18.16 -0.54 4.24
C ALA A 102 -18.20 0.98 4.22
N SER A 103 -17.82 1.60 5.34
CA SER A 103 -17.82 3.05 5.45
C SER A 103 -17.26 3.48 6.80
N SER A 104 -16.30 4.42 6.76
CA SER A 104 -15.69 4.92 7.98
C SER A 104 -16.61 5.90 8.70
N ALA A 105 -16.30 6.17 9.97
CA ALA A 105 -17.11 7.09 10.76
C ALA A 105 -16.44 8.46 10.86
N VAL A 106 -15.26 8.50 11.45
CA VAL A 106 -14.51 9.75 11.62
C VAL A 106 -13.06 9.47 11.99
N LYS A 107 -12.14 10.05 11.23
CA LYS A 107 -10.72 9.88 11.48
C LYS A 107 -9.89 10.84 10.62
N VAL A 108 -8.80 11.34 11.19
CA VAL A 108 -7.92 12.26 10.48
C VAL A 108 -6.63 12.50 11.25
N LYS A 109 -5.54 12.69 10.51
CA LYS A 109 -4.24 12.93 11.14
C LYS A 109 -3.35 13.73 10.20
N ARG A 110 -2.44 14.51 10.79
CA ARG A 110 -1.52 15.33 10.02
C ARG A 110 -0.30 15.72 10.85
N ALA A 111 0.68 16.35 10.20
CA ALA A 111 1.89 16.77 10.89
C ALA A 111 2.08 18.29 10.79
N VAL A 112 3.25 18.76 11.21
CA VAL A 112 3.54 20.19 11.17
C VAL A 112 4.69 20.49 10.21
N GLN A 113 4.97 21.77 10.01
CA GLN A 113 6.04 22.19 9.11
C GLN A 113 5.80 21.67 7.69
N LYS A 114 6.65 22.10 6.76
CA LYS A 114 6.53 21.68 5.37
C LYS A 114 7.12 20.29 5.17
#